data_6DU0
# 
_entry.id   6DU0 
# 
_audit_conform.dict_name       mmcif_pdbx.dic 
_audit_conform.dict_version    5.379 
_audit_conform.dict_location   http://mmcif.pdb.org/dictionaries/ascii/mmcif_pdbx.dic 
# 
loop_
_database_2.database_id 
_database_2.database_code 
_database_2.pdbx_database_accession 
_database_2.pdbx_DOI 
PDB   6DU0         pdb_00006du0 10.2210/pdb6du0/pdb 
WWPDB D_1000235231 ?            ?                   
# 
loop_
_pdbx_database_related.db_name 
_pdbx_database_related.details 
_pdbx_database_related.db_id 
_pdbx_database_related.content_type 
PDB . 6DI2 unspecified 
PDB . 6DI6 unspecified 
PDB . 6DTV unspecified 
PDB . 6DTZ unspecified 
# 
_pdbx_database_status.status_code                     REL 
_pdbx_database_status.status_code_sf                  REL 
_pdbx_database_status.status_code_mr                  ? 
_pdbx_database_status.entry_id                        6DU0 
_pdbx_database_status.recvd_initial_deposition_date   2018-06-18 
_pdbx_database_status.SG_entry                        N 
_pdbx_database_status.deposit_site                    RCSB 
_pdbx_database_status.process_site                    RCSB 
_pdbx_database_status.status_code_cs                  ? 
_pdbx_database_status.methods_development_category    ? 
_pdbx_database_status.pdb_format_compatible           Y 
_pdbx_database_status.status_code_nmr_data            ? 
# 
loop_
_audit_author.name 
_audit_author.pdbx_ordinal 
_audit_author.identifier_ORCID 
'Salay, L.E.'  1 ? 
'Chazin, W.J.' 2 ? 
# 
_citation.abstract                  ? 
_citation.abstract_id_CAS           ? 
_citation.book_id_ISBN              ? 
_citation.book_publisher            ? 
_citation.book_publisher_city       ? 
_citation.book_title                ? 
_citation.coordinate_linkage        ? 
_citation.country                   US 
_citation.database_id_Medline       ? 
_citation.details                   ? 
_citation.id                        primary 
_citation.journal_abbrev            'Proc. Natl. Acad. Sci. U.S.A.' 
_citation.journal_id_ASTM           PNASA6 
_citation.journal_id_CSD            0040 
_citation.journal_id_ISSN           1091-6490 
_citation.journal_full              ? 
_citation.journal_issue             ? 
_citation.journal_volume            115 
_citation.language                  ? 
_citation.page_first                13186 
_citation.page_last                 13191 
_citation.title                     'Yeast require redox switching in DNA primase.' 
_citation.year                      2018 
_citation.database_id_CSD           ? 
_citation.pdbx_database_id_DOI      10.1073/pnas.1810715115 
_citation.pdbx_database_id_PubMed   30541886 
_citation.unpublished_flag          ? 
# 
loop_
_citation_author.citation_id 
_citation_author.name 
_citation_author.ordinal 
_citation_author.identifier_ORCID 
primary 
;O'Brien, E.
;
1 ? 
primary 'Salay, L.E.'    2 ? 
primary 'Epum, E.A.'     3 ? 
primary 'Friedman, K.L.' 4 ? 
primary 'Chazin, W.J.'   5 ? 
primary 'Barton, J.K.'   6 ? 
# 
_cell.angle_alpha                  90.000 
_cell.angle_alpha_esd              ? 
_cell.angle_beta                   90.000 
_cell.angle_beta_esd               ? 
_cell.angle_gamma                  90.000 
_cell.angle_gamma_esd              ? 
_cell.entry_id                     6DU0 
_cell.details                      ? 
_cell.formula_units_Z              ? 
_cell.length_a                     38.462 
_cell.length_a_esd                 ? 
_cell.length_b                     50.830 
_cell.length_b_esd                 ? 
_cell.length_c                     90.175 
_cell.length_c_esd                 ? 
_cell.volume                       ? 
_cell.volume_esd                   ? 
_cell.Z_PDB                        4 
_cell.reciprocal_angle_alpha       ? 
_cell.reciprocal_angle_beta        ? 
_cell.reciprocal_angle_gamma       ? 
_cell.reciprocal_angle_alpha_esd   ? 
_cell.reciprocal_angle_beta_esd    ? 
_cell.reciprocal_angle_gamma_esd   ? 
_cell.reciprocal_length_a          ? 
_cell.reciprocal_length_b          ? 
_cell.reciprocal_length_c          ? 
_cell.reciprocal_length_a_esd      ? 
_cell.reciprocal_length_b_esd      ? 
_cell.reciprocal_length_c_esd      ? 
_cell.pdbx_unique_axis             ? 
# 
_symmetry.entry_id                         6DU0 
_symmetry.cell_setting                     ? 
_symmetry.Int_Tables_number                19 
_symmetry.space_group_name_Hall            ? 
_symmetry.space_group_name_H-M             'P 21 21 21' 
_symmetry.pdbx_full_space_group_name_H-M   ? 
# 
loop_
_entity.id 
_entity.type 
_entity.src_method 
_entity.pdbx_description 
_entity.formula_weight 
_entity.pdbx_number_of_molecules 
_entity.pdbx_ec 
_entity.pdbx_mutation 
_entity.pdbx_fragment 
_entity.details 
1 polymer     man 'DNA primase large subunit'     23313.291 1  2.7.7.- Y395L ? ? 
2 non-polymer syn GLYCEROL                        92.094    1  ?       ?     ? ? 
3 non-polymer syn 'IRON/SULFUR CLUSTER'           351.640   1  ?       ?     ? ? 
4 non-polymer syn '(4S)-2-METHYL-2,4-PENTANEDIOL' 118.174   2  ?       ?     ? ? 
5 water       nat water                           18.015    13 ?       ?     ? ? 
# 
_entity_name_com.entity_id   1 
_entity_name_com.name        
'DNA polymerase alpha:primase complex p58 subunit,Pol alpha-primase complex p58 subunit,DNA primase 58 kDa subunit' 
# 
_entity_poly.entity_id                      1 
_entity_poly.type                           'polypeptide(L)' 
_entity_poly.nstd_linkage                   no 
_entity_poly.nstd_monomer                   no 
_entity_poly.pdbx_seq_one_letter_code       
;GPGSDDEINAQSVWSEEISSNYPLCIKNLMEGLKKNHHLRYYGRQQLSLFLKGIGLSADEALKFWSEAFTRNGNMTMEKF
NKELRYSFRHNYGLEGNRINYKPWDCHTILSKPRPGRGDYHGCPFRDWSHERLSAELRSMKLTQAQIISVLDSCQKGEYT
IACTKVFEMTHNSASADLEIGEQTHIAHPNLYFERSRQLQK
;
_entity_poly.pdbx_seq_one_letter_code_can   
;GPGSDDEINAQSVWSEEISSNYPLCIKNLMEGLKKNHHLRYYGRQQLSLFLKGIGLSADEALKFWSEAFTRNGNMTMEKF
NKELRYSFRHNYGLEGNRINYKPWDCHTILSKPRPGRGDYHGCPFRDWSHERLSAELRSMKLTQAQIISVLDSCQKGEYT
IACTKVFEMTHNSASADLEIGEQTHIAHPNLYFERSRQLQK
;
_entity_poly.pdbx_strand_id                 A 
_entity_poly.pdbx_target_identifier         ? 
# 
loop_
_entity_poly_seq.entity_id 
_entity_poly_seq.num 
_entity_poly_seq.mon_id 
_entity_poly_seq.hetero 
1 1   GLY n 
1 2   PRO n 
1 3   GLY n 
1 4   SER n 
1 5   ASP n 
1 6   ASP n 
1 7   GLU n 
1 8   ILE n 
1 9   ASN n 
1 10  ALA n 
1 11  GLN n 
1 12  SER n 
1 13  VAL n 
1 14  TRP n 
1 15  SER n 
1 16  GLU n 
1 17  GLU n 
1 18  ILE n 
1 19  SER n 
1 20  SER n 
1 21  ASN n 
1 22  TYR n 
1 23  PRO n 
1 24  LEU n 
1 25  CYS n 
1 26  ILE n 
1 27  LYS n 
1 28  ASN n 
1 29  LEU n 
1 30  MET n 
1 31  GLU n 
1 32  GLY n 
1 33  LEU n 
1 34  LYS n 
1 35  LYS n 
1 36  ASN n 
1 37  HIS n 
1 38  HIS n 
1 39  LEU n 
1 40  ARG n 
1 41  TYR n 
1 42  TYR n 
1 43  GLY n 
1 44  ARG n 
1 45  GLN n 
1 46  GLN n 
1 47  LEU n 
1 48  SER n 
1 49  LEU n 
1 50  PHE n 
1 51  LEU n 
1 52  LYS n 
1 53  GLY n 
1 54  ILE n 
1 55  GLY n 
1 56  LEU n 
1 57  SER n 
1 58  ALA n 
1 59  ASP n 
1 60  GLU n 
1 61  ALA n 
1 62  LEU n 
1 63  LYS n 
1 64  PHE n 
1 65  TRP n 
1 66  SER n 
1 67  GLU n 
1 68  ALA n 
1 69  PHE n 
1 70  THR n 
1 71  ARG n 
1 72  ASN n 
1 73  GLY n 
1 74  ASN n 
1 75  MET n 
1 76  THR n 
1 77  MET n 
1 78  GLU n 
1 79  LYS n 
1 80  PHE n 
1 81  ASN n 
1 82  LYS n 
1 83  GLU n 
1 84  LEU n 
1 85  ARG n 
1 86  TYR n 
1 87  SER n 
1 88  PHE n 
1 89  ARG n 
1 90  HIS n 
1 91  ASN n 
1 92  TYR n 
1 93  GLY n 
1 94  LEU n 
1 95  GLU n 
1 96  GLY n 
1 97  ASN n 
1 98  ARG n 
1 99  ILE n 
1 100 ASN n 
1 101 TYR n 
1 102 LYS n 
1 103 PRO n 
1 104 TRP n 
1 105 ASP n 
1 106 CYS n 
1 107 HIS n 
1 108 THR n 
1 109 ILE n 
1 110 LEU n 
1 111 SER n 
1 112 LYS n 
1 113 PRO n 
1 114 ARG n 
1 115 PRO n 
1 116 GLY n 
1 117 ARG n 
1 118 GLY n 
1 119 ASP n 
1 120 TYR n 
1 121 HIS n 
1 122 GLY n 
1 123 CYS n 
1 124 PRO n 
1 125 PHE n 
1 126 ARG n 
1 127 ASP n 
1 128 TRP n 
1 129 SER n 
1 130 HIS n 
1 131 GLU n 
1 132 ARG n 
1 133 LEU n 
1 134 SER n 
1 135 ALA n 
1 136 GLU n 
1 137 LEU n 
1 138 ARG n 
1 139 SER n 
1 140 MET n 
1 141 LYS n 
1 142 LEU n 
1 143 THR n 
1 144 GLN n 
1 145 ALA n 
1 146 GLN n 
1 147 ILE n 
1 148 ILE n 
1 149 SER n 
1 150 VAL n 
1 151 LEU n 
1 152 ASP n 
1 153 SER n 
1 154 CYS n 
1 155 GLN n 
1 156 LYS n 
1 157 GLY n 
1 158 GLU n 
1 159 TYR n 
1 160 THR n 
1 161 ILE n 
1 162 ALA n 
1 163 CYS n 
1 164 THR n 
1 165 LYS n 
1 166 VAL n 
1 167 PHE n 
1 168 GLU n 
1 169 MET n 
1 170 THR n 
1 171 HIS n 
1 172 ASN n 
1 173 SER n 
1 174 ALA n 
1 175 SER n 
1 176 ALA n 
1 177 ASP n 
1 178 LEU n 
1 179 GLU n 
1 180 ILE n 
1 181 GLY n 
1 182 GLU n 
1 183 GLN n 
1 184 THR n 
1 185 HIS n 
1 186 ILE n 
1 187 ALA n 
1 188 HIS n 
1 189 PRO n 
1 190 ASN n 
1 191 LEU n 
1 192 TYR n 
1 193 PHE n 
1 194 GLU n 
1 195 ARG n 
1 196 SER n 
1 197 ARG n 
1 198 GLN n 
1 199 LEU n 
1 200 GLN n 
1 201 LYS n 
# 
_entity_src_gen.entity_id                          1 
_entity_src_gen.pdbx_src_id                        1 
_entity_src_gen.pdbx_alt_source_flag               sample 
_entity_src_gen.pdbx_seq_type                      'Biological sequence' 
_entity_src_gen.pdbx_beg_seq_num                   1 
_entity_src_gen.pdbx_end_seq_num                   201 
_entity_src_gen.gene_src_common_name               
;Baker's yeast
;
_entity_src_gen.gene_src_genus                     ? 
_entity_src_gen.pdbx_gene_src_gene                 'PRI2, YKL045W, YKL258' 
_entity_src_gen.gene_src_species                   ? 
_entity_src_gen.gene_src_strain                    ? 
_entity_src_gen.gene_src_tissue                    ? 
_entity_src_gen.gene_src_tissue_fraction           ? 
_entity_src_gen.gene_src_details                   ? 
_entity_src_gen.pdbx_gene_src_fragment             ? 
_entity_src_gen.pdbx_gene_src_scientific_name      'Saccharomyces cerevisiae' 
_entity_src_gen.pdbx_gene_src_ncbi_taxonomy_id     4932 
_entity_src_gen.pdbx_gene_src_variant              ? 
_entity_src_gen.pdbx_gene_src_cell_line            ? 
_entity_src_gen.pdbx_gene_src_atcc                 ? 
_entity_src_gen.pdbx_gene_src_organ                ? 
_entity_src_gen.pdbx_gene_src_organelle            ? 
_entity_src_gen.pdbx_gene_src_cell                 ? 
_entity_src_gen.pdbx_gene_src_cellular_location    ? 
_entity_src_gen.host_org_common_name               ? 
_entity_src_gen.pdbx_host_org_scientific_name      'Escherichia coli' 
_entity_src_gen.pdbx_host_org_ncbi_taxonomy_id     562 
_entity_src_gen.host_org_genus                     ? 
_entity_src_gen.pdbx_host_org_gene                 ? 
_entity_src_gen.pdbx_host_org_organ                ? 
_entity_src_gen.host_org_species                   ? 
_entity_src_gen.pdbx_host_org_tissue               ? 
_entity_src_gen.pdbx_host_org_tissue_fraction      ? 
_entity_src_gen.pdbx_host_org_strain               ? 
_entity_src_gen.pdbx_host_org_variant              ? 
_entity_src_gen.pdbx_host_org_cell_line            ? 
_entity_src_gen.pdbx_host_org_atcc                 ? 
_entity_src_gen.pdbx_host_org_culture_collection   ? 
_entity_src_gen.pdbx_host_org_cell                 ? 
_entity_src_gen.pdbx_host_org_organelle            ? 
_entity_src_gen.pdbx_host_org_cellular_location    ? 
_entity_src_gen.pdbx_host_org_vector_type          ? 
_entity_src_gen.pdbx_host_org_vector               ? 
_entity_src_gen.host_org_details                   ? 
_entity_src_gen.expression_system_id               ? 
_entity_src_gen.plasmid_name                       ? 
_entity_src_gen.plasmid_details                    ? 
_entity_src_gen.pdbx_description                   ? 
# 
_struct_ref.id                         1 
_struct_ref.db_name                    UNP 
_struct_ref.db_code                    PRI2_YEAST 
_struct_ref.pdbx_db_accession          P20457 
_struct_ref.pdbx_db_isoform            ? 
_struct_ref.entity_id                  1 
_struct_ref.pdbx_seq_one_letter_code   
;DDEINAQSVWSEEISSNYPLCIKNLMEGLKKNHHLRYYGRQQLSLFLKGIGLSADEALKFWSEAFTRNGNMTMEKFNKEY
RYSFRHNYGLEGNRINYKPWDCHTILSKPRPGRGDYHGCPFRDWSHERLSAELRSMKLTQAQIISVLDSCQKGEYTIACT
KVFEMTHNSASADLEIGEQTHIAHPNLYFERSRQLQK
;
_struct_ref.pdbx_align_begin           316 
# 
_struct_ref_seq.align_id                      1 
_struct_ref_seq.ref_id                        1 
_struct_ref_seq.pdbx_PDB_id_code              6DU0 
_struct_ref_seq.pdbx_strand_id                A 
_struct_ref_seq.seq_align_beg                 5 
_struct_ref_seq.pdbx_seq_align_beg_ins_code   ? 
_struct_ref_seq.seq_align_end                 201 
_struct_ref_seq.pdbx_seq_align_end_ins_code   ? 
_struct_ref_seq.pdbx_db_accession             P20457 
_struct_ref_seq.db_align_beg                  316 
_struct_ref_seq.pdbx_db_align_beg_ins_code    ? 
_struct_ref_seq.db_align_end                  512 
_struct_ref_seq.pdbx_db_align_end_ins_code    ? 
_struct_ref_seq.pdbx_auth_seq_align_beg       316 
_struct_ref_seq.pdbx_auth_seq_align_end       512 
# 
loop_
_struct_ref_seq_dif.align_id 
_struct_ref_seq_dif.pdbx_pdb_id_code 
_struct_ref_seq_dif.mon_id 
_struct_ref_seq_dif.pdbx_pdb_strand_id 
_struct_ref_seq_dif.seq_num 
_struct_ref_seq_dif.pdbx_pdb_ins_code 
_struct_ref_seq_dif.pdbx_seq_db_name 
_struct_ref_seq_dif.pdbx_seq_db_accession_code 
_struct_ref_seq_dif.db_mon_id 
_struct_ref_seq_dif.pdbx_seq_db_seq_num 
_struct_ref_seq_dif.details 
_struct_ref_seq_dif.pdbx_auth_seq_num 
_struct_ref_seq_dif.pdbx_ordinal 
1 6DU0 GLY A 1  ? UNP P20457 ?   ?   'expression tag'      312 1 
1 6DU0 PRO A 2  ? UNP P20457 ?   ?   'expression tag'      313 2 
1 6DU0 GLY A 3  ? UNP P20457 ?   ?   'expression tag'      314 3 
1 6DU0 SER A 4  ? UNP P20457 ?   ?   'expression tag'      315 4 
1 6DU0 LEU A 84 ? UNP P20457 TYR 395 'engineered mutation' 395 5 
# 
loop_
_chem_comp.id 
_chem_comp.type 
_chem_comp.mon_nstd_flag 
_chem_comp.name 
_chem_comp.pdbx_synonyms 
_chem_comp.formula 
_chem_comp.formula_weight 
ALA 'L-peptide linking' y ALANINE                         ?                               'C3 H7 N O2'     89.093  
ARG 'L-peptide linking' y ARGININE                        ?                               'C6 H15 N4 O2 1' 175.209 
ASN 'L-peptide linking' y ASPARAGINE                      ?                               'C4 H8 N2 O3'    132.118 
ASP 'L-peptide linking' y 'ASPARTIC ACID'                 ?                               'C4 H7 N O4'     133.103 
CYS 'L-peptide linking' y CYSTEINE                        ?                               'C3 H7 N O2 S'   121.158 
GLN 'L-peptide linking' y GLUTAMINE                       ?                               'C5 H10 N2 O3'   146.144 
GLU 'L-peptide linking' y 'GLUTAMIC ACID'                 ?                               'C5 H9 N O4'     147.129 
GLY 'peptide linking'   y GLYCINE                         ?                               'C2 H5 N O2'     75.067  
GOL non-polymer         . GLYCEROL                        'GLYCERIN; PROPANE-1,2,3-TRIOL' 'C3 H8 O3'       92.094  
HIS 'L-peptide linking' y HISTIDINE                       ?                               'C6 H10 N3 O2 1' 156.162 
HOH non-polymer         . WATER                           ?                               'H2 O'           18.015  
ILE 'L-peptide linking' y ISOLEUCINE                      ?                               'C6 H13 N O2'    131.173 
LEU 'L-peptide linking' y LEUCINE                         ?                               'C6 H13 N O2'    131.173 
LYS 'L-peptide linking' y LYSINE                          ?                               'C6 H15 N2 O2 1' 147.195 
MET 'L-peptide linking' y METHIONINE                      ?                               'C5 H11 N O2 S'  149.211 
MPD non-polymer         . '(4S)-2-METHYL-2,4-PENTANEDIOL' ?                               'C6 H14 O2'      118.174 
PHE 'L-peptide linking' y PHENYLALANINE                   ?                               'C9 H11 N O2'    165.189 
PRO 'L-peptide linking' y PROLINE                         ?                               'C5 H9 N O2'     115.130 
SER 'L-peptide linking' y SERINE                          ?                               'C3 H7 N O3'     105.093 
SF4 non-polymer         . 'IRON/SULFUR CLUSTER'           ?                               'Fe4 S4'         351.640 
THR 'L-peptide linking' y THREONINE                       ?                               'C4 H9 N O3'     119.119 
TRP 'L-peptide linking' y TRYPTOPHAN                      ?                               'C11 H12 N2 O2'  204.225 
TYR 'L-peptide linking' y TYROSINE                        ?                               'C9 H11 N O3'    181.189 
VAL 'L-peptide linking' y VALINE                          ?                               'C5 H11 N O2'    117.146 
# 
_exptl.absorpt_coefficient_mu     ? 
_exptl.absorpt_correction_T_max   ? 
_exptl.absorpt_correction_T_min   ? 
_exptl.absorpt_correction_type    ? 
_exptl.absorpt_process_details    ? 
_exptl.entry_id                   6DU0 
_exptl.crystals_number            1 
_exptl.details                    ? 
_exptl.method                     'X-RAY DIFFRACTION' 
_exptl.method_details             ? 
# 
_exptl_crystal.colour                      ? 
_exptl_crystal.density_diffrn              ? 
_exptl_crystal.density_Matthews            1.86 
_exptl_crystal.density_method              ? 
_exptl_crystal.density_percent_sol         34.04 
_exptl_crystal.description                 ? 
_exptl_crystal.F_000                       ? 
_exptl_crystal.id                          1 
_exptl_crystal.preparation                 ? 
_exptl_crystal.size_max                    ? 
_exptl_crystal.size_mid                    ? 
_exptl_crystal.size_min                    ? 
_exptl_crystal.size_rad                    ? 
_exptl_crystal.colour_lustre               ? 
_exptl_crystal.colour_modifier             ? 
_exptl_crystal.colour_primary              ? 
_exptl_crystal.density_meas                ? 
_exptl_crystal.density_meas_esd            ? 
_exptl_crystal.density_meas_gt             ? 
_exptl_crystal.density_meas_lt             ? 
_exptl_crystal.density_meas_temp           ? 
_exptl_crystal.density_meas_temp_esd       ? 
_exptl_crystal.density_meas_temp_gt        ? 
_exptl_crystal.density_meas_temp_lt        ? 
_exptl_crystal.pdbx_crystal_image_url      ? 
_exptl_crystal.pdbx_crystal_image_format   ? 
_exptl_crystal.pdbx_mosaicity              ? 
_exptl_crystal.pdbx_mosaicity_esd          ? 
# 
_exptl_crystal_grow.apparatus       ? 
_exptl_crystal_grow.atmosphere      ? 
_exptl_crystal_grow.crystal_id      1 
_exptl_crystal_grow.details         ? 
_exptl_crystal_grow.method          'VAPOR DIFFUSION, HANGING DROP' 
_exptl_crystal_grow.method_ref      ? 
_exptl_crystal_grow.pH              8.5 
_exptl_crystal_grow.pressure        ? 
_exptl_crystal_grow.pressure_esd    ? 
_exptl_crystal_grow.seeding         ? 
_exptl_crystal_grow.seeding_ref     ? 
_exptl_crystal_grow.temp            289 
_exptl_crystal_grow.temp_details    ? 
_exptl_crystal_grow.temp_esd        ? 
_exptl_crystal_grow.time            ? 
_exptl_crystal_grow.pdbx_details    '100 mM TRIS 8.5, 40-60% MPD' 
_exptl_crystal_grow.pdbx_pH_range   7.5-9.0 
# 
_diffrn.ambient_environment    ? 
_diffrn.ambient_temp           100 
_diffrn.ambient_temp_details   ? 
_diffrn.ambient_temp_esd       ? 
_diffrn.crystal_id             1 
_diffrn.crystal_support        ? 
_diffrn.crystal_treatment      ? 
_diffrn.details                ? 
_diffrn.id                     1 
_diffrn.ambient_pressure       ? 
_diffrn.ambient_pressure_esd   ? 
_diffrn.ambient_pressure_gt    ? 
_diffrn.ambient_pressure_lt    ? 
_diffrn.ambient_temp_gt        ? 
_diffrn.ambient_temp_lt        ? 
# 
_diffrn_detector.details                      ? 
_diffrn_detector.detector                     CCD 
_diffrn_detector.diffrn_id                    1 
_diffrn_detector.type                         'RAYONIX MX-300' 
_diffrn_detector.area_resol_mean              ? 
_diffrn_detector.dtime                        ? 
_diffrn_detector.pdbx_frames_total            ? 
_diffrn_detector.pdbx_collection_time_total   ? 
_diffrn_detector.pdbx_collection_date         2017-11-08 
# 
_diffrn_radiation.collimation                      ? 
_diffrn_radiation.diffrn_id                        1 
_diffrn_radiation.filter_edge                      ? 
_diffrn_radiation.inhomogeneity                    ? 
_diffrn_radiation.monochromator                    ? 
_diffrn_radiation.polarisn_norm                    ? 
_diffrn_radiation.polarisn_ratio                   ? 
_diffrn_radiation.probe                            ? 
_diffrn_radiation.type                             ? 
_diffrn_radiation.xray_symbol                      ? 
_diffrn_radiation.wavelength_id                    1 
_diffrn_radiation.pdbx_monochromatic_or_laue_m_l   M 
_diffrn_radiation.pdbx_wavelength_list             ? 
_diffrn_radiation.pdbx_wavelength                  ? 
_diffrn_radiation.pdbx_diffrn_protocol             'SINGLE WAVELENGTH' 
_diffrn_radiation.pdbx_analyzer                    ? 
_diffrn_radiation.pdbx_scattering_type             x-ray 
# 
_diffrn_radiation_wavelength.id           1 
_diffrn_radiation_wavelength.wavelength   0.97856 
_diffrn_radiation_wavelength.wt           1.0 
# 
_diffrn_source.current                     ? 
_diffrn_source.details                     ? 
_diffrn_source.diffrn_id                   1 
_diffrn_source.power                       ? 
_diffrn_source.size                        ? 
_diffrn_source.source                      SYNCHROTRON 
_diffrn_source.target                      ? 
_diffrn_source.type                        'APS BEAMLINE 21-ID-G' 
_diffrn_source.voltage                     ? 
_diffrn_source.take-off_angle              ? 
_diffrn_source.pdbx_wavelength_list        0.97856 
_diffrn_source.pdbx_wavelength             ? 
_diffrn_source.pdbx_synchrotron_beamline   21-ID-G 
_diffrn_source.pdbx_synchrotron_site       APS 
# 
_reflns.B_iso_Wilson_estimate            ? 
_reflns.entry_id                         6DU0 
_reflns.data_reduction_details           ? 
_reflns.data_reduction_method            ? 
_reflns.d_resolution_high                1.830 
_reflns.d_resolution_low                 30.000 
_reflns.details                          ? 
_reflns.limit_h_max                      ? 
_reflns.limit_h_min                      ? 
_reflns.limit_k_max                      ? 
_reflns.limit_k_min                      ? 
_reflns.limit_l_max                      ? 
_reflns.limit_l_min                      ? 
_reflns.number_all                       ? 
_reflns.number_obs                       29372 
_reflns.observed_criterion               ? 
_reflns.observed_criterion_F_max         ? 
_reflns.observed_criterion_F_min         ? 
_reflns.observed_criterion_I_max         ? 
_reflns.observed_criterion_I_min         ? 
_reflns.observed_criterion_sigma_F       ? 
_reflns.observed_criterion_sigma_I       ? 
_reflns.percent_possible_obs             95.600 
_reflns.R_free_details                   ? 
_reflns.Rmerge_F_all                     ? 
_reflns.Rmerge_F_obs                     ? 
_reflns.Friedel_coverage                 ? 
_reflns.number_gt                        ? 
_reflns.threshold_expression             ? 
_reflns.pdbx_redundancy                  3.300 
_reflns.pdbx_Rmerge_I_obs                0.084 
_reflns.pdbx_Rmerge_I_all                ? 
_reflns.pdbx_Rsym_value                  ? 
_reflns.pdbx_netI_over_av_sigmaI         ? 
_reflns.pdbx_netI_over_sigmaI            10.700 
_reflns.pdbx_res_netI_over_av_sigmaI_2   ? 
_reflns.pdbx_res_netI_over_sigmaI_2      ? 
_reflns.pdbx_chi_squared                 1.111 
_reflns.pdbx_scaling_rejects             ? 
_reflns.pdbx_d_res_high_opt              ? 
_reflns.pdbx_d_res_low_opt               ? 
_reflns.pdbx_d_res_opt_method            ? 
_reflns.phase_calculation_details        ? 
_reflns.pdbx_Rrim_I_all                  0.099 
_reflns.pdbx_Rpim_I_all                  0.053 
_reflns.pdbx_d_opt                       ? 
_reflns.pdbx_number_measured_all         97436 
_reflns.pdbx_diffrn_id                   1 
_reflns.pdbx_ordinal                     1 
_reflns.pdbx_CC_half                     ? 
_reflns.pdbx_R_split                     ? 
# 
loop_
_reflns_shell.d_res_high 
_reflns_shell.d_res_low 
_reflns_shell.meanI_over_sigI_all 
_reflns_shell.meanI_over_sigI_obs 
_reflns_shell.number_measured_all 
_reflns_shell.number_measured_obs 
_reflns_shell.number_possible 
_reflns_shell.number_unique_all 
_reflns_shell.number_unique_obs 
_reflns_shell.percent_possible_all 
_reflns_shell.percent_possible_obs 
_reflns_shell.Rmerge_F_all 
_reflns_shell.Rmerge_F_obs 
_reflns_shell.Rmerge_I_all 
_reflns_shell.Rmerge_I_obs 
_reflns_shell.meanI_over_sigI_gt 
_reflns_shell.meanI_over_uI_all 
_reflns_shell.meanI_over_uI_gt 
_reflns_shell.number_measured_gt 
_reflns_shell.number_unique_gt 
_reflns_shell.percent_possible_gt 
_reflns_shell.Rmerge_F_gt 
_reflns_shell.Rmerge_I_gt 
_reflns_shell.pdbx_redundancy 
_reflns_shell.pdbx_Rsym_value 
_reflns_shell.pdbx_chi_squared 
_reflns_shell.pdbx_netI_over_sigmaI_all 
_reflns_shell.pdbx_netI_over_sigmaI_obs 
_reflns_shell.pdbx_Rrim_I_all 
_reflns_shell.pdbx_Rpim_I_all 
_reflns_shell.pdbx_rejects 
_reflns_shell.pdbx_ordinal 
_reflns_shell.pdbx_diffrn_id 
_reflns_shell.pdbx_CC_half 
_reflns_shell.pdbx_R_split 
1.830 1.900  ? ? ? ? ? ? 2624 85.600 ? ? ? ? 0.380 ? ? ? ? ? ? ? ? 2.600 ? 1.082 ? ? 0.462 0.258 ? 1  1 0.876 ? 
1.900 1.970  ? ? ? ? ? ? 2751 90.400 ? ? ? ? 0.407 ? ? ? ? ? ? ? ? 2.800 ? 1.091 ? ? 0.497 0.281 ? 2  1 0.240 ? 
1.970 2.060  ? ? ? ? ? ? 2873 92.500 ? ? ? ? 0.273 ? ? ? ? ? ? ? ? 3.000 ? 1.067 ? ? 0.328 0.180 ? 3  1 0.965 ? 
2.060 2.170  ? ? ? ? ? ? 2933 96.200 ? ? ? ? 0.236 ? ? ? ? ? ? ? ? 3.200 ? 1.127 ? ? 0.281 0.151 ? 4  1 0.969 ? 
2.170 2.310  ? ? ? ? ? ? 3002 98.100 ? ? ? ? 0.304 ? ? ? ? ? ? ? ? 3.500 ? 1.185 ? ? 0.358 0.188 ? 5  1 0.354 ? 
2.310 2.480  ? ? ? ? ? ? 3031 98.500 ? ? ? ? 0.165 ? ? ? ? ? ? ? ? 3.600 ? 1.069 ? ? 0.195 0.102 ? 6  1 0.986 ? 
2.480 2.730  ? ? ? ? ? ? 3037 98.500 ? ? ? ? 0.132 ? ? ? ? ? ? ? ? 3.700 ? 1.115 ? ? 0.154 0.080 ? 7  1 0.990 ? 
2.730 3.130  ? ? ? ? ? ? 3023 98.600 ? ? ? ? 0.094 ? ? ? ? ? ? ? ? 3.700 ? 1.141 ? ? 0.111 0.058 ? 8  1 0.994 ? 
3.130 3.940  ? ? ? ? ? ? 3056 98.900 ? ? ? ? 0.069 ? ? ? ? ? ? ? ? 3.500 ? 1.138 ? ? 0.082 0.043 ? 9  1 0.994 ? 
3.940 30.000 ? ? ? ? ? ? 3042 98.600 ? ? ? ? 0.060 ? ? ? ? ? ? ? ? 3.500 ? 1.070 ? ? 0.071 0.038 ? 10 1 0.992 ? 
# 
_refine.aniso_B[1][1]                            11.2100 
_refine.aniso_B[1][2]                            -0.0000 
_refine.aniso_B[1][3]                            0.0000 
_refine.aniso_B[2][2]                            -5.4600 
_refine.aniso_B[2][3]                            -0.0000 
_refine.aniso_B[3][3]                            -5.7500 
_refine.B_iso_max                                120.250 
_refine.B_iso_mean                               54.1260 
_refine.B_iso_min                                30.330 
_refine.correlation_coeff_Fo_to_Fc               0.9420 
_refine.correlation_coeff_Fo_to_Fc_free          0.9190 
_refine.details                                  
'HYDROGENS HAVE BEEN ADDED IN THE RIDING POSITIONS U VALUES      : REFINED INDIVIDUALLY' 
_refine.diff_density_max                         ? 
_refine.diff_density_max_esd                     ? 
_refine.diff_density_min                         ? 
_refine.diff_density_min_esd                     ? 
_refine.diff_density_rms                         ? 
_refine.diff_density_rms_esd                     ? 
_refine.entry_id                                 6DU0 
_refine.pdbx_refine_id                           'X-RAY DIFFRACTION' 
_refine.ls_abs_structure_details                 ? 
_refine.ls_abs_structure_Flack                   ? 
_refine.ls_abs_structure_Flack_esd               ? 
_refine.ls_abs_structure_Rogers                  ? 
_refine.ls_abs_structure_Rogers_esd              ? 
_refine.ls_d_res_high                            1.8200 
_refine.ls_d_res_low                             29.2800 
_refine.ls_extinction_coef                       ? 
_refine.ls_extinction_coef_esd                   ? 
_refine.ls_extinction_expression                 ? 
_refine.ls_extinction_method                     ? 
_refine.ls_goodness_of_fit_all                   ? 
_refine.ls_goodness_of_fit_all_esd               ? 
_refine.ls_goodness_of_fit_obs                   ? 
_refine.ls_goodness_of_fit_obs_esd               ? 
_refine.ls_hydrogen_treatment                    ? 
_refine.ls_matrix_type                           ? 
_refine.ls_number_constraints                    ? 
_refine.ls_number_parameters                     ? 
_refine.ls_number_reflns_all                     ? 
_refine.ls_number_reflns_obs                     15173 
_refine.ls_number_reflns_R_free                  847 
_refine.ls_number_reflns_R_work                  ? 
_refine.ls_number_restraints                     ? 
_refine.ls_percent_reflns_obs                    97.0000 
_refine.ls_percent_reflns_R_free                 5.3000 
_refine.ls_R_factor_all                          ? 
_refine.ls_R_factor_obs                          0.2760 
_refine.ls_R_factor_R_free                       0.3241 
_refine.ls_R_factor_R_free_error                 ? 
_refine.ls_R_factor_R_free_error_details         ? 
_refine.ls_R_factor_R_work                       0.2734 
_refine.ls_R_Fsqd_factor_obs                     ? 
_refine.ls_R_I_factor_obs                        ? 
_refine.ls_redundancy_reflns_all                 ? 
_refine.ls_redundancy_reflns_obs                 ? 
_refine.ls_restrained_S_all                      ? 
_refine.ls_restrained_S_obs                      ? 
_refine.ls_shift_over_esd_max                    ? 
_refine.ls_shift_over_esd_mean                   ? 
_refine.ls_structure_factor_coef                 ? 
_refine.ls_weighting_details                     ? 
_refine.ls_weighting_scheme                      ? 
_refine.ls_wR_factor_all                         ? 
_refine.ls_wR_factor_obs                         ? 
_refine.ls_wR_factor_R_free                      0.3544 
_refine.ls_wR_factor_R_work                      0.3215 
_refine.occupancy_max                            ? 
_refine.occupancy_min                            ? 
_refine.solvent_model_details                    MASK 
_refine.solvent_model_param_bsol                 ? 
_refine.solvent_model_param_ksol                 ? 
_refine.ls_R_factor_gt                           ? 
_refine.ls_goodness_of_fit_gt                    ? 
_refine.ls_goodness_of_fit_ref                   ? 
_refine.ls_shift_over_su_max                     ? 
_refine.ls_shift_over_su_max_lt                  ? 
_refine.ls_shift_over_su_mean                    ? 
_refine.ls_shift_over_su_mean_lt                 ? 
_refine.pdbx_ls_sigma_I                          ? 
_refine.pdbx_ls_sigma_F                          0.000 
_refine.pdbx_ls_sigma_Fsqd                       ? 
_refine.pdbx_data_cutoff_high_absF               ? 
_refine.pdbx_data_cutoff_high_rms_absF           ? 
_refine.pdbx_data_cutoff_low_absF                ? 
_refine.pdbx_isotropic_thermal_model             ? 
_refine.pdbx_ls_cross_valid_method               THROUGHOUT 
_refine.pdbx_method_to_determine_struct          'MOLECULAR REPLACEMENT' 
_refine.pdbx_starting_model                      6DTZ 
_refine.pdbx_stereochemistry_target_values       'MAXIMUM LIKELIHOOD' 
_refine.pdbx_R_Free_selection_details            RANDOM 
_refine.pdbx_stereochem_target_val_spec_case     ? 
_refine.pdbx_overall_ESU_R                       0.2040 
_refine.pdbx_overall_ESU_R_Free                  0.1890 
_refine.pdbx_solvent_vdw_probe_radii             1.2000 
_refine.pdbx_solvent_ion_probe_radii             0.8000 
_refine.pdbx_solvent_shrinkage_radii             0.8000 
_refine.pdbx_real_space_R                        ? 
_refine.pdbx_density_correlation                 ? 
_refine.pdbx_pd_number_of_powder_patterns        ? 
_refine.pdbx_pd_number_of_points                 ? 
_refine.pdbx_pd_meas_number_of_points            ? 
_refine.pdbx_pd_proc_ls_prof_R_factor            ? 
_refine.pdbx_pd_proc_ls_prof_wR_factor           ? 
_refine.pdbx_pd_Marquardt_correlation_coeff      ? 
_refine.pdbx_pd_Fsqrd_R_factor                   ? 
_refine.pdbx_pd_ls_matrix_band_width             ? 
_refine.pdbx_overall_phase_error                 ? 
_refine.pdbx_overall_SU_R_free_Cruickshank_DPI   ? 
_refine.pdbx_overall_SU_R_free_Blow_DPI          ? 
_refine.pdbx_overall_SU_R_Blow_DPI               ? 
_refine.pdbx_TLS_residual_ADP_flag               ? 
_refine.pdbx_diffrn_id                           1 
_refine.overall_SU_B                             13.3480 
_refine.overall_SU_ML                            0.3200 
_refine.overall_SU_R_Cruickshank_DPI             0.2038 
_refine.overall_SU_R_free                        0.1889 
_refine.overall_FOM_free_R_set                   ? 
_refine.overall_FOM_work_R_set                   0.4973 
_refine.pdbx_average_fsc_overall                 ? 
_refine.pdbx_average_fsc_work                    ? 
_refine.pdbx_average_fsc_free                    ? 
# 
_refine_hist.cycle_id                         final 
_refine_hist.pdbx_refine_id                   'X-RAY DIFFRACTION' 
_refine_hist.d_res_high                       1.8200 
_refine_hist.d_res_low                        29.2800 
_refine_hist.pdbx_number_atoms_ligand         30 
_refine_hist.number_atoms_solvent             13 
_refine_hist.number_atoms_total               1474 
_refine_hist.pdbx_number_residues_total       180 
_refine_hist.pdbx_B_iso_mean_ligand           65.87 
_refine_hist.pdbx_B_iso_mean_solvent          49.68 
_refine_hist.pdbx_number_atoms_protein        1431 
_refine_hist.pdbx_number_atoms_nucleic_acid   0 
# 
loop_
_refine_ls_restr.pdbx_refine_id 
_refine_ls_restr.criterion 
_refine_ls_restr.dev_ideal 
_refine_ls_restr.dev_ideal_target 
_refine_ls_restr.number 
_refine_ls_restr.rejects 
_refine_ls_restr.type 
_refine_ls_restr.weight 
_refine_ls_restr.pdbx_restraint_function 
'X-RAY DIFFRACTION' ? 0.010  0.014  1502 ? r_bond_refined_d       ? ? 
'X-RAY DIFFRACTION' ? 0.001  0.017  1300 ? r_bond_other_d         ? ? 
'X-RAY DIFFRACTION' ? 1.156  1.684  2028 ? r_angle_refined_deg    ? ? 
'X-RAY DIFFRACTION' ? 1.313  1.674  3024 ? r_angle_other_deg      ? ? 
'X-RAY DIFFRACTION' ? 6.343  5.000  177  ? r_dihedral_angle_1_deg ? ? 
'X-RAY DIFFRACTION' ? 35.696 20.759 79   ? r_dihedral_angle_2_deg ? ? 
'X-RAY DIFFRACTION' ? 16.152 15.000 244  ? r_dihedral_angle_3_deg ? ? 
'X-RAY DIFFRACTION' ? 20.491 15.000 11   ? r_dihedral_angle_4_deg ? ? 
'X-RAY DIFFRACTION' ? 0.064  0.200  196  ? r_chiral_restr         ? ? 
'X-RAY DIFFRACTION' ? 0.005  0.020  1650 ? r_gen_planes_refined   ? ? 
'X-RAY DIFFRACTION' ? 0.001  0.020  298  ? r_gen_planes_other     ? ? 
# 
_refine_ls_shell.pdbx_refine_id                   'X-RAY DIFFRACTION' 
_refine_ls_shell.d_res_high                       1.8180 
_refine_ls_shell.d_res_low                        1.8650 
_refine_ls_shell.number_reflns_all                1072 
_refine_ls_shell.number_reflns_obs                ? 
_refine_ls_shell.number_reflns_R_free             62 
_refine_ls_shell.number_reflns_R_work             1010 
_refine_ls_shell.percent_reflns_obs               91.7000 
_refine_ls_shell.percent_reflns_R_free            ? 
_refine_ls_shell.R_factor_all                     ? 
_refine_ls_shell.R_factor_obs                     ? 
_refine_ls_shell.R_factor_R_free                  0.4710 
_refine_ls_shell.R_factor_R_free_error            0.0000 
_refine_ls_shell.R_factor_R_work                  0.5110 
_refine_ls_shell.redundancy_reflns_all            ? 
_refine_ls_shell.redundancy_reflns_obs            ? 
_refine_ls_shell.wR_factor_all                    ? 
_refine_ls_shell.wR_factor_obs                    ? 
_refine_ls_shell.wR_factor_R_free                 ? 
_refine_ls_shell.wR_factor_R_work                 ? 
_refine_ls_shell.pdbx_total_number_of_bins_used   20 
_refine_ls_shell.pdbx_phase_error                 ? 
_refine_ls_shell.pdbx_fsc_work                    ? 
_refine_ls_shell.pdbx_fsc_free                    ? 
# 
_struct.entry_id                     6DU0 
_struct.title                        
'Crystal structure of eukaryotic DNA primase large subunit iron-sulfur cluster domain Y395L mutant' 
_struct.pdbx_model_details           ? 
_struct.pdbx_formula_weight          ? 
_struct.pdbx_formula_weight_method   ? 
_struct.pdbx_model_type_details      ? 
_struct.pdbx_CASP_flag               N 
# 
_struct_keywords.entry_id        6DU0 
_struct_keywords.text            'DNA primase, p58, iron-sulfur cluster, replication, regulatory subunit' 
_struct_keywords.pdbx_keywords   REPLICATION 
# 
loop_
_struct_asym.id 
_struct_asym.pdbx_blank_PDB_chainid_flag 
_struct_asym.pdbx_modified 
_struct_asym.entity_id 
_struct_asym.details 
A N N 1 ? 
B N N 2 ? 
C N N 3 ? 
D N N 4 ? 
E N N 4 ? 
F N N 5 ? 
# 
loop_
_struct_conf.conf_type_id 
_struct_conf.id 
_struct_conf.pdbx_PDB_helix_id 
_struct_conf.beg_label_comp_id 
_struct_conf.beg_label_asym_id 
_struct_conf.beg_label_seq_id 
_struct_conf.pdbx_beg_PDB_ins_code 
_struct_conf.end_label_comp_id 
_struct_conf.end_label_asym_id 
_struct_conf.end_label_seq_id 
_struct_conf.pdbx_end_PDB_ins_code 
_struct_conf.beg_auth_comp_id 
_struct_conf.beg_auth_asym_id 
_struct_conf.beg_auth_seq_id 
_struct_conf.end_auth_comp_id 
_struct_conf.end_auth_asym_id 
_struct_conf.end_auth_seq_id 
_struct_conf.pdbx_PDB_helix_class 
_struct_conf.details 
_struct_conf.pdbx_PDB_helix_length 
HELX_P HELX_P1  AA1 GLN A 11  ? TRP A 14  ? GLN A 322 TRP A 325 5 ? 4  
HELX_P HELX_P2  AA2 SER A 15  ? SER A 20  ? SER A 326 SER A 331 1 ? 6  
HELX_P HELX_P3  AA3 PRO A 23  ? HIS A 37  ? PRO A 334 HIS A 348 1 ? 15 
HELX_P HELX_P4  AA4 ARG A 40  ? ILE A 54  ? ARG A 351 ILE A 365 1 ? 15 
HELX_P HELX_P5  AA5 SER A 57  ? ARG A 71  ? SER A 368 ARG A 382 1 ? 15 
HELX_P HELX_P6  AA6 ASN A 72  ? ASN A 74  ? ASN A 383 ASN A 385 5 ? 3  
HELX_P HELX_P7  AA7 THR A 76  ? LEU A 84  ? THR A 387 LEU A 395 1 ? 9  
HELX_P HELX_P8  AA8 LEU A 84  ? TYR A 92  ? LEU A 395 TYR A 403 1 ? 9  
HELX_P HELX_P9  AA9 ASP A 105 ? LYS A 112 ? ASP A 416 LYS A 423 1 ? 8  
HELX_P HELX_P10 AB1 CYS A 123 ? TRP A 128 ? CYS A 434 TRP A 439 1 ? 6  
HELX_P HELX_P11 AB2 SER A 129 ? SER A 139 ? SER A 440 SER A 450 1 ? 11 
HELX_P HELX_P12 AB3 THR A 143 ? LYS A 156 ? THR A 454 LYS A 467 1 ? 14 
HELX_P HELX_P13 AB4 GLU A 158 ? THR A 170 ? GLU A 469 THR A 481 1 ? 13 
HELX_P HELX_P14 AB5 HIS A 188 ? LYS A 201 ? HIS A 499 LYS A 512 1 ? 14 
# 
_struct_conf_type.id          HELX_P 
_struct_conf_type.criteria    ? 
_struct_conf_type.reference   ? 
# 
loop_
_struct_conn.id 
_struct_conn.conn_type_id 
_struct_conn.pdbx_leaving_atom_flag 
_struct_conn.pdbx_PDB_id 
_struct_conn.ptnr1_label_asym_id 
_struct_conn.ptnr1_label_comp_id 
_struct_conn.ptnr1_label_seq_id 
_struct_conn.ptnr1_label_atom_id 
_struct_conn.pdbx_ptnr1_label_alt_id 
_struct_conn.pdbx_ptnr1_PDB_ins_code 
_struct_conn.pdbx_ptnr1_standard_comp_id 
_struct_conn.ptnr1_symmetry 
_struct_conn.ptnr2_label_asym_id 
_struct_conn.ptnr2_label_comp_id 
_struct_conn.ptnr2_label_seq_id 
_struct_conn.ptnr2_label_atom_id 
_struct_conn.pdbx_ptnr2_label_alt_id 
_struct_conn.pdbx_ptnr2_PDB_ins_code 
_struct_conn.ptnr1_auth_asym_id 
_struct_conn.ptnr1_auth_comp_id 
_struct_conn.ptnr1_auth_seq_id 
_struct_conn.ptnr2_auth_asym_id 
_struct_conn.ptnr2_auth_comp_id 
_struct_conn.ptnr2_auth_seq_id 
_struct_conn.ptnr2_symmetry 
_struct_conn.pdbx_ptnr3_label_atom_id 
_struct_conn.pdbx_ptnr3_label_seq_id 
_struct_conn.pdbx_ptnr3_label_comp_id 
_struct_conn.pdbx_ptnr3_label_asym_id 
_struct_conn.pdbx_ptnr3_label_alt_id 
_struct_conn.pdbx_ptnr3_PDB_ins_code 
_struct_conn.details 
_struct_conn.pdbx_dist_value 
_struct_conn.pdbx_value_order 
_struct_conn.pdbx_role 
metalc1 metalc ? ? A CYS 25  SG ? ? ? 1_555 C SF4 . FE3 ? ? A CYS 336 A SF4 602 1_555 ? ? ? ? ? ? ? 2.282 ? ? 
metalc2 metalc ? ? A CYS 106 SG ? ? ? 1_555 C SF4 . FE4 ? ? A CYS 417 A SF4 602 1_555 ? ? ? ? ? ? ? 2.357 ? ? 
metalc3 metalc ? ? A CYS 123 SG ? ? ? 1_555 C SF4 . FE2 ? ? A CYS 434 A SF4 602 1_555 ? ? ? ? ? ? ? 2.282 ? ? 
metalc4 metalc ? ? A CYS 163 SG ? ? ? 1_555 C SF4 . FE1 ? ? A CYS 474 A SF4 602 1_555 ? ? ? ? ? ? ? 2.244 ? ? 
# 
_struct_conn_type.id          metalc 
_struct_conn_type.criteria    ? 
_struct_conn_type.reference   ? 
# 
loop_
_struct_site.id 
_struct_site.pdbx_evidence_code 
_struct_site.pdbx_auth_asym_id 
_struct_site.pdbx_auth_comp_id 
_struct_site.pdbx_auth_seq_id 
_struct_site.pdbx_auth_ins_code 
_struct_site.pdbx_num_residues 
_struct_site.details 
AC1 Software A GOL 601 ? 1 'binding site for residue GOL A 601' 
AC2 Software A SF4 602 ? 6 'binding site for residue SF4 A 602' 
AC3 Software A MPD 603 ? 9 'binding site for residue MPD A 603' 
# 
loop_
_struct_site_gen.id 
_struct_site_gen.site_id 
_struct_site_gen.pdbx_num_res 
_struct_site_gen.label_comp_id 
_struct_site_gen.label_asym_id 
_struct_site_gen.label_seq_id 
_struct_site_gen.pdbx_auth_ins_code 
_struct_site_gen.auth_comp_id 
_struct_site_gen.auth_asym_id 
_struct_site_gen.auth_seq_id 
_struct_site_gen.label_atom_id 
_struct_site_gen.label_alt_id 
_struct_site_gen.symmetry 
_struct_site_gen.details 
1  AC1 1 ILE A 186 ? ILE A 497 . ? 1_555 ? 
2  AC2 6 CYS A 25  ? CYS A 336 . ? 1_555 ? 
3  AC2 6 CYS A 106 ? CYS A 417 . ? 1_555 ? 
4  AC2 6 CYS A 123 ? CYS A 434 . ? 1_555 ? 
5  AC2 6 PHE A 125 ? PHE A 436 . ? 1_555 ? 
6  AC2 6 CYS A 163 ? CYS A 474 . ? 1_555 ? 
7  AC2 6 MPD D .   ? MPD A 603 . ? 1_555 ? 
8  AC3 9 CYS A 106 ? CYS A 417 . ? 1_555 ? 
9  AC3 9 THR A 160 ? THR A 471 . ? 1_555 ? 
10 AC3 9 THR A 164 ? THR A 475 . ? 1_555 ? 
11 AC3 9 PHE A 167 ? PHE A 478 . ? 1_555 ? 
12 AC3 9 ILE A 186 ? ILE A 497 . ? 1_555 ? 
13 AC3 9 ALA A 187 ? ALA A 498 . ? 1_555 ? 
14 AC3 9 HIS A 188 ? HIS A 499 . ? 1_555 ? 
15 AC3 9 ARG A 195 ? ARG A 506 . ? 1_555 ? 
16 AC3 9 SF4 C .   ? SF4 A 602 . ? 1_555 ? 
# 
_atom_sites.entry_id                    6DU0 
_atom_sites.fract_transf_matrix[1][1]   -0.01707191 
_atom_sites.fract_transf_matrix[1][2]   0.01796498 
_atom_sites.fract_transf_matrix[1][3]   0.00786189 
_atom_sites.fract_transf_matrix[2][1]   0.00539996 
_atom_sites.fract_transf_matrix[2][2]   0.01165304 
_atom_sites.fract_transf_matrix[2][3]   -0.01490215 
_atom_sites.fract_transf_matrix[3][1]   -0.00779082 
_atom_sites.fract_transf_matrix[3][2]   -0.00459547 
_atom_sites.fract_transf_matrix[3][3]   -0.00641661 
_atom_sites.fract_transf_vector[1]      0.099851 
_atom_sites.fract_transf_vector[2]      0.482668 
_atom_sites.fract_transf_vector[3]      0.156118 
# 
loop_
_atom_type.symbol 
C  
FE 
N  
O  
S  
# 
loop_
_atom_site.group_PDB 
_atom_site.id 
_atom_site.type_symbol 
_atom_site.label_atom_id 
_atom_site.label_alt_id 
_atom_site.label_comp_id 
_atom_site.label_asym_id 
_atom_site.label_entity_id 
_atom_site.label_seq_id 
_atom_site.pdbx_PDB_ins_code 
_atom_site.Cartn_x 
_atom_site.Cartn_y 
_atom_site.Cartn_z 
_atom_site.occupancy 
_atom_site.B_iso_or_equiv 
_atom_site.pdbx_formal_charge 
_atom_site.auth_seq_id 
_atom_site.auth_comp_id 
_atom_site.auth_asym_id 
_atom_site.auth_atom_id 
_atom_site.pdbx_PDB_model_num 
ATOM   1    N  N   . ASP A 1 6   ? -13.959 11.278  -10.022 1.00 98.41  ? 317 ASP A N   1 
ATOM   2    C  CA  . ASP A 1 6   ? -13.289 9.946   -10.118 1.00 98.00  ? 317 ASP A CA  1 
ATOM   3    C  C   . ASP A 1 6   ? -11.881 10.123  -10.710 1.00 97.82  ? 317 ASP A C   1 
ATOM   4    O  O   . ASP A 1 6   ? -11.554 9.522   -11.739 1.00 104.94 ? 317 ASP A O   1 
ATOM   5    C  CB  . ASP A 1 6   ? -14.141 8.963   -10.931 1.00 89.02  ? 317 ASP A CB  1 
ATOM   6    N  N   . GLU A 1 7   ? -11.055 10.943  -10.040 1.00 91.66  ? 318 GLU A N   1 
ATOM   7    C  CA  . GLU A 1 7   ? -9.626  11.130  -10.375 1.00 76.94  ? 318 GLU A CA  1 
ATOM   8    C  C   . GLU A 1 7   ? -8.824  9.874   -9.994  1.00 71.26  ? 318 GLU A C   1 
ATOM   9    O  O   . GLU A 1 7   ? -7.633  9.793   -10.289 1.00 59.42  ? 318 GLU A O   1 
ATOM   10   C  CB  . GLU A 1 7   ? -9.045  12.346  -9.647  1.00 71.49  ? 318 GLU A CB  1 
ATOM   11   N  N   . ILE A 1 8   ? -9.478  8.931   -9.300  1.00 65.64  ? 319 ILE A N   1 
ATOM   12   C  CA  . ILE A 1 8   ? -8.912  7.656   -8.904  1.00 59.96  ? 319 ILE A CA  1 
ATOM   13   C  C   . ILE A 1 8   ? -9.536  6.571   -9.783  1.00 55.54  ? 319 ILE A C   1 
ATOM   14   O  O   . ILE A 1 8   ? -10.758 6.466   -9.836  1.00 60.80  ? 319 ILE A O   1 
ATOM   15   C  CB  . ILE A 1 8   ? -9.168  7.397   -7.404  1.00 66.06  ? 319 ILE A CB  1 
ATOM   16   C  CG1 . ILE A 1 8   ? -8.338  8.326   -6.511  1.00 68.06  ? 319 ILE A CG1 1 
ATOM   17   C  CG2 . ILE A 1 8   ? -8.937  5.935   -7.055  1.00 70.24  ? 319 ILE A CG2 1 
ATOM   18   C  CD1 . ILE A 1 8   ? -9.021  9.633   -6.184  1.00 71.15  ? 319 ILE A CD1 1 
ATOM   19   N  N   . ASN A 1 9   ? -8.691  5.775   -10.451 1.00 40.49  ? 320 ASN A N   1 
ATOM   20   C  CA  . ASN A 1 9   ? -9.151  4.688   -11.311 1.00 40.32  ? 320 ASN A CA  1 
ATOM   21   C  C   . ASN A 1 9   ? -7.975  3.738   -11.613 1.00 41.62  ? 320 ASN A C   1 
ATOM   22   O  O   . ASN A 1 9   ? -6.830  3.984   -11.202 1.00 36.91  ? 320 ASN A O   1 
ATOM   23   C  CB  . ASN A 1 9   ? -9.781  5.218   -12.600 1.00 42.90  ? 320 ASN A CB  1 
ATOM   24   C  CG  . ASN A 1 9   ? -8.841  6.070   -13.431 1.00 45.69  ? 320 ASN A CG  1 
ATOM   25   O  OD1 . ASN A 1 9   ? -7.803  5.600   -13.925 1.00 45.58  ? 320 ASN A OD1 1 
ATOM   26   N  ND2 . ASN A 1 9   ? -9.196  7.335   -13.583 1.00 40.27  ? 320 ASN A ND2 1 
ATOM   27   N  N   . ALA A 1 10  ? -8.271  2.664   -12.352 1.00 40.55  ? 321 ALA A N   1 
ATOM   28   C  CA  . ALA A 1 10  ? -7.356  1.533   -12.516 1.00 45.53  ? 321 ALA A CA  1 
ATOM   29   C  C   . ALA A 1 10  ? -5.997  2.031   -12.998 1.00 43.60  ? 321 ALA A C   1 
ATOM   30   O  O   . ALA A 1 10  ? -4.981  1.519   -12.582 1.00 42.74  ? 321 ALA A O   1 
ATOM   31   C  CB  . ALA A 1 10  ? -7.936  0.518   -13.467 1.00 47.64  ? 321 ALA A CB  1 
ATOM   32   N  N   . GLN A 1 11  ? -6.024  3.066   -13.846 1.00 46.44  ? 322 GLN A N   1 
ATOM   33   C  CA  . GLN A 1 11  ? -4.854  3.616   -14.515 1.00 44.43  ? 322 GLN A CA  1 
ATOM   34   C  C   . GLN A 1 11  ? -4.141  4.639   -13.614 1.00 44.56  ? 322 GLN A C   1 
ATOM   35   O  O   . GLN A 1 11  ? -2.919  4.531   -13.407 1.00 41.83  ? 322 GLN A O   1 
ATOM   36   C  CB  . GLN A 1 11  ? -5.308  4.192   -15.857 1.00 47.28  ? 322 GLN A CB  1 
ATOM   37   C  CG  . GLN A 1 11  ? -5.705  3.112   -16.864 1.00 49.84  ? 322 GLN A CG  1 
ATOM   38   C  CD  . GLN A 1 11  ? -6.043  3.674   -18.223 1.00 51.50  ? 322 GLN A CD  1 
ATOM   39   O  OE1 . GLN A 1 11  ? -5.188  3.773   -19.106 1.00 48.54  ? 322 GLN A OE1 1 
ATOM   40   N  NE2 . GLN A 1 11  ? -7.295  4.082   -18.388 1.00 51.03  ? 322 GLN A NE2 1 
ATOM   41   N  N   . SER A 1 12  ? -4.901  5.586   -13.035 1.00 39.22  ? 323 SER A N   1 
ATOM   42   C  CA  . SER A 1 12  ? -4.352  6.722   -12.327 1.00 37.24  ? 323 SER A CA  1 
ATOM   43   C  C   . SER A 1 12  ? -3.660  6.290   -11.029 1.00 39.03  ? 323 SER A C   1 
ATOM   44   O  O   . SER A 1 12  ? -2.744  6.965   -10.553 1.00 41.77  ? 323 SER A O   1 
ATOM   45   C  CB  . SER A 1 12  ? -5.422  7.773   -12.060 1.00 42.31  ? 323 SER A CB  1 
ATOM   46   O  OG  . SER A 1 12  ? -6.182  7.443   -10.916 1.00 40.84  ? 323 SER A OG  1 
ATOM   47   N  N   . VAL A 1 13  ? -4.066  5.157   -10.463 1.00 43.36  ? 324 VAL A N   1 
ATOM   48   C  CA  . VAL A 1 13  ? -3.457  4.671   -9.234  1.00 43.19  ? 324 VAL A CA  1 
ATOM   49   C  C   . VAL A 1 13  ? -2.008  4.209   -9.498  1.00 48.30  ? 324 VAL A C   1 
ATOM   50   O  O   . VAL A 1 13  ? -1.229  4.137   -8.525  1.00 46.17  ? 324 VAL A O   1 
ATOM   51   C  CB  . VAL A 1 13  ? -4.324  3.594   -8.538  1.00 42.65  ? 324 VAL A CB  1 
ATOM   52   C  CG1 . VAL A 1 13  ? -5.703  4.140   -8.170  1.00 42.95  ? 324 VAL A CG1 1 
ATOM   53   C  CG2 . VAL A 1 13  ? -4.463  2.304   -9.333  1.00 39.73  ? 324 VAL A CG2 1 
ATOM   54   N  N   . TRP A 1 14  ? -1.633  3.932   -10.770 1.00 45.34  ? 325 TRP A N   1 
ATOM   55   C  CA  . TRP A 1 14  ? -0.197  3.655   -11.133 1.00 49.12  ? 325 TRP A CA  1 
ATOM   56   C  C   . TRP A 1 14  ? 0.537   4.936   -11.570 1.00 51.46  ? 325 TRP A C   1 
ATOM   57   O  O   . TRP A 1 14  ? 1.709   4.865   -11.980 1.00 46.31  ? 325 TRP A O   1 
ATOM   58   C  CB  . TRP A 1 14  ? -0.061  2.609   -12.243 1.00 42.95  ? 325 TRP A CB  1 
ATOM   59   C  CG  . TRP A 1 14  ? -0.362  1.198   -11.850 1.00 42.95  ? 325 TRP A CG  1 
ATOM   60   C  CD1 . TRP A 1 14  ? -1.382  0.431   -12.325 1.00 42.44  ? 325 TRP A CD1 1 
ATOM   61   C  CD2 . TRP A 1 14  ? 0.407   0.347   -10.977 1.00 44.80  ? 325 TRP A CD2 1 
ATOM   62   N  NE1 . TRP A 1 14  ? -1.339  -0.813  -11.762 1.00 40.33  ? 325 TRP A NE1 1 
ATOM   63   C  CE2 . TRP A 1 14  ? -0.246  -0.902  -10.943 1.00 42.16  ? 325 TRP A CE2 1 
ATOM   64   C  CE3 . TRP A 1 14  ? 1.561   0.515   -10.203 1.00 46.15  ? 325 TRP A CE3 1 
ATOM   65   C  CZ2 . TRP A 1 14  ? 0.221   -1.972  -10.181 1.00 41.31  ? 325 TRP A CZ2 1 
ATOM   66   C  CZ3 . TRP A 1 14  ? 2.030   -0.547  -9.458  1.00 44.57  ? 325 TRP A CZ3 1 
ATOM   67   C  CH2 . TRP A 1 14  ? 1.358   -1.766  -9.433  1.00 40.69  ? 325 TRP A CH2 1 
ATOM   68   N  N   . SER A 1 15  ? -0.142  6.093   -11.522 1.00 47.20  ? 326 SER A N   1 
ATOM   69   C  CA  . SER A 1 15  ? 0.480   7.354   -11.861 1.00 45.94  ? 326 SER A CA  1 
ATOM   70   C  C   . SER A 1 15  ? 1.412   7.753   -10.715 1.00 47.19  ? 326 SER A C   1 
ATOM   71   O  O   . SER A 1 15  ? 1.237   7.299   -9.588  1.00 54.63  ? 326 SER A O   1 
ATOM   72   C  CB  . SER A 1 15  ? -0.559  8.440   -12.128 1.00 52.47  ? 326 SER A CB  1 
ATOM   73   O  OG  . SER A 1 15  ? -0.935  9.108   -10.922 1.00 47.72  ? 326 SER A OG  1 
ATOM   74   N  N   . GLU A 1 16  ? 2.370   8.632   -11.011 1.00 48.63  ? 327 GLU A N   1 
ATOM   75   C  CA  . GLU A 1 16  ? 3.248   9.220   -10.012 1.00 51.07  ? 327 GLU A CA  1 
ATOM   76   C  C   . GLU A 1 16  ? 2.437   10.220  -9.170  1.00 51.01  ? 327 GLU A C   1 
ATOM   77   O  O   . GLU A 1 16  ? 2.535   10.252  -7.932  1.00 47.16  ? 327 GLU A O   1 
ATOM   78   C  CB  . GLU A 1 16  ? 4.449   9.864   -10.708 1.00 58.27  ? 327 GLU A CB  1 
ATOM   79   C  CG  . GLU A 1 16  ? 5.301   8.863   -11.497 1.00 65.91  ? 327 GLU A CG  1 
ATOM   80   C  CD  . GLU A 1 16  ? 6.441   9.429   -12.338 1.00 67.64  ? 327 GLU A CD  1 
ATOM   81   O  OE1 . GLU A 1 16  ? 7.112   10.368  -11.864 1.00 79.10  ? 327 GLU A OE1 1 
ATOM   82   O  OE2 . GLU A 1 16  ? 6.668   8.926   -13.471 1.00 60.64  ? 327 GLU A OE2 1 
ATOM   83   N  N   . GLU A 1 17  ? 1.611   11.025  -9.837  1.00 49.23  ? 328 GLU A N   1 
ATOM   84   C  CA  . GLU A 1 17  ? 0.832   12.066  -9.152  1.00 55.33  ? 328 GLU A CA  1 
ATOM   85   C  C   . GLU A 1 17  ? 0.108   11.463  -7.938  1.00 58.02  ? 328 GLU A C   1 
ATOM   86   O  O   . GLU A 1 17  ? 0.284   11.914  -6.787  1.00 51.54  ? 328 GLU A O   1 
ATOM   87   C  CB  . GLU A 1 17  ? -0.176  12.701  -10.109 1.00 55.27  ? 328 GLU A CB  1 
ATOM   88   C  CG  . GLU A 1 17  ? -0.921  13.871  -9.496  1.00 60.39  ? 328 GLU A CG  1 
ATOM   89   C  CD  . GLU A 1 17  ? -2.077  14.396  -10.323 1.00 59.46  ? 328 GLU A CD  1 
ATOM   90   O  OE1 . GLU A 1 17  ? -2.065  14.203  -11.554 1.00 60.42  ? 328 GLU A OE1 1 
ATOM   91   O  OE2 . GLU A 1 17  ? -2.984  15.004  -9.725  1.00 69.23  ? 328 GLU A OE2 1 
ATOM   92   N  N   . ILE A 1 18  ? -0.703  10.430  -8.202  1.00 60.00  ? 329 ILE A N   1 
ATOM   93   C  CA  . ILE A 1 18  ? -1.531  9.807   -7.174  1.00 53.52  ? 329 ILE A CA  1 
ATOM   94   C  C   . ILE A 1 18  ? -0.636  9.004   -6.224  1.00 50.34  ? 329 ILE A C   1 
ATOM   95   O  O   . ILE A 1 18  ? -0.766  9.156   -5.008  1.00 48.13  ? 329 ILE A O   1 
ATOM   96   C  CB  . ILE A 1 18  ? -2.654  8.959   -7.805  1.00 50.90  ? 329 ILE A CB  1 
ATOM   97   C  CG1 . ILE A 1 18  ? -3.605  9.819   -8.644  1.00 49.15  ? 329 ILE A CG1 1 
ATOM   98   C  CG2 . ILE A 1 18  ? -3.405  8.165   -6.744  1.00 51.40  ? 329 ILE A CG2 1 
ATOM   99   C  CD1 . ILE A 1 18  ? -4.231  10.982  -7.889  1.00 48.62  ? 329 ILE A CD1 1 
ATOM   100  N  N   . SER A 1 19  ? 0.308   8.217   -6.769  1.00 41.86  ? 330 SER A N   1 
ATOM   101  C  CA  . SER A 1 19  ? 1.075   7.305   -5.961  1.00 41.18  ? 330 SER A CA  1 
ATOM   102  C  C   . SER A 1 19  ? 2.063   8.050   -5.043  1.00 43.90  ? 330 SER A C   1 
ATOM   103  O  O   . SER A 1 19  ? 2.544   7.497   -4.047  1.00 46.59  ? 330 SER A O   1 
ATOM   104  C  CB  . SER A 1 19  ? 1.727   6.213   -6.807  1.00 43.09  ? 330 SER A CB  1 
ATOM   105  O  OG  . SER A 1 19  ? 2.906   6.661   -7.444  1.00 45.39  ? 330 SER A OG  1 
ATOM   106  N  N   . SER A 1 20  ? 2.350   9.322   -5.328  1.00 47.04  ? 331 SER A N   1 
ATOM   107  C  CA  . SER A 1 20  ? 3.189   10.123  -4.425  1.00 51.21  ? 331 SER A CA  1 
ATOM   108  C  C   . SER A 1 20  ? 2.458   10.407  -3.095  1.00 55.15  ? 331 SER A C   1 
ATOM   109  O  O   . SER A 1 20  ? 3.099   10.846  -2.131  1.00 55.35  ? 331 SER A O   1 
ATOM   110  C  CB  . SER A 1 20  ? 3.677   11.389  -5.101  1.00 54.98  ? 331 SER A CB  1 
ATOM   111  O  OG  . SER A 1 20  ? 2.602   12.223  -5.517  1.00 56.34  ? 331 SER A OG  1 
ATOM   112  N  N   . ASN A 1 21  ? 1.144   10.118  -3.021  1.00 51.22  ? 332 ASN A N   1 
ATOM   113  C  CA  . ASN A 1 21  ? 0.364   10.309  -1.791  1.00 52.13  ? 332 ASN A CA  1 
ATOM   114  C  C   . ASN A 1 21  ? 0.368   9.068   -0.888  1.00 48.98  ? 332 ASN A C   1 
ATOM   115  O  O   . ASN A 1 21  ? -0.109  9.136   0.244   1.00 50.52  ? 332 ASN A O   1 
ATOM   116  C  CB  . ASN A 1 21  ? -1.079  10.695  -2.101  1.00 53.18  ? 332 ASN A CB  1 
ATOM   117  C  CG  . ASN A 1 21  ? -1.161  12.013  -2.829  1.00 52.36  ? 332 ASN A CG  1 
ATOM   118  O  OD1 . ASN A 1 21  ? -1.849  12.123  -3.847  1.00 59.29  ? 332 ASN A OD1 1 
ATOM   119  N  ND2 . ASN A 1 21  ? -0.446  13.005  -2.319  1.00 50.62  ? 332 ASN A ND2 1 
ATOM   120  N  N   . TYR A 1 22  ? 0.919   7.951   -1.372  1.00 46.63  ? 333 TYR A N   1 
ATOM   121  C  CA  . TYR A 1 22  ? 0.886   6.685   -0.647  1.00 42.25  ? 333 TYR A CA  1 
ATOM   122  C  C   . TYR A 1 22  ? 1.877   6.721   0.506   1.00 40.27  ? 333 TYR A C   1 
ATOM   123  O  O   . TYR A 1 22  ? 2.980   7.232   0.341   1.00 45.81  ? 333 TYR A O   1 
ATOM   124  C  CB  . TYR A 1 22  ? 1.215   5.512   -1.580  1.00 43.36  ? 333 TYR A CB  1 
ATOM   125  C  CG  . TYR A 1 22  ? 0.270   5.330   -2.746  1.00 41.02  ? 333 TYR A CG  1 
ATOM   126  C  CD1 . TYR A 1 22  ? -0.986  5.949   -2.799  1.00 34.88  ? 333 TYR A CD1 1 
ATOM   127  C  CD2 . TYR A 1 22  ? 0.634   4.498   -3.797  1.00 32.89  ? 333 TYR A CD2 1 
ATOM   128  C  CE1 . TYR A 1 22  ? -1.840  5.758   -3.880  1.00 33.23  ? 333 TYR A CE1 1 
ATOM   129  C  CE2 . TYR A 1 22  ? -0.210  4.288   -4.868  1.00 33.38  ? 333 TYR A CE2 1 
ATOM   130  C  CZ  . TYR A 1 22  ? -1.452  4.911   -4.910  1.00 35.90  ? 333 TYR A CZ  1 
ATOM   131  O  OH  . TYR A 1 22  ? -2.243  4.695   -6.004  1.00 36.66  ? 333 TYR A OH  1 
ATOM   132  N  N   . PRO A 1 23  ? 1.531   6.170   1.696   1.00 35.60  ? 334 PRO A N   1 
ATOM   133  C  CA  . PRO A 1 23  ? 2.512   5.959   2.754   1.00 38.83  ? 334 PRO A CA  1 
ATOM   134  C  C   . PRO A 1 23  ? 3.340   4.745   2.310   1.00 41.01  ? 334 PRO A C   1 
ATOM   135  O  O   . PRO A 1 23  ? 3.068   4.197   1.264   1.00 37.03  ? 334 PRO A O   1 
ATOM   136  C  CB  . PRO A 1 23  ? 1.641   5.688   3.971   1.00 39.20  ? 334 PRO A CB  1 
ATOM   137  C  CG  . PRO A 1 23  ? 0.456   4.950   3.389   1.00 40.54  ? 334 PRO A CG  1 
ATOM   138  C  CD  . PRO A 1 23  ? 0.217   5.612   2.051   1.00 39.15  ? 334 PRO A CD  1 
ATOM   139  N  N   . LEU A 1 24  ? 4.302   4.334   3.124   1.00 42.88  ? 335 LEU A N   1 
ATOM   140  C  CA  . LEU A 1 24  ? 5.356   3.437   2.678   1.00 49.59  ? 335 LEU A CA  1 
ATOM   141  C  C   . LEU A 1 24  ? 4.827   2.000   2.528   1.00 53.53  ? 335 LEU A C   1 
ATOM   142  O  O   . LEU A 1 24  ? 5.278   1.287   1.634   1.00 55.12  ? 335 LEU A O   1 
ATOM   143  C  CB  . LEU A 1 24  ? 6.517   3.508   3.677   1.00 52.93  ? 335 LEU A CB  1 
ATOM   144  C  CG  . LEU A 1 24  ? 7.915   3.583   3.070   1.00 59.56  ? 335 LEU A CG  1 
ATOM   145  C  CD1 . LEU A 1 24  ? 8.132   4.922   2.378   1.00 63.68  ? 335 LEU A CD1 1 
ATOM   146  C  CD2 . LEU A 1 24  ? 8.972   3.380   4.141   1.00 62.23  ? 335 LEU A CD2 1 
ATOM   147  N  N   . CYS A 1 25  ? 3.909   1.571   3.414   1.00 51.11  ? 336 CYS A N   1 
ATOM   148  C  CA  . CYS A 1 25  ? 3.273   0.238   3.347   1.00 43.04  ? 336 CYS A CA  1 
ATOM   149  C  C   . CYS A 1 25  ? 2.599   0.047   1.980   1.00 46.80  ? 336 CYS A C   1 
ATOM   150  O  O   . CYS A 1 25  ? 2.909   -0.914  1.267   1.00 50.65  ? 336 CYS A O   1 
ATOM   151  C  CB  . CYS A 1 25  ? 2.286   0.031   4.486   1.00 40.03  ? 336 CYS A CB  1 
ATOM   152  S  SG  . CYS A 1 25  ? 1.007   1.320   4.600   1.00 46.14  ? 336 CYS A SG  1 
ATOM   153  N  N   . ILE A 1 26  ? 1.743   0.998   1.589   1.00 42.01  ? 337 ILE A N   1 
ATOM   154  C  CA  . ILE A 1 26  ? 1.044   0.976   0.298   1.00 44.23  ? 337 ILE A CA  1 
ATOM   155  C  C   . ILE A 1 26  ? 2.038   0.984   -0.878  1.00 45.11  ? 337 ILE A C   1 
ATOM   156  O  O   . ILE A 1 26  ? 1.762   0.336   -1.873  1.00 42.74  ? 337 ILE A O   1 
ATOM   157  C  CB  . ILE A 1 26  ? 0.068   2.165   0.169   1.00 43.46  ? 337 ILE A CB  1 
ATOM   158  C  CG1 . ILE A 1 26  ? -1.071  2.096   1.191   1.00 44.71  ? 337 ILE A CG1 1 
ATOM   159  C  CG2 . ILE A 1 26  ? -0.456  2.285   -1.252  1.00 40.09  ? 337 ILE A CG2 1 
ATOM   160  C  CD1 . ILE A 1 26  ? -1.798  0.768   1.245   1.00 43.61  ? 337 ILE A CD1 1 
ATOM   161  N  N   . LYS A 1 27  ? 3.111   1.792   -0.787  1.00 47.97  ? 338 LYS A N   1 
ATOM   162  C  CA  . LYS A 1 27  ? 4.183   1.873   -1.812  1.00 46.74  ? 338 LYS A CA  1 
ATOM   163  C  C   . LYS A 1 27  ? 4.808   0.486   -2.011  1.00 48.16  ? 338 LYS A C   1 
ATOM   164  O  O   . LYS A 1 27  ? 4.992   0.015   -3.138  1.00 45.13  ? 338 LYS A O   1 
ATOM   165  C  CB  . LYS A 1 27  ? 5.312   2.817   -1.380  1.00 49.67  ? 338 LYS A CB  1 
ATOM   166  C  CG  . LYS A 1 27  ? 5.210   4.260   -1.852  1.00 54.94  ? 338 LYS A CG  1 
ATOM   167  C  CD  . LYS A 1 27  ? 6.353   5.138   -1.352  1.00 63.10  ? 338 LYS A CD  1 
ATOM   168  C  CE  . LYS A 1 27  ? 6.530   6.418   -2.147  1.00 67.27  ? 338 LYS A CE  1 
ATOM   169  N  NZ  . LYS A 1 27  ? 5.297   7.242   -2.153  1.00 68.43  ? 338 LYS A NZ  1 
ATOM   170  N  N   . ASN A 1 28  ? 5.130   -0.132  -0.871  1.00 46.13  ? 339 ASN A N   1 
ATOM   171  C  CA  . ASN A 1 28  ? 5.779   -1.420  -0.761  1.00 46.92  ? 339 ASN A CA  1 
ATOM   172  C  C   . ASN A 1 28  ? 4.891   -2.512  -1.367  1.00 48.59  ? 339 ASN A C   1 
ATOM   173  O  O   . ASN A 1 28  ? 5.394   -3.455  -1.997  1.00 49.51  ? 339 ASN A O   1 
ATOM   174  C  CB  . ASN A 1 28  ? 6.097   -1.755  0.700   1.00 42.83  ? 339 ASN A CB  1 
ATOM   175  C  CG  . ASN A 1 28  ? 6.919   -3.016  0.819   1.00 42.63  ? 339 ASN A CG  1 
ATOM   176  O  OD1 . ASN A 1 28  ? 7.906   -3.169  0.108   1.00 41.64  ? 339 ASN A OD1 1 
ATOM   177  N  ND2 . ASN A 1 28  ? 6.483   -3.947  1.649   1.00 40.35  ? 339 ASN A ND2 1 
ATOM   178  N  N   . LEU A 1 29  ? 3.577   -2.390  -1.157  1.00 46.74  ? 340 LEU A N   1 
ATOM   179  C  CA  . LEU A 1 29  ? 2.612   -3.367  -1.682  1.00 44.09  ? 340 LEU A CA  1 
ATOM   180  C  C   . LEU A 1 29  ? 2.445   -3.189  -3.197  1.00 44.23  ? 340 LEU A C   1 
ATOM   181  O  O   . LEU A 1 29  ? 2.284   -4.168  -3.916  1.00 46.13  ? 340 LEU A O   1 
ATOM   182  C  CB  . LEU A 1 29  ? 1.277   -3.215  -0.950  1.00 41.71  ? 340 LEU A CB  1 
ATOM   183  C  CG  . LEU A 1 29  ? 1.214   -3.895  0.416   1.00 39.90  ? 340 LEU A CG  1 
ATOM   184  C  CD1 . LEU A 1 29  ? 0.054   -3.350  1.258   1.00 36.32  ? 340 LEU A CD1 1 
ATOM   185  C  CD2 . LEU A 1 29  ? 1.103   -5.400  0.234   1.00 35.83  ? 340 LEU A CD2 1 
ATOM   186  N  N   . MET A 1 30  ? 2.519   -1.943  -3.678  1.00 43.75  ? 341 MET A N   1 
ATOM   187  C  CA  . MET A 1 30  ? 2.420   -1.666  -5.103  1.00 40.63  ? 341 MET A CA  1 
ATOM   188  C  C   . MET A 1 30  ? 3.731   -2.071  -5.806  1.00 42.62  ? 341 MET A C   1 
ATOM   189  O  O   . MET A 1 30  ? 3.715   -2.520  -6.936  1.00 42.30  ? 341 MET A O   1 
ATOM   190  C  CB  . MET A 1 30  ? 2.110   -0.192  -5.348  1.00 36.88  ? 341 MET A CB  1 
ATOM   191  C  CG  . MET A 1 30  ? 0.770   0.243   -4.767  1.00 42.91  ? 341 MET A CG  1 
ATOM   192  S  SD  . MET A 1 30  ? -0.644  -0.022  -5.870  1.00 47.82  ? 341 MET A SD  1 
ATOM   193  C  CE  . MET A 1 30  ? -0.339  1.202   -7.144  1.00 50.26  ? 341 MET A CE  1 
ATOM   194  N  N   . GLU A 1 31  ? 4.855   -1.927  -5.107  1.00 44.24  ? 342 GLU A N   1 
ATOM   195  C  CA  . GLU A 1 31  ? 6.162   -2.264  -5.642  1.00 46.03  ? 342 GLU A CA  1 
ATOM   196  C  C   . GLU A 1 31  ? 6.225   -3.775  -5.852  1.00 47.83  ? 342 GLU A C   1 
ATOM   197  O  O   . GLU A 1 31  ? 6.589   -4.218  -6.925  1.00 51.09  ? 342 GLU A O   1 
ATOM   198  C  CB  . GLU A 1 31  ? 7.282   -1.782  -4.716  1.00 44.66  ? 342 GLU A CB  1 
ATOM   199  N  N   . GLY A 1 32  ? 5.822   -4.529  -4.822  1.00 53.50  ? 343 GLY A N   1 
ATOM   200  C  CA  . GLY A 1 32  ? 5.783   -6.005  -4.828  1.00 48.37  ? 343 GLY A CA  1 
ATOM   201  C  C   . GLY A 1 32  ? 4.848   -6.546  -5.895  1.00 50.35  ? 343 GLY A C   1 
ATOM   202  O  O   . GLY A 1 32  ? 5.177   -7.532  -6.586  1.00 41.15  ? 343 GLY A O   1 
ATOM   203  N  N   . LEU A 1 33  ? 3.685   -5.884  -6.031  1.00 46.53  ? 344 LEU A N   1 
ATOM   204  C  CA  . LEU A 1 33  ? 2.679   -6.232  -7.033  1.00 45.12  ? 344 LEU A CA  1 
ATOM   205  C  C   . LEU A 1 33  ? 3.263   -6.110  -8.441  1.00 45.72  ? 344 LEU A C   1 
ATOM   206  O  O   . LEU A 1 33  ? 2.995   -6.952  -9.298  1.00 41.50  ? 344 LEU A O   1 
ATOM   207  C  CB  . LEU A 1 33  ? 1.471   -5.301  -6.902  1.00 45.83  ? 344 LEU A CB  1 
ATOM   208  C  CG  . LEU A 1 33  ? 0.431   -5.412  -8.022  1.00 46.35  ? 344 LEU A CG  1 
ATOM   209  C  CD1 . LEU A 1 33  ? 0.072   -6.874  -8.294  1.00 45.75  ? 344 LEU A CD1 1 
ATOM   210  C  CD2 . LEU A 1 33  ? -0.826  -4.592  -7.694  1.00 43.74  ? 344 LEU A CD2 1 
ATOM   211  N  N   . LYS A 1 34  ? 4.012   -5.027  -8.675  1.00 51.76  ? 345 LYS A N   1 
ATOM   212  C  CA  . LYS A 1 34  ? 4.525   -4.696  -9.987  1.00 55.31  ? 345 LYS A CA  1 
ATOM   213  C  C   . LYS A 1 34  ? 5.684   -5.640  -10.371 1.00 55.56  ? 345 LYS A C   1 
ATOM   214  O  O   . LYS A 1 34  ? 5.918   -5.862  -11.554 1.00 61.81  ? 345 LYS A O   1 
ATOM   215  C  CB  . LYS A 1 34  ? 4.931   -3.219  -10.018 1.00 60.82  ? 345 LYS A CB  1 
ATOM   216  C  CG  . LYS A 1 34  ? 5.358   -2.701  -11.386 1.00 67.81  ? 345 LYS A CG  1 
ATOM   217  C  CD  . LYS A 1 34  ? 5.531   -1.200  -11.467 1.00 71.65  ? 345 LYS A CD  1 
ATOM   218  C  CE  . LYS A 1 34  ? 6.586   -0.665  -10.525 1.00 80.07  ? 345 LYS A CE  1 
ATOM   219  N  NZ  . LYS A 1 34  ? 7.847   -1.442  -10.612 1.00 85.13  ? 345 LYS A NZ  1 
ATOM   220  N  N   . LYS A 1 35  ? 6.408   -6.194  -9.396  1.00 52.90  ? 346 LYS A N   1 
ATOM   221  C  CA  . LYS A 1 35  ? 7.614   -6.970  -9.696  1.00 60.28  ? 346 LYS A CA  1 
ATOM   222  C  C   . LYS A 1 35  ? 7.231   -8.432  -9.908  1.00 58.66  ? 346 LYS A C   1 
ATOM   223  O  O   . LYS A 1 35  ? 7.848   -9.107  -10.702 1.00 61.52  ? 346 LYS A O   1 
ATOM   224  C  CB  . LYS A 1 35  ? 8.673   -6.950  -8.584  1.00 68.70  ? 346 LYS A CB  1 
ATOM   225  C  CG  . LYS A 1 35  ? 8.910   -5.628  -7.869  1.00 73.03  ? 346 LYS A CG  1 
ATOM   226  C  CD  . LYS A 1 35  ? 9.661   -4.593  -8.663  1.00 79.32  ? 346 LYS A CD  1 
ATOM   227  C  CE  . LYS A 1 35  ? 10.016  -3.383  -7.822  1.00 87.63  ? 346 LYS A CE  1 
ATOM   228  N  NZ  . LYS A 1 35  ? 10.530  -2.259  -8.640  1.00 92.82  ? 346 LYS A NZ  1 
ATOM   229  N  N   . ASN A 1 36  ? 6.229   -8.898  -9.158  1.00 58.81  ? 347 ASN A N   1 
ATOM   230  C  CA  . ASN A 1 36  ? 5.883   -10.312 -9.063  1.00 51.88  ? 347 ASN A CA  1 
ATOM   231  C  C   . ASN A 1 36  ? 4.506   -10.581 -9.681  1.00 51.80  ? 347 ASN A C   1 
ATOM   232  O  O   . ASN A 1 36  ? 4.036   -11.726 -9.687  1.00 48.28  ? 347 ASN A O   1 
ATOM   233  C  CB  . ASN A 1 36  ? 5.902   -10.753 -7.600  1.00 50.23  ? 347 ASN A CB  1 
ATOM   234  C  CG  . ASN A 1 36  ? 7.146   -10.275 -6.885  1.00 53.38  ? 347 ASN A CG  1 
ATOM   235  O  OD1 . ASN A 1 36  ? 8.247   -10.732 -7.178  1.00 57.09  ? 347 ASN A OD1 1 
ATOM   236  N  ND2 . ASN A 1 36  ? 6.993   -9.345  -5.957  1.00 51.79  ? 347 ASN A ND2 1 
ATOM   237  N  N   . HIS A 1 37  ? 3.838   -9.516  -10.145 1.00 46.87  ? 348 HIS A N   1 
ATOM   238  C  CA  . HIS A 1 37  ? 2.514   -9.612  -10.776 1.00 45.44  ? 348 HIS A CA  1 
ATOM   239  C  C   . HIS A 1 37  ? 1.558   -10.474 -9.939  1.00 41.44  ? 348 HIS A C   1 
ATOM   240  O  O   . HIS A 1 37  ? 0.708   -11.212 -10.476 1.00 41.81  ? 348 HIS A O   1 
ATOM   241  C  CB  . HIS A 1 37  ? 2.658   -10.118 -12.220 1.00 50.32  ? 348 HIS A CB  1 
ATOM   242  C  CG  . HIS A 1 37  ? 3.867   -9.600  -12.930 1.00 48.25  ? 348 HIS A CG  1 
ATOM   243  N  ND1 . HIS A 1 37  ? 4.089   -8.244  -13.111 1.00 38.31  ? 348 HIS A ND1 1 
ATOM   244  C  CD2 . HIS A 1 37  ? 4.909   -10.259 -13.502 1.00 44.76  ? 348 HIS A CD2 1 
ATOM   245  C  CE1 . HIS A 1 37  ? 5.220   -8.092  -13.781 1.00 48.67  ? 348 HIS A CE1 1 
ATOM   246  N  NE2 . HIS A 1 37  ? 5.744   -9.325  -14.039 1.00 43.10  ? 348 HIS A NE2 1 
ATOM   247  N  N   . HIS A 1 38  ? 1.667   -10.333 -8.617  1.00 40.75  ? 349 HIS A N   1 
ATOM   248  C  CA  . HIS A 1 38  ? 0.937   -11.161 -7.661  1.00 40.69  ? 349 HIS A CA  1 
ATOM   249  C  C   . HIS A 1 38  ? 1.100   -10.571 -6.267  1.00 41.83  ? 349 HIS A C   1 
ATOM   250  O  O   . HIS A 1 38  ? 2.121   -9.950  -5.983  1.00 43.69  ? 349 HIS A O   1 
ATOM   251  C  CB  . HIS A 1 38  ? 1.468   -12.609 -7.640  1.00 39.01  ? 349 HIS A CB  1 
ATOM   252  C  CG  . HIS A 1 38  ? 0.778   -13.473 -6.639  1.00 36.16  ? 349 HIS A CG  1 
ATOM   253  N  ND1 . HIS A 1 38  ? 1.256   -13.637 -5.341  1.00 39.25  ? 349 HIS A ND1 1 
ATOM   254  C  CD2 . HIS A 1 38  ? -0.363  -14.190 -6.717  1.00 34.48  ? 349 HIS A CD2 1 
ATOM   255  C  CE1 . HIS A 1 38  ? 0.438   -14.422 -4.670  1.00 33.59  ? 349 HIS A CE1 1 
ATOM   256  N  NE2 . HIS A 1 38  ? -0.566  -14.783 -5.496  1.00 37.35  ? 349 HIS A NE2 1 
ATOM   257  N  N   . LEU A 1 39  ? 0.122   -10.817 -5.389  1.00 42.75  ? 350 LEU A N   1 
ATOM   258  C  CA  . LEU A 1 39  ? 0.353   -10.643 -3.957  1.00 41.91  ? 350 LEU A CA  1 
ATOM   259  C  C   . LEU A 1 39  ? -0.304  -11.812 -3.233  1.00 41.25  ? 350 LEU A C   1 
ATOM   260  O  O   . LEU A 1 39  ? -1.314  -12.343 -3.713  1.00 41.67  ? 350 LEU A O   1 
ATOM   261  C  CB  . LEU A 1 39  ? -0.222  -9.307  -3.457  1.00 44.27  ? 350 LEU A CB  1 
ATOM   262  C  CG  . LEU A 1 39  ? 0.507   -8.029  -3.871  1.00 43.67  ? 350 LEU A CG  1 
ATOM   263  C  CD1 . LEU A 1 39  ? -0.360  -6.801  -3.593  1.00 44.53  ? 350 LEU A CD1 1 
ATOM   264  C  CD2 . LEU A 1 39  ? 1.841   -7.908  -3.153  1.00 42.50  ? 350 LEU A CD2 1 
ATOM   265  N  N   . ARG A 1 40  ? 0.285   -12.166 -2.076  1.00 45.48  ? 351 ARG A N   1 
ATOM   266  C  CA  . ARG A 1 40  ? -0.230  -13.140 -1.134  1.00 44.47  ? 351 ARG A CA  1 
ATOM   267  C  C   . ARG A 1 40  ? -1.399  -12.509 -0.362  1.00 48.79  ? 351 ARG A C   1 
ATOM   268  O  O   . ARG A 1 40  ? -1.632  -11.273 -0.466  1.00 47.35  ? 351 ARG A O   1 
ATOM   269  C  CB  . ARG A 1 40  ? 0.892   -13.596 -0.199  1.00 49.06  ? 351 ARG A CB  1 
ATOM   270  C  CG  . ARG A 1 40  ? 2.060   -14.270 -0.908  1.00 52.34  ? 351 ARG A CG  1 
ATOM   271  C  CD  . ARG A 1 40  ? 2.707   -15.295 0.002   1.00 57.86  ? 351 ARG A CD  1 
ATOM   272  N  NE  . ARG A 1 40  ? 3.953   -15.831 -0.525  1.00 64.51  ? 351 ARG A NE  1 
ATOM   273  C  CZ  . ARG A 1 40  ? 5.079   -15.999 0.176   1.00 68.66  ? 351 ARG A CZ  1 
ATOM   274  N  NH1 . ARG A 1 40  ? 5.138   -15.656 1.455   1.00 63.61  ? 351 ARG A NH1 1 
ATOM   275  N  NH2 . ARG A 1 40  ? 6.143   -16.532 -0.407  1.00 64.43  ? 351 ARG A NH2 1 
ATOM   276  N  N   . TYR A 1 41  ? -2.106  -13.349 0.411   1.00 44.24  ? 352 TYR A N   1 
ATOM   277  C  CA  . TYR A 1 41  ? -3.448  -13.066 0.926   1.00 47.22  ? 352 TYR A CA  1 
ATOM   278  C  C   . TYR A 1 41  ? -3.507  -11.742 1.720   1.00 48.00  ? 352 TYR A C   1 
ATOM   279  O  O   . TYR A 1 41  ? -4.408  -10.929 1.494   1.00 47.87  ? 352 TYR A O   1 
ATOM   280  C  CB  . TYR A 1 41  ? -3.983  -14.246 1.752   1.00 48.86  ? 352 TYR A CB  1 
ATOM   281  C  CG  . TYR A 1 41  ? -5.294  -13.929 2.418   1.00 50.82  ? 352 TYR A CG  1 
ATOM   282  C  CD1 . TYR A 1 41  ? -6.411  -13.610 1.664   1.00 57.46  ? 352 TYR A CD1 1 
ATOM   283  C  CD2 . TYR A 1 41  ? -5.405  -13.849 3.795   1.00 53.45  ? 352 TYR A CD2 1 
ATOM   284  C  CE1 . TYR A 1 41  ? -7.613  -13.257 2.258   1.00 56.50  ? 352 TYR A CE1 1 
ATOM   285  C  CE2 . TYR A 1 41  ? -6.596  -13.486 4.404   1.00 53.53  ? 352 TYR A CE2 1 
ATOM   286  C  CZ  . TYR A 1 41  ? -7.704  -13.187 3.634   1.00 55.92  ? 352 TYR A CZ  1 
ATOM   287  O  OH  . TYR A 1 41  ? -8.883  -12.826 4.222   1.00 62.73  ? 352 TYR A OH  1 
ATOM   288  N  N   . TYR A 1 42  ? -2.595  -11.546 2.687   1.00 47.43  ? 353 TYR A N   1 
ATOM   289  C  CA  . TYR A 1 42  ? -2.641  -10.386 3.597   1.00 46.97  ? 353 TYR A CA  1 
ATOM   290  C  C   . TYR A 1 42  ? -2.398  -9.078  2.817   1.00 46.29  ? 353 TYR A C   1 
ATOM   291  O  O   . TYR A 1 42  ? -3.025  -8.018  3.081   1.00 47.52  ? 353 TYR A O   1 
ATOM   292  C  CB  . TYR A 1 42  ? -1.610  -10.546 4.722   1.00 47.39  ? 353 TYR A CB  1 
ATOM   293  C  CG  . TYR A 1 42  ? -1.844  -11.668 5.710   1.00 50.35  ? 353 TYR A CG  1 
ATOM   294  C  CD1 . TYR A 1 42  ? -3.121  -12.102 6.031   1.00 48.52  ? 353 TYR A CD1 1 
ATOM   295  C  CD2 . TYR A 1 42  ? -0.776  -12.273 6.364   1.00 54.27  ? 353 TYR A CD2 1 
ATOM   296  C  CE1 . TYR A 1 42  ? -3.332  -13.116 6.948   1.00 48.22  ? 353 TYR A CE1 1 
ATOM   297  C  CE2 . TYR A 1 42  ? -0.968  -13.292 7.283   1.00 50.93  ? 353 TYR A CE2 1 
ATOM   298  C  CZ  . TYR A 1 42  ? -2.252  -13.718 7.576   1.00 52.94  ? 353 TYR A CZ  1 
ATOM   299  O  OH  . TYR A 1 42  ? -2.465  -14.719 8.481   1.00 52.98  ? 353 TYR A OH  1 
ATOM   300  N  N   . GLY A 1 43  ? -1.474  -9.137  1.859   1.00 41.47  ? 354 GLY A N   1 
ATOM   301  C  CA  . GLY A 1 43  ? -1.192  -8.021  0.956   1.00 44.58  ? 354 GLY A CA  1 
ATOM   302  C  C   . GLY A 1 43  ? -2.376  -7.654  0.060   1.00 46.67  ? 354 GLY A C   1 
ATOM   303  O  O   . GLY A 1 43  ? -2.713  -6.455  -0.095  1.00 45.89  ? 354 GLY A O   1 
ATOM   304  N  N   . ARG A 1 44  ? -3.036  -8.668  -0.519  1.00 43.53  ? 355 ARG A N   1 
ATOM   305  C  CA  . ARG A 1 44  ? -4.147  -8.401  -1.410  1.00 42.85  ? 355 ARG A CA  1 
ATOM   306  C  C   . ARG A 1 44  ? -5.244  -7.633  -0.656  1.00 45.56  ? 355 ARG A C   1 
ATOM   307  O  O   . ARG A 1 44  ? -5.984  -6.884  -1.290  1.00 42.51  ? 355 ARG A O   1 
ATOM   308  C  CB  . ARG A 1 44  ? -4.716  -9.671  -2.049  1.00 43.31  ? 355 ARG A CB  1 
ATOM   309  C  CG  . ARG A 1 44  ? -3.702  -10.462 -2.869  1.00 45.69  ? 355 ARG A CG  1 
ATOM   310  C  CD  . ARG A 1 44  ? -4.376  -11.574 -3.639  1.00 46.41  ? 355 ARG A CD  1 
ATOM   311  N  NE  . ARG A 1 44  ? -5.238  -12.368 -2.781  1.00 45.33  ? 355 ARG A NE  1 
ATOM   312  C  CZ  . ARG A 1 44  ? -4.982  -13.607 -2.396  1.00 44.56  ? 355 ARG A CZ  1 
ATOM   313  N  NH1 . ARG A 1 44  ? -3.847  -14.203 -2.737  1.00 44.00  ? 355 ARG A NH1 1 
ATOM   314  N  NH2 . ARG A 1 44  ? -5.895  -14.248 -1.698  1.00 37.64  ? 355 ARG A NH2 1 
ATOM   315  N  N   . GLN A 1 45  ? -5.338  -7.838  0.664   1.00 45.31  ? 356 GLN A N   1 
ATOM   316  C  CA  . GLN A 1 45  ? -6.423  -7.280  1.521   1.00 46.43  ? 356 GLN A CA  1 
ATOM   317  C  C   . GLN A 1 45  ? -6.060  -5.861  1.972   1.00 45.84  ? 356 GLN A C   1 
ATOM   318  O  O   . GLN A 1 45  ? -6.896  -4.950  1.887   1.00 46.55  ? 356 GLN A O   1 
ATOM   319  C  CB  . GLN A 1 45  ? -6.682  -8.173  2.743   1.00 45.80  ? 356 GLN A CB  1 
ATOM   320  C  CG  . GLN A 1 45  ? -7.222  -9.558  2.400   1.00 48.00  ? 356 GLN A CG  1 
ATOM   321  C  CD  . GLN A 1 45  ? -8.477  -9.511  1.559   1.00 48.71  ? 356 GLN A CD  1 
ATOM   322  O  OE1 . GLN A 1 45  ? -8.493  -9.956  0.413   1.00 43.04  ? 356 GLN A OE1 1 
ATOM   323  N  NE2 . GLN A 1 45  ? -9.537  -8.944  2.115   1.00 46.48  ? 356 GLN A NE2 1 
ATOM   324  N  N   . GLN A 1 46  ? -4.833  -5.702  2.489   1.00 45.22  ? 357 GLN A N   1 
ATOM   325  C  CA  . GLN A 1 46  ? -4.295  -4.409  2.899   1.00 47.05  ? 357 GLN A CA  1 
ATOM   326  C  C   . GLN A 1 46  ? -4.429  -3.441  1.722   1.00 48.41  ? 357 GLN A C   1 
ATOM   327  O  O   . GLN A 1 46  ? -4.966  -2.318  1.873   1.00 51.12  ? 357 GLN A O   1 
ATOM   328  C  CB  . GLN A 1 46  ? -2.833  -4.534  3.347   1.00 47.12  ? 357 GLN A CB  1 
ATOM   329  C  CG  . GLN A 1 46  ? -2.310  -3.324  4.122   1.00 44.58  ? 357 GLN A CG  1 
ATOM   330  C  CD  . GLN A 1 46  ? -0.962  -3.553  4.771   1.00 43.34  ? 357 GLN A CD  1 
ATOM   331  O  OE1 . GLN A 1 46  ? -0.536  -4.681  5.030   1.00 41.95  ? 357 GLN A OE1 1 
ATOM   332  N  NE2 . GLN A 1 46  ? -0.252  -2.471  5.027   1.00 39.11  ? 357 GLN A NE2 1 
ATOM   333  N  N   . LEU A 1 47  ? -3.967  -3.895  0.551   1.00 43.54  ? 358 LEU A N   1 
ATOM   334  C  CA  . LEU A 1 47  ? -3.877  -3.023  -0.598  1.00 43.60  ? 358 LEU A CA  1 
ATOM   335  C  C   . LEU A 1 47  ? -5.276  -2.728  -1.151  1.00 43.88  ? 358 LEU A C   1 
ATOM   336  O  O   . LEU A 1 47  ? -5.555  -1.594  -1.523  1.00 38.71  ? 358 LEU A O   1 
ATOM   337  C  CB  . LEU A 1 47  ? -3.001  -3.649  -1.682  1.00 40.69  ? 358 LEU A CB  1 
ATOM   338  C  CG  . LEU A 1 47  ? -2.824  -2.765  -2.919  1.00 41.24  ? 358 LEU A CG  1 
ATOM   339  C  CD1 . LEU A 1 47  ? -2.535  -1.318  -2.527  1.00 38.95  ? 358 LEU A CD1 1 
ATOM   340  C  CD2 . LEU A 1 47  ? -1.719  -3.291  -3.830  1.00 37.45  ? 358 LEU A CD2 1 
ATOM   341  N  N   . SER A 1 48  ? -6.118  -3.766  -1.243  1.00 43.93  ? 359 SER A N   1 
ATOM   342  C  CA  . SER A 1 48  ? -7.368  -3.662  -1.956  1.00 47.87  ? 359 SER A CA  1 
ATOM   343  C  C   . SER A 1 48  ? -8.365  -2.822  -1.155  1.00 45.10  ? 359 SER A C   1 
ATOM   344  O  O   . SER A 1 48  ? -9.235  -2.193  -1.736  1.00 48.60  ? 359 SER A O   1 
ATOM   345  C  CB  . SER A 1 48  ? -7.936  -5.006  -2.254  1.00 48.57  ? 359 SER A CB  1 
ATOM   346  O  OG  . SER A 1 48  ? -8.194  -5.693  -1.044  1.00 52.36  ? 359 SER A OG  1 
ATOM   347  N  N   . LEU A 1 49  ? -8.252  -2.868  0.172   1.00 43.74  ? 360 LEU A N   1 
ATOM   348  C  CA  . LEU A 1 49  ? -9.185  -2.187  1.034   1.00 47.70  ? 360 LEU A CA  1 
ATOM   349  C  C   . LEU A 1 49  ? -8.759  -0.725  1.119   1.00 49.23  ? 360 LEU A C   1 
ATOM   350  O  O   . LEU A 1 49  ? -9.622  0.168   1.202   1.00 47.21  ? 360 LEU A O   1 
ATOM   351  C  CB  . LEU A 1 49  ? -9.236  -2.842  2.421   1.00 49.92  ? 360 LEU A CB  1 
ATOM   352  C  CG  . LEU A 1 49  ? -9.936  -4.203  2.509   1.00 53.12  ? 360 LEU A CG  1 
ATOM   353  C  CD1 . LEU A 1 49  ? -9.896  -4.729  3.939   1.00 52.85  ? 360 LEU A CD1 1 
ATOM   354  C  CD2 . LEU A 1 49  ? -11.374 -4.143  2.004   1.00 50.66  ? 360 LEU A CD2 1 
ATOM   355  N  N   . PHE A 1 50  ? -7.437  -0.501  1.083   1.00 46.74  ? 361 PHE A N   1 
ATOM   356  C  CA  . PHE A 1 50  ? -6.894  0.833   0.974   1.00 45.20  ? 361 PHE A CA  1 
ATOM   357  C  C   . PHE A 1 50  ? -7.472  1.479   -0.291  1.00 51.39  ? 361 PHE A C   1 
ATOM   358  O  O   . PHE A 1 50  ? -8.142  2.513   -0.209  1.00 51.84  ? 361 PHE A O   1 
ATOM   359  C  CB  . PHE A 1 50  ? -5.365  0.808   1.021   1.00 44.59  ? 361 PHE A CB  1 
ATOM   360  C  CG  . PHE A 1 50  ? -4.715  2.126   0.684   1.00 41.54  ? 361 PHE A CG  1 
ATOM   361  C  CD1 . PHE A 1 50  ? -4.477  2.484   -0.634  1.00 42.36  ? 361 PHE A CD1 1 
ATOM   362  C  CD2 . PHE A 1 50  ? -4.367  3.021   1.679   1.00 41.59  ? 361 PHE A CD2 1 
ATOM   363  C  CE1 . PHE A 1 50  ? -3.900  3.701   -0.954  1.00 40.37  ? 361 PHE A CE1 1 
ATOM   364  C  CE2 . PHE A 1 50  ? -3.804  4.245   1.360   1.00 43.41  ? 361 PHE A CE2 1 
ATOM   365  C  CZ  . PHE A 1 50  ? -3.562  4.578   0.045   1.00 45.40  ? 361 PHE A CZ  1 
ATOM   366  N  N   . LEU A 1 51  ? -7.268  0.841   -1.449  1.00 46.86  ? 362 LEU A N   1 
ATOM   367  C  CA  . LEU A 1 51  ? -7.743  1.405   -2.732  1.00 47.90  ? 362 LEU A CA  1 
ATOM   368  C  C   . LEU A 1 51  ? -9.265  1.642   -2.723  1.00 49.99  ? 362 LEU A C   1 
ATOM   369  O  O   . LEU A 1 51  ? -9.721  2.674   -3.245  1.00 53.41  ? 362 LEU A O   1 
ATOM   370  C  CB  . LEU A 1 51  ? -7.342  0.480   -3.882  1.00 42.31  ? 362 LEU A CB  1 
ATOM   371  C  CG  . LEU A 1 51  ? -5.834  0.374   -4.131  1.00 48.46  ? 362 LEU A CG  1 
ATOM   372  C  CD1 . LEU A 1 51  ? -5.504  -0.762  -5.111  1.00 43.02  ? 362 LEU A CD1 1 
ATOM   373  C  CD2 . LEU A 1 51  ? -5.274  1.708   -4.631  1.00 48.53  ? 362 LEU A CD2 1 
ATOM   374  N  N   . LYS A 1 52  ? -10.042 0.682   -2.193  1.00 45.74  ? 363 LYS A N   1 
ATOM   375  C  CA  . LYS A 1 52  ? -11.465 0.874   -1.943  1.00 51.11  ? 363 LYS A CA  1 
ATOM   376  C  C   . LYS A 1 52  ? -11.662 2.182   -1.169  1.00 50.60  ? 363 LYS A C   1 
ATOM   377  O  O   . LYS A 1 52  ? -12.405 3.029   -1.589  1.00 48.38  ? 363 LYS A O   1 
ATOM   378  C  CB  . LYS A 1 52  ? -12.064 -0.293  -1.152  1.00 54.89  ? 363 LYS A CB  1 
ATOM   379  C  CG  . LYS A 1 52  ? -13.569 -0.212  -0.898  1.00 53.43  ? 363 LYS A CG  1 
ATOM   380  C  CD  . LYS A 1 52  ? -14.053 -1.287  0.070   1.00 58.68  ? 363 LYS A CD  1 
ATOM   381  C  CE  . LYS A 1 52  ? -15.453 -1.801  -0.204  1.00 62.00  ? 363 LYS A CE  1 
ATOM   382  N  NZ  . LYS A 1 52  ? -16.491 -0.922  0.389   1.00 66.65  ? 363 LYS A NZ  1 
ATOM   383  N  N   . GLY A 1 53  ? -10.948 2.307   -0.043  1.00 54.48  ? 364 GLY A N   1 
ATOM   384  C  CA  . GLY A 1 53  ? -10.989 3.453   0.846   1.00 50.59  ? 364 GLY A CA  1 
ATOM   385  C  C   . GLY A 1 53  ? -10.804 4.774   0.126   1.00 52.15  ? 364 GLY A C   1 
ATOM   386  O  O   . GLY A 1 53  ? -11.501 5.748   0.457   1.00 57.45  ? 364 GLY A O   1 
ATOM   387  N  N   . ILE A 1 54  ? -9.894  4.825   -0.859  1.00 44.86  ? 365 ILE A N   1 
ATOM   388  C  CA  . ILE A 1 54  ? -9.573  6.092   -1.541  1.00 46.30  ? 365 ILE A CA  1 
ATOM   389  C  C   . ILE A 1 54  ? -10.536 6.341   -2.716  1.00 44.20  ? 365 ILE A C   1 
ATOM   390  O  O   . ILE A 1 54  ? -10.330 7.275   -3.492  1.00 47.26  ? 365 ILE A O   1 
ATOM   391  C  CB  . ILE A 1 54  ? -8.093  6.163   -1.979  1.00 45.61  ? 365 ILE A CB  1 
ATOM   392  C  CG1 . ILE A 1 54  ? -7.791  5.280   -3.196  1.00 46.26  ? 365 ILE A CG1 1 
ATOM   393  C  CG2 . ILE A 1 54  ? -7.178  5.846   -0.803  1.00 47.94  ? 365 ILE A CG2 1 
ATOM   394  C  CD1 . ILE A 1 54  ? -6.428  5.505   -3.807  1.00 43.28  ? 365 ILE A CD1 1 
ATOM   395  N  N   . GLY A 1 55  ? -11.564 5.502   -2.865  1.00 41.10  ? 366 GLY A N   1 
ATOM   396  C  CA  . GLY A 1 55  ? -12.650 5.772   -3.807  1.00 38.96  ? 366 GLY A CA  1 
ATOM   397  C  C   . GLY A 1 55  ? -12.486 5.031   -5.124  1.00 43.04  ? 366 GLY A C   1 
ATOM   398  O  O   . GLY A 1 55  ? -13.156 5.383   -6.080  1.00 42.15  ? 366 GLY A O   1 
ATOM   399  N  N   . LEU A 1 56  ? -11.615 4.004   -5.173  1.00 37.79  ? 367 LEU A N   1 
ATOM   400  C  CA  . LEU A 1 56  ? -11.541 3.118   -6.341  1.00 37.93  ? 367 LEU A CA  1 
ATOM   401  C  C   . LEU A 1 56  ? -12.813 2.252   -6.382  1.00 41.01  ? 367 LEU A C   1 
ATOM   402  O  O   . LEU A 1 56  ? -13.131 1.522   -5.419  1.00 42.68  ? 367 LEU A O   1 
ATOM   403  C  CB  . LEU A 1 56  ? -10.263 2.265   -6.245  1.00 35.27  ? 367 LEU A CB  1 
ATOM   404  C  CG  . LEU A 1 56  ? -9.907  1.433   -7.479  1.00 35.26  ? 367 LEU A CG  1 
ATOM   405  C  CD1 . LEU A 1 56  ? -9.473  2.320   -8.620  1.00 38.52  ? 367 LEU A CD1 1 
ATOM   406  C  CD2 . LEU A 1 56  ? -8.801  0.426   -7.165  1.00 34.80  ? 367 LEU A CD2 1 
ATOM   407  N  N   . SER A 1 57  ? -13.548 2.352   -7.496  1.00 43.08  ? 368 SER A N   1 
ATOM   408  C  CA  . SER A 1 57  ? -14.802 1.626   -7.722  1.00 43.34  ? 368 SER A CA  1 
ATOM   409  C  C   . SER A 1 57  ? -14.529 0.134   -7.936  1.00 51.16  ? 368 SER A C   1 
ATOM   410  O  O   . SER A 1 57  ? -13.377 -0.281  -8.252  1.00 47.94  ? 368 SER A O   1 
ATOM   411  C  CB  . SER A 1 57  ? -15.546 2.190   -8.900  1.00 44.89  ? 368 SER A CB  1 
ATOM   412  O  OG  . SER A 1 57  ? -15.089 1.632   -10.127 1.00 45.51  ? 368 SER A OG  1 
ATOM   413  N  N   . ALA A 1 58  ? -15.613 -0.643  -7.788  1.00 51.41  ? 369 ALA A N   1 
ATOM   414  C  CA  . ALA A 1 58  ? -15.608 -2.085  -7.894  1.00 52.94  ? 369 ALA A CA  1 
ATOM   415  C  C   . ALA A 1 58  ? -15.125 -2.488  -9.291  1.00 57.75  ? 369 ALA A C   1 
ATOM   416  O  O   . ALA A 1 58  ? -14.241 -3.349  -9.425  1.00 53.37  ? 369 ALA A O   1 
ATOM   417  C  CB  . ALA A 1 58  ? -16.988 -2.617  -7.602  1.00 54.94  ? 369 ALA A CB  1 
ATOM   418  N  N   . ASP A 1 59  ? -15.703 -1.842  -10.314 1.00 57.92  ? 370 ASP A N   1 
ATOM   419  C  CA  . ASP A 1 59  ? -15.294 -1.998  -11.708 1.00 58.23  ? 370 ASP A CA  1 
ATOM   420  C  C   . ASP A 1 59  ? -13.788 -1.793  -11.857 1.00 54.83  ? 370 ASP A C   1 
ATOM   421  O  O   . ASP A 1 59  ? -13.083 -2.644  -12.421 1.00 58.16  ? 370 ASP A O   1 
ATOM   422  C  CB  . ASP A 1 59  ? -15.988 -0.988  -12.614 1.00 60.60  ? 370 ASP A CB  1 
ATOM   423  C  CG  . ASP A 1 59  ? -17.368 -1.442  -13.016 1.00 67.40  ? 370 ASP A CG  1 
ATOM   424  O  OD1 . ASP A 1 59  ? -17.446 -2.310  -13.897 1.00 67.77  ? 370 ASP A OD1 1 
ATOM   425  O  OD2 . ASP A 1 59  ? -18.345 -0.950  -12.413 1.00 83.59  ? 370 ASP A OD2 1 
ATOM   426  N  N   . GLU A 1 60  ? -13.312 -0.647  -11.363 1.00 51.59  ? 371 GLU A N   1 
ATOM   427  C  CA  . GLU A 1 60  ? -11.937 -0.236  -11.622 1.00 54.94  ? 371 GLU A CA  1 
ATOM   428  C  C   . GLU A 1 60  ? -10.972 -1.141  -10.841 1.00 51.97  ? 371 GLU A C   1 
ATOM   429  O  O   . GLU A 1 60  ? -9.846  -1.369  -11.289 1.00 54.52  ? 371 GLU A O   1 
ATOM   430  C  CB  . GLU A 1 60  ? -11.742 1.248   -11.302 1.00 55.98  ? 371 GLU A CB  1 
ATOM   431  C  CG  . GLU A 1 60  ? -12.505 2.167   -12.236 1.00 56.04  ? 371 GLU A CG  1 
ATOM   432  C  CD  . GLU A 1 60  ? -12.046 2.123   -13.681 1.00 60.72  ? 371 GLU A CD  1 
ATOM   433  O  OE1 . GLU A 1 60  ? -10.830 2.237   -13.912 1.00 64.17  ? 371 GLU A OE1 1 
ATOM   434  O  OE2 . GLU A 1 60  ? -12.902 1.955   -14.571 1.00 65.38  ? 371 GLU A OE2 1 
ATOM   435  N  N   . ALA A 1 61  ? -11.421 -1.660  -9.692  1.00 48.20  ? 372 ALA A N   1 
ATOM   436  C  CA  . ALA A 1 61  ? -10.616 -2.553  -8.900  1.00 47.12  ? 372 ALA A CA  1 
ATOM   437  C  C   . ALA A 1 61  ? -10.341 -3.839  -9.698  1.00 49.36  ? 372 ALA A C   1 
ATOM   438  O  O   . ALA A 1 61  ? -9.193  -4.302  -9.747  1.00 47.83  ? 372 ALA A O   1 
ATOM   439  C  CB  . ALA A 1 61  ? -11.293 -2.825  -7.585  1.00 50.71  ? 372 ALA A CB  1 
ATOM   440  N  N   . LEU A 1 62  ? -11.375 -4.365  -10.373 1.00 49.34  ? 373 LEU A N   1 
ATOM   441  C  CA  . LEU A 1 62  ? -11.252 -5.590  -11.138 1.00 52.96  ? 373 LEU A CA  1 
ATOM   442  C  C   . LEU A 1 62  ? -10.335 -5.392  -12.350 1.00 52.64  ? 373 LEU A C   1 
ATOM   443  O  O   . LEU A 1 62  ? -9.518  -6.276  -12.651 1.00 48.45  ? 373 LEU A O   1 
ATOM   444  C  CB  . LEU A 1 62  ? -12.641 -6.068  -11.562 1.00 57.64  ? 373 LEU A CB  1 
ATOM   445  C  CG  . LEU A 1 62  ? -13.535 -6.588  -10.434 1.00 66.33  ? 373 LEU A CG  1 
ATOM   446  C  CD1 . LEU A 1 62  ? -14.650 -7.449  -11.009 1.00 74.94  ? 373 LEU A CD1 1 
ATOM   447  C  CD2 . LEU A 1 62  ? -12.759 -7.377  -9.384  1.00 64.66  ? 373 LEU A CD2 1 
ATOM   448  N  N   . LYS A 1 63  ? -10.477 -4.243  -13.023 1.00 51.52  ? 374 LYS A N   1 
ATOM   449  C  CA  . LYS A 1 63  ? -9.526  -3.775  -14.036 1.00 51.23  ? 374 LYS A CA  1 
ATOM   450  C  C   . LYS A 1 63  ? -8.094  -3.804  -13.486 1.00 47.06  ? 374 LYS A C   1 
ATOM   451  O  O   . LYS A 1 63  ? -7.185  -4.434  -14.074 1.00 46.17  ? 374 LYS A O   1 
ATOM   452  C  CB  . LYS A 1 63  ? -9.842  -2.336  -14.448 1.00 57.70  ? 374 LYS A CB  1 
ATOM   453  C  CG  . LYS A 1 63  ? -11.077 -2.130  -15.316 1.00 62.12  ? 374 LYS A CG  1 
ATOM   454  C  CD  . LYS A 1 63  ? -11.210 -0.680  -15.753 1.00 65.74  ? 374 LYS A CD  1 
ATOM   455  C  CE  . LYS A 1 63  ? -12.366 -0.414  -16.691 1.00 69.63  ? 374 LYS A CE  1 
ATOM   456  N  NZ  . LYS A 1 63  ? -12.080 -0.944  -18.044 1.00 77.52  ? 374 LYS A NZ  1 
ATOM   457  N  N   . PHE A 1 64  ? -7.912  -3.119  -12.351 1.00 42.84  ? 375 PHE A N   1 
ATOM   458  C  CA  . PHE A 1 64  ? -6.624  -2.973  -11.676 1.00 40.82  ? 375 PHE A CA  1 
ATOM   459  C  C   . PHE A 1 64  ? -5.972  -4.326  -11.385 1.00 40.35  ? 375 PHE A C   1 
ATOM   460  O  O   . PHE A 1 64  ? -4.811  -4.516  -11.730 1.00 42.46  ? 375 PHE A O   1 
ATOM   461  C  CB  . PHE A 1 64  ? -6.772  -2.261  -10.336 1.00 37.29  ? 375 PHE A CB  1 
ATOM   462  C  CG  . PHE A 1 64  ? -5.487  -2.087  -9.565  1.00 36.06  ? 375 PHE A CG  1 
ATOM   463  C  CD1 . PHE A 1 64  ? -4.599  -1.078  -9.888  1.00 35.83  ? 375 PHE A CD1 1 
ATOM   464  C  CD2 . PHE A 1 64  ? -5.179  -2.919  -8.494  1.00 34.56  ? 375 PHE A CD2 1 
ATOM   465  C  CE1 . PHE A 1 64  ? -3.425  -0.914  -9.165  1.00 39.29  ? 375 PHE A CE1 1 
ATOM   466  C  CE2 . PHE A 1 64  ? -4.014  -2.754  -7.762  1.00 35.42  ? 375 PHE A CE2 1 
ATOM   467  C  CZ  . PHE A 1 64  ? -3.142  -1.750  -8.096  1.00 39.27  ? 375 PHE A CZ  1 
ATOM   468  N  N   . TRP A 1 65  ? -6.725  -5.215  -10.718 1.00 39.29  ? 376 TRP A N   1 
ATOM   469  C  CA  . TRP A 1 65  ? -6.196  -6.448  -10.154 1.00 40.42  ? 376 TRP A CA  1 
ATOM   470  C  C   . TRP A 1 65  ? -5.974  -7.504  -11.247 1.00 45.60  ? 376 TRP A C   1 
ATOM   471  O  O   . TRP A 1 65  ? -5.033  -8.291  -11.171 1.00 44.12  ? 376 TRP A O   1 
ATOM   472  C  CB  . TRP A 1 65  ? -7.095  -6.967  -9.024  1.00 42.51  ? 376 TRP A CB  1 
ATOM   473  C  CG  . TRP A 1 65  ? -6.928  -6.214  -7.738  1.00 40.08  ? 376 TRP A CG  1 
ATOM   474  C  CD1 . TRP A 1 65  ? -7.788  -5.299  -7.186  1.00 41.88  ? 376 TRP A CD1 1 
ATOM   475  C  CD2 . TRP A 1 65  ? -5.786  -6.272  -6.865  1.00 39.93  ? 376 TRP A CD2 1 
ATOM   476  N  NE1 . TRP A 1 65  ? -7.275  -4.812  -6.014  1.00 38.13  ? 376 TRP A NE1 1 
ATOM   477  C  CE2 . TRP A 1 65  ? -6.044  -5.383  -5.797  1.00 40.00  ? 376 TRP A CE2 1 
ATOM   478  C  CE3 . TRP A 1 65  ? -4.589  -7.003  -6.870  1.00 39.26  ? 376 TRP A CE3 1 
ATOM   479  C  CZ2 . TRP A 1 65  ? -5.133  -5.202  -4.755  1.00 38.85  ? 376 TRP A CZ2 1 
ATOM   480  C  CZ3 . TRP A 1 65  ? -3.690  -6.823  -5.841  1.00 37.18  ? 376 TRP A CZ3 1 
ATOM   481  C  CH2 . TRP A 1 65  ? -3.963  -5.930  -4.802  1.00 40.45  ? 376 TRP A CH2 1 
ATOM   482  N  N   . SER A 1 66  ? -6.882  -7.525  -12.226 1.00 49.66  ? 377 SER A N   1 
ATOM   483  C  CA  . SER A 1 66  ? -6.840  -8.413  -13.353 1.00 50.70  ? 377 SER A CA  1 
ATOM   484  C  C   . SER A 1 66  ? -5.651  -8.073  -14.254 1.00 51.78  ? 377 SER A C   1 
ATOM   485  O  O   . SER A 1 66  ? -4.909  -8.975  -14.667 1.00 51.93  ? 377 SER A O   1 
ATOM   486  C  CB  . SER A 1 66  ? -8.121  -8.322  -14.104 1.00 53.88  ? 377 SER A CB  1 
ATOM   487  O  OG  . SER A 1 66  ? -8.312  -6.992  -14.556 1.00 58.93  ? 377 SER A OG  1 
ATOM   488  N  N   . GLU A 1 67  ? -5.497  -6.775  -14.563 1.00 49.61  ? 378 GLU A N   1 
ATOM   489  C  CA  . GLU A 1 67  ? -4.358  -6.295  -15.336 1.00 49.13  ? 378 GLU A CA  1 
ATOM   490  C  C   . GLU A 1 67  ? -3.050  -6.602  -14.585 1.00 52.40  ? 378 GLU A C   1 
ATOM   491  O  O   . GLU A 1 67  ? -2.099  -7.152  -15.195 1.00 47.64  ? 378 GLU A O   1 
ATOM   492  C  CB  . GLU A 1 67  ? -4.492  -4.807  -15.645 1.00 53.65  ? 378 GLU A CB  1 
ATOM   493  C  CG  . GLU A 1 67  ? -3.431  -4.294  -16.611 1.00 56.88  ? 378 GLU A CG  1 
ATOM   494  C  CD  . GLU A 1 67  ? -2.086  -3.949  -15.985 1.00 62.84  ? 378 GLU A CD  1 
ATOM   495  O  OE1 . GLU A 1 67  ? -2.080  -3.310  -14.895 1.00 63.01  ? 378 GLU A OE1 1 
ATOM   496  O  OE2 . GLU A 1 67  ? -1.041  -4.324  -16.580 1.00 59.19  ? 378 GLU A OE2 1 
ATOM   497  N  N   . ALA A 1 68  ? -2.999  -6.276  -13.279 1.00 46.48  ? 379 ALA A N   1 
ATOM   498  C  CA  . ALA A 1 68  ? -1.779  -6.448  -12.489 1.00 43.11  ? 379 ALA A CA  1 
ATOM   499  C  C   . ALA A 1 68  ? -1.299  -7.910  -12.491 1.00 47.79  ? 379 ALA A C   1 
ATOM   500  O  O   . ALA A 1 68  ? -0.086  -8.159  -12.593 1.00 41.50  ? 379 ALA A O   1 
ATOM   501  C  CB  . ALA A 1 68  ? -1.995  -5.980  -11.083 1.00 44.20  ? 379 ALA A CB  1 
ATOM   502  N  N   . PHE A 1 69  ? -2.243  -8.850  -12.331 1.00 48.09  ? 380 PHE A N   1 
ATOM   503  C  CA  . PHE A 1 69  ? -1.932  -10.247 -12.081 1.00 50.15  ? 380 PHE A CA  1 
ATOM   504  C  C   . PHE A 1 69  ? -1.554  -10.965 -13.390 1.00 53.75  ? 380 PHE A C   1 
ATOM   505  O  O   . PHE A 1 69  ? -0.747  -11.923 -13.390 1.00 48.07  ? 380 PHE A O   1 
ATOM   506  C  CB  . PHE A 1 69  ? -3.094  -10.938 -11.366 1.00 49.59  ? 380 PHE A CB  1 
ATOM   507  C  CG  . PHE A 1 69  ? -3.058  -10.886 -9.857  1.00 51.49  ? 380 PHE A CG  1 
ATOM   508  C  CD1 . PHE A 1 69  ? -2.631  -9.755  -9.177  1.00 49.64  ? 380 PHE A CD1 1 
ATOM   509  C  CD2 . PHE A 1 69  ? -3.508  -11.963 -9.105  1.00 48.99  ? 380 PHE A CD2 1 
ATOM   510  C  CE1 . PHE A 1 69  ? -2.641  -9.709  -7.792  1.00 46.75  ? 380 PHE A CE1 1 
ATOM   511  C  CE2 . PHE A 1 69  ? -3.522  -11.913 -7.718  1.00 46.95  ? 380 PHE A CE2 1 
ATOM   512  C  CZ  . PHE A 1 69  ? -3.095  -10.785 -7.065  1.00 43.52  ? 380 PHE A CZ  1 
ATOM   513  N  N   . THR A 1 70  ? -2.130  -10.506 -14.507 1.00 53.94  ? 381 THR A N   1 
ATOM   514  C  CA  . THR A 1 70  ? -1.903  -11.143 -15.806 1.00 55.08  ? 381 THR A CA  1 
ATOM   515  C  C   . THR A 1 70  ? -0.722  -10.476 -16.542 1.00 54.30  ? 381 THR A C   1 
ATOM   516  O  O   . THR A 1 70  ? -0.208  -11.035 -17.509 1.00 54.76  ? 381 THR A O   1 
ATOM   517  C  CB  . THR A 1 70  ? -3.216  -11.171 -16.599 1.00 52.34  ? 381 THR A CB  1 
ATOM   518  O  OG1 . THR A 1 70  ? -3.625  -9.824  -16.833 1.00 49.71  ? 381 THR A OG1 1 
ATOM   519  C  CG2 . THR A 1 70  ? -4.315  -11.930 -15.884 1.00 49.05  ? 381 THR A CG2 1 
ATOM   520  N  N   . ARG A 1 71  ? -0.271  -9.310  -16.055 1.00 48.61  ? 382 ARG A N   1 
ATOM   521  C  CA  . ARG A 1 71  ? 0.781   -8.508  -16.686 1.00 53.60  ? 382 ARG A CA  1 
ATOM   522  C  C   . ARG A 1 71  ? 1.988   -9.391  -17.078 1.00 55.18  ? 382 ARG A C   1 
ATOM   523  O  O   . ARG A 1 71  ? 2.218   -10.452 -16.503 1.00 56.32  ? 382 ARG A O   1 
ATOM   524  C  CB  . ARG A 1 71  ? 1.184   -7.364  -15.748 1.00 52.72  ? 382 ARG A CB  1 
ATOM   525  C  CG  . ARG A 1 71  ? 1.901   -6.202  -16.419 1.00 52.72  ? 382 ARG A CG  1 
ATOM   526  C  CD  . ARG A 1 71  ? 2.348   -5.146  -15.416 1.00 53.34  ? 382 ARG A CD  1 
ATOM   527  N  NE  . ARG A 1 71  ? 1.234   -4.385  -14.850 1.00 55.16  ? 382 ARG A NE  1 
ATOM   528  C  CZ  . ARG A 1 71  ? 1.360   -3.294  -14.100 1.00 53.51  ? 382 ARG A CZ  1 
ATOM   529  N  NH1 . ARG A 1 71  ? 2.560   -2.915  -13.701 1.00 50.77  ? 382 ARG A NH1 1 
ATOM   530  N  NH2 . ARG A 1 71  ? 0.292   -2.582  -13.756 1.00 49.40  ? 382 ARG A NH2 1 
ATOM   531  N  N   . ASN A 1 72  ? 2.730   -8.934  -18.096 1.00 55.74  ? 383 ASN A N   1 
ATOM   532  C  CA  . ASN A 1 72  ? 3.947   -9.552  -18.601 1.00 61.68  ? 383 ASN A CA  1 
ATOM   533  C  C   . ASN A 1 72  ? 3.792   -11.079 -18.627 1.00 61.27  ? 383 ASN A C   1 
ATOM   534  O  O   . ASN A 1 72  ? 4.739   -11.786 -18.348 1.00 64.47  ? 383 ASN A O   1 
ATOM   535  C  CB  . ASN A 1 72  ? 5.159   -9.096  -17.784 1.00 70.12  ? 383 ASN A CB  1 
ATOM   536  C  CG  . ASN A 1 72  ? 6.363   -8.722  -18.628 1.00 77.98  ? 383 ASN A CG  1 
ATOM   537  O  OD1 . ASN A 1 72  ? 6.599   -9.301  -19.688 1.00 89.20  ? 383 ASN A OD1 1 
ATOM   538  N  ND2 . ASN A 1 72  ? 7.138   -7.758  -18.159 1.00 79.98  ? 383 ASN A ND2 1 
ATOM   539  N  N   . GLY A 1 73  ? 2.586   -11.554 -18.976 1.00 65.78  ? 384 GLY A N   1 
ATOM   540  C  CA  . GLY A 1 73  ? 2.218   -12.974 -19.056 1.00 62.47  ? 384 GLY A CA  1 
ATOM   541  C  C   . GLY A 1 73  ? 2.581   -13.770 -17.812 1.00 67.73  ? 384 GLY A C   1 
ATOM   542  O  O   . GLY A 1 73  ? 3.261   -14.776 -17.911 1.00 71.09  ? 384 GLY A O   1 
ATOM   543  N  N   . ASN A 1 74  ? 2.108   -13.336 -16.636 1.00 74.16  ? 385 ASN A N   1 
ATOM   544  C  CA  . ASN A 1 74  ? 2.368   -14.053 -15.373 1.00 71.17  ? 385 ASN A CA  1 
ATOM   545  C  C   . ASN A 1 74  ? 1.370   -15.209 -15.233 1.00 66.63  ? 385 ASN A C   1 
ATOM   546  O  O   . ASN A 1 74  ? 1.712   -16.284 -14.754 1.00 74.55  ? 385 ASN A O   1 
ATOM   547  C  CB  . ASN A 1 74  ? 2.320   -13.128 -14.151 1.00 70.55  ? 385 ASN A CB  1 
ATOM   548  C  CG  . ASN A 1 74  ? 2.602   -13.844 -12.842 1.00 70.31  ? 385 ASN A CG  1 
ATOM   549  O  OD1 . ASN A 1 74  ? 3.320   -14.845 -12.811 1.00 69.66  ? 385 ASN A OD1 1 
ATOM   550  N  ND2 . ASN A 1 74  ? 2.047   -13.343 -11.749 1.00 62.20  ? 385 ASN A ND2 1 
ATOM   551  N  N   . MET A 1 75  ? 0.121   -14.961 -15.623 1.00 64.18  ? 386 MET A N   1 
ATOM   552  C  CA  . MET A 1 75  ? -0.923  -15.975 -15.599 1.00 61.41  ? 386 MET A CA  1 
ATOM   553  C  C   . MET A 1 75  ? -1.983  -15.584 -16.632 1.00 60.03  ? 386 MET A C   1 
ATOM   554  O  O   . MET A 1 75  ? -2.175  -14.394 -16.919 1.00 60.17  ? 386 MET A O   1 
ATOM   555  C  CB  . MET A 1 75  ? -1.571  -16.086 -14.213 1.00 61.33  ? 386 MET A CB  1 
ATOM   556  C  CG  . MET A 1 75  ? -2.485  -14.903 -13.870 1.00 60.54  ? 386 MET A CG  1 
ATOM   557  S  SD  . MET A 1 75  ? -3.208  -14.968 -12.217 1.00 57.75  ? 386 MET A SD  1 
ATOM   558  C  CE  . MET A 1 75  ? -1.770  -14.595 -11.215 1.00 55.14  ? 386 MET A CE  1 
ATOM   559  N  N   . THR A 1 76  ? -2.664  -16.590 -17.180 1.00 62.93  ? 387 THR A N   1 
ATOM   560  C  CA  . THR A 1 76  ? -3.717  -16.355 -18.155 1.00 65.14  ? 387 THR A CA  1 
ATOM   561  C  C   . THR A 1 76  ? -4.854  -15.635 -17.430 1.00 64.31  ? 387 THR A C   1 
ATOM   562  O  O   . THR A 1 76  ? -4.870  -15.592 -16.202 1.00 69.13  ? 387 THR A O   1 
ATOM   563  C  CB  . THR A 1 76  ? -4.204  -17.654 -18.810 1.00 69.00  ? 387 THR A CB  1 
ATOM   564  O  OG1 . THR A 1 76  ? -5.091  -18.298 -17.890 1.00 73.03  ? 387 THR A OG1 1 
ATOM   565  C  CG2 . THR A 1 76  ? -3.071  -18.576 -19.220 1.00 69.31  ? 387 THR A CG2 1 
ATOM   566  N  N   . MET A 1 77  ? -5.788  -15.075 -18.197 1.00 57.82  ? 388 MET A N   1 
ATOM   567  C  CA  . MET A 1 77  ? -6.927  -14.397 -17.625 1.00 63.30  ? 388 MET A CA  1 
ATOM   568  C  C   . MET A 1 77  ? -7.922  -15.446 -17.107 1.00 67.58  ? 388 MET A C   1 
ATOM   569  O  O   . MET A 1 77  ? -8.786  -15.130 -16.275 1.00 69.26  ? 388 MET A O   1 
ATOM   570  C  CB  . MET A 1 77  ? -7.603  -13.494 -18.662 1.00 62.03  ? 388 MET A CB  1 
ATOM   571  C  CG  . MET A 1 77  ? -8.608  -12.517 -18.071 1.00 63.26  ? 388 MET A CG  1 
ATOM   572  S  SD  . MET A 1 77  ? -7.790  -11.090 -17.332 1.00 65.82  ? 388 MET A SD  1 
ATOM   573  C  CE  . MET A 1 77  ? -9.196  -10.035 -16.975 1.00 68.14  ? 388 MET A CE  1 
ATOM   574  N  N   . GLU A 1 78  ? -7.809  -16.684 -17.614 1.00 69.88  ? 389 GLU A N   1 
ATOM   575  C  CA  . GLU A 1 78  ? -8.616  -17.816 -17.135 1.00 74.12  ? 389 GLU A CA  1 
ATOM   576  C  C   . GLU A 1 78  ? -8.264  -18.065 -15.667 1.00 70.87  ? 389 GLU A C   1 
ATOM   577  O  O   . GLU A 1 78  ? -9.129  -18.018 -14.798 1.00 62.90  ? 389 GLU A O   1 
ATOM   578  C  CB  . GLU A 1 78  ? -8.370  -19.078 -17.972 1.00 76.85  ? 389 GLU A CB  1 
ATOM   579  N  N   . LYS A 1 79  ? -6.967  -18.298 -15.427 1.00 71.07  ? 390 LYS A N   1 
ATOM   580  C  CA  . LYS A 1 79  ? -6.382  -18.464 -14.094 1.00 73.49  ? 390 LYS A CA  1 
ATOM   581  C  C   . LYS A 1 79  ? -6.830  -17.323 -13.162 1.00 70.78  ? 390 LYS A C   1 
ATOM   582  O  O   . LYS A 1 79  ? -7.330  -17.573 -12.066 1.00 71.45  ? 390 LYS A O   1 
ATOM   583  C  CB  . LYS A 1 79  ? -4.856  -18.555 -14.206 1.00 77.60  ? 390 LYS A CB  1 
ATOM   584  C  CG  . LYS A 1 79  ? -4.136  -18.891 -12.908 1.00 81.80  ? 390 LYS A CG  1 
ATOM   585  C  CD  . LYS A 1 79  ? -3.058  -19.944 -13.059 1.00 87.93  ? 390 LYS A CD  1 
ATOM   586  C  CE  . LYS A 1 79  ? -2.386  -20.288 -11.745 1.00 93.91  ? 390 LYS A CE  1 
ATOM   587  N  NZ  . LYS A 1 79  ? -2.243  -21.753 -11.564 1.00 97.89  ? 390 LYS A NZ  1 
ATOM   588  N  N   . PHE A 1 80  ? -6.672  -16.067 -13.592 1.00 63.30  ? 391 PHE A N   1 
ATOM   589  C  CA  . PHE A 1 80  ? -7.108  -14.953 -12.765 1.00 59.60  ? 391 PHE A CA  1 
ATOM   590  C  C   . PHE A 1 80  ? -8.600  -15.097 -12.435 1.00 60.34  ? 391 PHE A C   1 
ATOM   591  O  O   . PHE A 1 80  ? -9.002  -14.994 -11.274 1.00 59.60  ? 391 PHE A O   1 
ATOM   592  C  CB  . PHE A 1 80  ? -6.854  -13.596 -13.421 1.00 54.71  ? 391 PHE A CB  1 
ATOM   593  C  CG  . PHE A 1 80  ? -7.319  -12.471 -12.533 1.00 54.50  ? 391 PHE A CG  1 
ATOM   594  C  CD1 . PHE A 1 80  ? -6.497  -11.986 -11.525 1.00 49.50  ? 391 PHE A CD1 1 
ATOM   595  C  CD2 . PHE A 1 80  ? -8.616  -11.981 -12.624 1.00 53.45  ? 391 PHE A CD2 1 
ATOM   596  C  CE1 . PHE A 1 80  ? -6.946  -10.984 -10.677 1.00 50.41  ? 391 PHE A CE1 1 
ATOM   597  C  CE2 . PHE A 1 80  ? -9.066  -10.990 -11.762 1.00 48.76  ? 391 PHE A CE2 1 
ATOM   598  C  CZ  . PHE A 1 80  ? -8.228  -10.489 -10.796 1.00 48.44  ? 391 PHE A CZ  1 
ATOM   599  N  N   . ASN A 1 81  ? -9.412  -15.337 -13.471 1.00 65.89  ? 392 ASN A N   1 
ATOM   600  C  CA  . ASN A 1 81  ? -10.862 -15.517 -13.344 1.00 67.53  ? 392 ASN A CA  1 
ATOM   601  C  C   . ASN A 1 81  ? -11.187 -16.705 -12.423 1.00 65.19  ? 392 ASN A C   1 
ATOM   602  O  O   . ASN A 1 81  ? -12.144 -16.655 -11.652 1.00 59.97  ? 392 ASN A O   1 
ATOM   603  C  CB  . ASN A 1 81  ? -11.517 -15.714 -14.716 1.00 70.02  ? 392 ASN A CB  1 
ATOM   604  C  CG  . ASN A 1 81  ? -11.682 -14.431 -15.501 1.00 74.76  ? 392 ASN A CG  1 
ATOM   605  O  OD1 . ASN A 1 81  ? -12.323 -14.431 -16.551 1.00 76.27  ? 392 ASN A OD1 1 
ATOM   606  N  ND2 . ASN A 1 81  ? -11.118 -13.338 -15.007 1.00 67.23  ? 392 ASN A ND2 1 
ATOM   607  N  N   . LYS A 1 82  ? -10.385 -17.771 -12.531 1.00 69.40  ? 393 LYS A N   1 
ATOM   608  C  CA  . LYS A 1 82  ? -10.599 -19.039 -11.835 1.00 72.90  ? 393 LYS A CA  1 
ATOM   609  C  C   . LYS A 1 82  ? -10.176 -18.932 -10.361 1.00 69.59  ? 393 LYS A C   1 
ATOM   610  O  O   . LYS A 1 82  ? -10.867 -19.447 -9.482  1.00 66.58  ? 393 LYS A O   1 
ATOM   611  C  CB  . LYS A 1 82  ? -9.816  -20.157 -12.537 1.00 73.99  ? 393 LYS A CB  1 
ATOM   612  N  N   . GLU A 1 83  ? -9.050  -18.262 -10.095 1.00 66.22  ? 394 GLU A N   1 
ATOM   613  C  CA  . GLU A 1 83  ? -8.382  -18.359 -8.795  1.00 64.87  ? 394 GLU A CA  1 
ATOM   614  C  C   . GLU A 1 83  ? -8.558  -17.098 -7.924  1.00 64.18  ? 394 GLU A C   1 
ATOM   615  O  O   . GLU A 1 83  ? -8.415  -17.208 -6.707  1.00 66.41  ? 394 GLU A O   1 
ATOM   616  C  CB  . GLU A 1 83  ? -6.903  -18.684 -8.998  1.00 62.40  ? 394 GLU A CB  1 
ATOM   617  C  CG  . GLU A 1 83  ? -6.688  -20.002 -9.722  1.00 64.09  ? 394 GLU A CG  1 
ATOM   618  C  CD  . GLU A 1 83  ? -5.298  -20.608 -9.615  1.00 68.86  ? 394 GLU A CD  1 
ATOM   619  O  OE1 . GLU A 1 83  ? -4.498  -20.139 -8.770  1.00 79.19  ? 394 GLU A OE1 1 
ATOM   620  O  OE2 . GLU A 1 83  ? -5.013  -21.556 -10.380 1.00 73.74  ? 394 GLU A OE2 1 
ATOM   621  N  N   . LEU A 1 84  ? -8.849  -15.918 -8.495  1.00 59.34  ? 395 LEU A N   1 
ATOM   622  C  CA  . LEU A 1 84  ? -8.685  -14.680 -7.707  1.00 56.71  ? 395 LEU A CA  1 
ATOM   623  C  C   . LEU A 1 84  ? -9.820  -13.660 -7.924  1.00 58.61  ? 395 LEU A C   1 
ATOM   624  O  O   . LEU A 1 84  ? -10.071 -12.839 -7.043  1.00 56.65  ? 395 LEU A O   1 
ATOM   625  C  CB  . LEU A 1 84  ? -7.285  -14.122 -8.000  1.00 56.56  ? 395 LEU A CB  1 
ATOM   626  C  CG  . LEU A 1 84  ? -6.143  -14.951 -7.392  1.00 60.09  ? 395 LEU A CG  1 
ATOM   627  C  CD1 . LEU A 1 84  ? -5.010  -15.225 -8.379  1.00 58.86  ? 395 LEU A CD1 1 
ATOM   628  C  CD2 . LEU A 1 84  ? -5.611  -14.325 -6.115  1.00 54.88  ? 395 LEU A CD2 1 
ATOM   629  N  N   . ARG A 1 85  ? -10.553 -13.723 -9.040  1.00 62.69  ? 396 ARG A N   1 
ATOM   630  C  CA  . ARG A 1 85  ? -11.570 -12.694 -9.333  1.00 65.52  ? 396 ARG A CA  1 
ATOM   631  C  C   . ARG A 1 85  ? -12.613 -12.629 -8.208  1.00 60.62  ? 396 ARG A C   1 
ATOM   632  O  O   . ARG A 1 85  ? -13.013 -11.539 -7.799  1.00 58.39  ? 396 ARG A O   1 
ATOM   633  C  CB  . ARG A 1 85  ? -12.245 -12.943 -10.687 1.00 72.37  ? 396 ARG A CB  1 
ATOM   634  C  CG  . ARG A 1 85  ? -13.544 -12.170 -10.887 1.00 72.53  ? 396 ARG A CG  1 
ATOM   635  C  CD  . ARG A 1 85  ? -14.103 -12.277 -12.295 1.00 75.92  ? 396 ARG A CD  1 
ATOM   636  N  NE  . ARG A 1 85  ? -13.147 -11.767 -13.268 1.00 77.76  ? 396 ARG A NE  1 
ATOM   637  C  CZ  . ARG A 1 85  ? -13.056 -10.498 -13.653 1.00 81.95  ? 396 ARG A CZ  1 
ATOM   638  N  NH1 . ARG A 1 85  ? -14.045 -9.652  -13.407 1.00 80.54  ? 396 ARG A NH1 1 
ATOM   639  N  NH2 . ARG A 1 85  ? -11.966 -10.077 -14.276 1.00 77.41  ? 396 ARG A NH2 1 
ATOM   640  N  N   . TYR A 1 86  ? -13.060 -13.799 -7.736  1.00 64.96  ? 397 TYR A N   1 
ATOM   641  C  CA  . TYR A 1 86  ? -14.100 -13.912 -6.694  1.00 68.89  ? 397 TYR A CA  1 
ATOM   642  C  C   . TYR A 1 86  ? -13.689 -13.123 -5.447  1.00 63.58  ? 397 TYR A C   1 
ATOM   643  O  O   . TYR A 1 86  ? -14.453 -12.303 -4.941  1.00 63.89  ? 397 TYR A O   1 
ATOM   644  C  CB  . TYR A 1 86  ? -14.347 -15.380 -6.323  1.00 72.37  ? 397 TYR A CB  1 
ATOM   645  C  CG  . TYR A 1 86  ? -15.385 -15.595 -5.248  1.00 77.35  ? 397 TYR A CG  1 
ATOM   646  C  CD1 . TYR A 1 86  ? -16.737 -15.569 -5.547  1.00 82.61  ? 397 TYR A CD1 1 
ATOM   647  C  CD2 . TYR A 1 86  ? -15.022 -15.831 -3.929  1.00 77.96  ? 397 TYR A CD2 1 
ATOM   648  C  CE1 . TYR A 1 86  ? -17.700 -15.764 -4.568  1.00 84.98  ? 397 TYR A CE1 1 
ATOM   649  C  CE2 . TYR A 1 86  ? -15.971 -16.023 -2.937  1.00 75.34  ? 397 TYR A CE2 1 
ATOM   650  C  CZ  . TYR A 1 86  ? -17.316 -15.990 -3.260  1.00 80.41  ? 397 TYR A CZ  1 
ATOM   651  O  OH  . TYR A 1 86  ? -18.271 -16.189 -2.306  1.00 77.03  ? 397 TYR A OH  1 
ATOM   652  N  N   . SER A 1 87  ? -12.475 -13.410 -4.969  1.00 59.22  ? 398 SER A N   1 
ATOM   653  C  CA  . SER A 1 87  ? -11.882 -12.778 -3.793  1.00 62.87  ? 398 SER A CA  1 
ATOM   654  C  C   . SER A 1 87  ? -12.063 -11.253 -3.813  1.00 61.89  ? 398 SER A C   1 
ATOM   655  O  O   . SER A 1 87  ? -12.506 -10.662 -2.822  1.00 60.65  ? 398 SER A O   1 
ATOM   656  C  CB  . SER A 1 87  ? -10.424 -13.135 -3.697  1.00 62.10  ? 398 SER A CB  1 
ATOM   657  O  OG  . SER A 1 87  ? -10.266 -14.447 -3.192  1.00 68.49  ? 398 SER A OG  1 
ATOM   658  N  N   . PHE A 1 88  ? -11.686 -10.622 -4.935  1.00 61.28  ? 399 PHE A N   1 
ATOM   659  C  CA  . PHE A 1 88  ? -11.666 -9.165  -5.041  1.00 58.13  ? 399 PHE A CA  1 
ATOM   660  C  C   . PHE A 1 88  ? -13.104 -8.643  -5.121  1.00 59.12  ? 399 PHE A C   1 
ATOM   661  O  O   . PHE A 1 88  ? -13.440 -7.639  -4.497  1.00 64.95  ? 399 PHE A O   1 
ATOM   662  C  CB  . PHE A 1 88  ? -10.809 -8.709  -6.226  1.00 54.03  ? 399 PHE A CB  1 
ATOM   663  C  CG  . PHE A 1 88  ? -9.339  -9.024  -6.111  1.00 49.35  ? 399 PHE A CG  1 
ATOM   664  C  CD1 . PHE A 1 88  ? -8.530  -8.340  -5.221  1.00 45.62  ? 399 PHE A CD1 1 
ATOM   665  C  CD2 . PHE A 1 88  ? -8.758  -10.004 -6.902  1.00 48.11  ? 399 PHE A CD2 1 
ATOM   666  C  CE1 . PHE A 1 88  ? -7.180  -8.632  -5.120  1.00 45.65  ? 399 PHE A CE1 1 
ATOM   667  C  CE2 . PHE A 1 88  ? -7.406  -10.290 -6.806  1.00 44.36  ? 399 PHE A CE2 1 
ATOM   668  C  CZ  . PHE A 1 88  ? -6.616  -9.596  -5.923  1.00 45.45  ? 399 PHE A CZ  1 
ATOM   669  N  N   . ARG A 1 89  ? -13.948 -9.346  -5.878  1.00 63.90  ? 400 ARG A N   1 
ATOM   670  C  CA  . ARG A 1 89  ? -15.374 -9.050  -5.926  1.00 68.64  ? 400 ARG A CA  1 
ATOM   671  C  C   . ARG A 1 89  ? -15.935 -9.066  -4.495  1.00 64.08  ? 400 ARG A C   1 
ATOM   672  O  O   . ARG A 1 89  ? -16.649 -8.148  -4.084  1.00 61.08  ? 400 ARG A O   1 
ATOM   673  C  CB  . ARG A 1 89  ? -16.078 -10.031 -6.874  1.00 75.92  ? 400 ARG A CB  1 
ATOM   674  C  CG  . ARG A 1 89  ? -15.985 -9.639  -8.344  1.00 82.45  ? 400 ARG A CG  1 
ATOM   675  C  CD  . ARG A 1 89  ? -16.379 -10.738 -9.321  1.00 88.48  ? 400 ARG A CD  1 
ATOM   676  N  NE  . ARG A 1 89  ? -17.822 -10.901 -9.425  1.00 96.84  ? 400 ARG A NE  1 
ATOM   677  C  CZ  . ARG A 1 89  ? -18.629 -10.102 -10.118 1.00 104.41 ? 400 ARG A CZ  1 
ATOM   678  N  NH1 . ARG A 1 89  ? -18.128 -9.144  -10.882 1.00 107.90 ? 400 ARG A NH1 1 
ATOM   679  N  NH2 . ARG A 1 89  ? -19.938 -10.259 -10.036 1.00 105.94 ? 400 ARG A NH2 1 
ATOM   680  N  N   . HIS A 1 90  ? -15.552 -10.086 -3.724  1.00 62.94  ? 401 HIS A N   1 
ATOM   681  C  CA  . HIS A 1 90  ? -15.989 -10.237 -2.338  1.00 62.26  ? 401 HIS A CA  1 
ATOM   682  C  C   . HIS A 1 90  ? -15.693 -8.968  -1.528  1.00 59.69  ? 401 HIS A C   1 
ATOM   683  O  O   . HIS A 1 90  ? -16.540 -8.526  -0.741  1.00 54.90  ? 401 HIS A O   1 
ATOM   684  C  CB  . HIS A 1 90  ? -15.344 -11.479 -1.707  1.00 63.62  ? 401 HIS A CB  1 
ATOM   685  C  CG  . HIS A 1 90  ? -15.841 -11.764 -0.332  1.00 64.11  ? 401 HIS A CG  1 
ATOM   686  N  ND1 . HIS A 1 90  ? -17.182 -11.903 -0.048  1.00 57.98  ? 401 HIS A ND1 1 
ATOM   687  C  CD2 . HIS A 1 90  ? -15.188 -11.925 0.838   1.00 66.04  ? 401 HIS A CD2 1 
ATOM   688  C  CE1 . HIS A 1 90  ? -17.332 -12.139 1.235   1.00 60.12  ? 401 HIS A CE1 1 
ATOM   689  N  NE2 . HIS A 1 90  ? -16.129 -12.154 1.800   1.00 62.87  ? 401 HIS A NE2 1 
ATOM   690  N  N   . ASN A 1 91  ? -14.499 -8.393  -1.745  1.00 62.91  ? 402 ASN A N   1 
ATOM   691  C  CA  . ASN A 1 91  ? -13.958 -7.262  -0.958  1.00 60.04  ? 402 ASN A CA  1 
ATOM   692  C  C   . ASN A 1 91  ? -14.792 -5.992  -1.170  1.00 57.92  ? 402 ASN A C   1 
ATOM   693  O  O   . ASN A 1 91  ? -14.792 -5.121  -0.327  1.00 55.15  ? 402 ASN A O   1 
ATOM   694  C  CB  . ASN A 1 91  ? -12.478 -7.019  -1.262  1.00 54.91  ? 402 ASN A CB  1 
ATOM   695  C  CG  . ASN A 1 91  ? -11.578 -8.118  -0.725  1.00 58.48  ? 402 ASN A CG  1 
ATOM   696  O  OD1 . ASN A 1 91  ? -12.009 -8.931  0.093   1.00 58.58  ? 402 ASN A OD1 1 
ATOM   697  N  ND2 . ASN A 1 91  ? -10.326 -8.154  -1.164  1.00 52.72  ? 402 ASN A ND2 1 
ATOM   698  N  N   . TYR A 1 92  ? -15.484 -5.890  -2.306  1.00 65.94  ? 403 TYR A N   1 
ATOM   699  C  CA  . TYR A 1 92  ? -16.440 -4.807  -2.536  1.00 71.06  ? 403 TYR A CA  1 
ATOM   700  C  C   . TYR A 1 92  ? -17.878 -5.293  -2.325  1.00 76.32  ? 403 TYR A C   1 
ATOM   701  O  O   . TYR A 1 92  ? -18.811 -4.494  -2.347  1.00 85.57  ? 403 TYR A O   1 
ATOM   702  C  CB  . TYR A 1 92  ? -16.298 -4.246  -3.950  1.00 69.78  ? 403 TYR A CB  1 
ATOM   703  C  CG  . TYR A 1 92  ? -15.115 -3.340  -4.166  1.00 65.77  ? 403 TYR A CG  1 
ATOM   704  C  CD1 . TYR A 1 92  ? -13.830 -3.848  -4.299  1.00 66.13  ? 403 TYR A CD1 1 
ATOM   705  C  CD2 . TYR A 1 92  ? -15.290 -1.971  -4.279  1.00 60.94  ? 403 TYR A CD2 1 
ATOM   706  C  CE1 . TYR A 1 92  ? -12.746 -3.014  -4.518  1.00 62.19  ? 403 TYR A CE1 1 
ATOM   707  C  CE2 . TYR A 1 92  ? -14.218 -1.124  -4.499  1.00 61.30  ? 403 TYR A CE2 1 
ATOM   708  C  CZ  . TYR A 1 92  ? -12.944 -1.649  -4.629  1.00 57.67  ? 403 TYR A CZ  1 
ATOM   709  O  OH  . TYR A 1 92  ? -11.891 -0.818  -4.861  1.00 52.39  ? 403 TYR A OH  1 
ATOM   710  N  N   . GLY A 1 93  ? -18.052 -6.604  -2.137  1.00 85.00  ? 404 GLY A N   1 
ATOM   711  C  CA  . GLY A 1 93  ? -19.361 -7.197  -1.887  1.00 88.25  ? 404 GLY A CA  1 
ATOM   712  C  C   . GLY A 1 93  ? -20.151 -7.397  -3.170  1.00 86.94  ? 404 GLY A C   1 
ATOM   713  O  O   . GLY A 1 93  ? -21.371 -7.269  -3.177  1.00 91.02  ? 404 GLY A O   1 
ATOM   714  N  N   . LEU A 1 94  ? -19.445 -7.739  -4.255  1.00 84.26  ? 405 LEU A N   1 
ATOM   715  C  CA  . LEU A 1 94  ? -20.066 -8.100  -5.525  1.00 88.48  ? 405 LEU A CA  1 
ATOM   716  C  C   . LEU A 1 94  ? -20.469 -9.585  -5.503  1.00 94.94  ? 405 LEU A C   1 
ATOM   717  O  O   . LEU A 1 94  ? -20.607 -10.212 -6.568  1.00 100.50 ? 405 LEU A O   1 
ATOM   718  C  CB  . LEU A 1 94  ? -19.089 -7.804  -6.671  1.00 81.90  ? 405 LEU A CB  1 
ATOM   719  C  CG  . LEU A 1 94  ? -18.668 -6.346  -6.849  1.00 69.16  ? 405 LEU A CG  1 
ATOM   720  C  CD1 . LEU A 1 94  ? -17.736 -6.220  -8.043  1.00 67.81  ? 405 LEU A CD1 1 
ATOM   721  C  CD2 . LEU A 1 94  ? -19.875 -5.425  -7.001  1.00 66.21  ? 405 LEU A CD2 1 
ATOM   722  N  N   . GLU A 1 95  ? -20.641 -10.135 -4.289  1.00 94.75  ? 406 GLU A N   1 
ATOM   723  C  CA  . GLU A 1 95  ? -21.206 -11.466 -4.046  1.00 92.71  ? 406 GLU A CA  1 
ATOM   724  C  C   . GLU A 1 95  ? -22.227 -11.381 -2.899  1.00 91.94  ? 406 GLU A C   1 
ATOM   725  O  O   . GLU A 1 95  ? -23.327 -10.808 -3.026  1.00 69.59  ? 406 GLU A O   1 
ATOM   726  C  CB  . GLU A 1 95  ? -20.092 -12.462 -3.711  1.00 92.14  ? 406 GLU A CB  1 
ATOM   727  C  CG  . GLU A 1 95  ? -19.036 -12.602 -4.799  1.00 92.43  ? 406 GLU A CG  1 
ATOM   728  C  CD  . GLU A 1 95  ? -19.493 -13.264 -6.089  1.00 94.20  ? 406 GLU A CD  1 
ATOM   729  O  OE1 . GLU A 1 95  ? -20.634 -13.759 -6.135  1.00 99.31  ? 406 GLU A OE1 1 
ATOM   730  O  OE2 . GLU A 1 95  ? -18.701 -13.290 -7.050  1.00 97.31  ? 406 GLU A OE2 1 
ATOM   731  N  N   . ARG A 1 98  ? -21.902 -10.243 2.372   1.00 79.38  ? 409 ARG A N   1 
ATOM   732  C  CA  . ARG A 1 98  ? -22.402 -8.898  2.657   1.00 85.30  ? 409 ARG A CA  1 
ATOM   733  C  C   . ARG A 1 98  ? -21.791 -8.362  3.965   1.00 86.32  ? 409 ARG A C   1 
ATOM   734  O  O   . ARG A 1 98  ? -22.475 -7.702  4.749   1.00 88.48  ? 409 ARG A O   1 
ATOM   735  C  CB  . ARG A 1 98  ? -23.933 -8.912  2.735   1.00 80.16  ? 409 ARG A CB  1 
ATOM   736  N  N   . ILE A 1 99  ? -20.505 -8.648  4.192   1.00 85.11  ? 410 ILE A N   1 
ATOM   737  C  CA  . ILE A 1 99  ? -19.718 -7.993  5.238   1.00 87.38  ? 410 ILE A CA  1 
ATOM   738  C  C   . ILE A 1 99  ? -19.275 -6.634  4.687   1.00 86.34  ? 410 ILE A C   1 
ATOM   739  O  O   . ILE A 1 99  ? -19.061 -6.494  3.484   1.00 86.52  ? 410 ILE A O   1 
ATOM   740  C  CB  . ILE A 1 99  ? -18.502 -8.848  5.660   1.00 94.31  ? 410 ILE A CB  1 
ATOM   741  C  CG1 . ILE A 1 99  ? -18.894 -10.280 6.048   1.00 92.19  ? 410 ILE A CG1 1 
ATOM   742  C  CG2 . ILE A 1 99  ? -17.710 -8.152  6.763   1.00 96.60  ? 410 ILE A CG2 1 
ATOM   743  C  CD1 . ILE A 1 99  ? -18.415 -11.343 5.076   1.00 86.25  ? 410 ILE A CD1 1 
ATOM   744  N  N   . ASN A 1 100 ? -19.149 -5.633  5.563   1.00 88.47  ? 411 ASN A N   1 
ATOM   745  C  CA  . ASN A 1 100 ? -18.604 -4.337  5.155   1.00 87.46  ? 411 ASN A CA  1 
ATOM   746  C  C   . ASN A 1 100 ? -17.141 -4.285  5.613   1.00 82.36  ? 411 ASN A C   1 
ATOM   747  O  O   . ASN A 1 100 ? -16.846 -3.978  6.769   1.00 81.22  ? 411 ASN A O   1 
ATOM   748  C  CB  . ASN A 1 100 ? -19.453 -3.160  5.648   1.00 87.90  ? 411 ASN A CB  1 
ATOM   749  C  CG  . ASN A 1 100 ? -19.638 -2.083  4.595   1.00 89.14  ? 411 ASN A CG  1 
ATOM   750  O  OD1 . ASN A 1 100 ? -19.049 -2.150  3.513   1.00 81.63  ? 411 ASN A OD1 1 
ATOM   751  N  ND2 . ASN A 1 100 ? -20.468 -1.094  4.892   1.00 81.79  ? 411 ASN A ND2 1 
ATOM   752  N  N   . TYR A 1 101 ? -16.245 -4.646  4.687   1.00 73.31  ? 412 TYR A N   1 
ATOM   753  C  CA  . TYR A 1 101 ? -14.821 -4.654  4.908   1.00 67.73  ? 412 TYR A CA  1 
ATOM   754  C  C   . TYR A 1 101 ? -14.285 -3.218  4.865   1.00 63.61  ? 412 TYR A C   1 
ATOM   755  O  O   . TYR A 1 101 ? -14.082 -2.645  3.787   1.00 66.07  ? 412 TYR A O   1 
ATOM   756  C  CB  . TYR A 1 101 ? -14.111 -5.487  3.846   1.00 67.98  ? 412 TYR A CB  1 
ATOM   757  C  CG  . TYR A 1 101 ? -14.371 -6.965  3.916   1.00 69.31  ? 412 TYR A CG  1 
ATOM   758  C  CD1 . TYR A 1 101 ? -13.627 -7.777  4.756   1.00 72.60  ? 412 TYR A CD1 1 
ATOM   759  C  CD2 . TYR A 1 101 ? -15.331 -7.561  3.113   1.00 73.79  ? 412 TYR A CD2 1 
ATOM   760  C  CE1 . TYR A 1 101 ? -13.840 -9.144  4.812   1.00 77.35  ? 412 TYR A CE1 1 
ATOM   761  C  CE2 . TYR A 1 101 ? -15.561 -8.926  3.161   1.00 77.57  ? 412 TYR A CE2 1 
ATOM   762  C  CZ  . TYR A 1 101 ? -14.811 -9.720  4.011   1.00 78.48  ? 412 TYR A CZ  1 
ATOM   763  O  OH  . TYR A 1 101 ? -15.029 -11.065 4.061   1.00 87.95  ? 412 TYR A OH  1 
ATOM   764  N  N   . LYS A 1 102 ? -14.050 -2.658  6.055   1.00 58.43  ? 413 LYS A N   1 
ATOM   765  C  CA  . LYS A 1 102 ? -13.501 -1.334  6.204   1.00 59.81  ? 413 LYS A CA  1 
ATOM   766  C  C   . LYS A 1 102 ? -12.007 -1.386  5.888   1.00 58.37  ? 413 LYS A C   1 
ATOM   767  O  O   . LYS A 1 102 ? -11.356 -2.406  6.105   1.00 52.19  ? 413 LYS A O   1 
ATOM   768  C  CB  . LYS A 1 102 ? -13.783 -0.815  7.619   1.00 63.52  ? 413 LYS A CB  1 
ATOM   769  N  N   . PRO A 1 103 ? -11.421 -0.298  5.341   1.00 56.15  ? 414 PRO A N   1 
ATOM   770  C  CA  . PRO A 1 103 ? -9.970  -0.212  5.164   1.00 54.93  ? 414 PRO A CA  1 
ATOM   771  C  C   . PRO A 1 103 ? -9.208  -0.355  6.495   1.00 53.52  ? 414 PRO A C   1 
ATOM   772  O  O   . PRO A 1 103 ? -9.625  0.212   7.503   1.00 47.66  ? 414 PRO A O   1 
ATOM   773  C  CB  . PRO A 1 103 ? -9.746  1.190   4.573   1.00 53.40  ? 414 PRO A CB  1 
ATOM   774  C  CG  . PRO A 1 103 ? -11.098 1.604   4.016   1.00 53.80  ? 414 PRO A CG  1 
ATOM   775  C  CD  . PRO A 1 103 ? -12.129 0.894   4.859   1.00 50.28  ? 414 PRO A CD  1 
ATOM   776  N  N   . TRP A 1 104 ? -8.100  -1.107  6.477   1.00 46.61  ? 415 TRP A N   1 
ATOM   777  C  CA  . TRP A 1 104 ? -7.282  -1.336  7.654   1.00 47.89  ? 415 TRP A CA  1 
ATOM   778  C  C   . TRP A 1 104 ? -6.644  -0.030  8.151   1.00 50.33  ? 415 TRP A C   1 
ATOM   779  O  O   . TRP A 1 104 ? -6.175  0.811   7.364   1.00 56.47  ? 415 TRP A O   1 
ATOM   780  C  CB  . TRP A 1 104 ? -6.204  -2.386  7.362   1.00 46.64  ? 415 TRP A CB  1 
ATOM   781  C  CG  . TRP A 1 104 ? -6.748  -3.737  7.028   1.00 47.29  ? 415 TRP A CG  1 
ATOM   782  C  CD1 . TRP A 1 104 ? -8.057  -4.134  7.025   1.00 46.31  ? 415 TRP A CD1 1 
ATOM   783  C  CD2 . TRP A 1 104 ? -5.977  -4.896  6.682   1.00 39.06  ? 415 TRP A CD2 1 
ATOM   784  N  NE1 . TRP A 1 104 ? -8.150  -5.457  6.676   1.00 41.86  ? 415 TRP A NE1 1 
ATOM   785  C  CE2 . TRP A 1 104 ? -6.888  -5.950  6.470   1.00 41.01  ? 415 TRP A CE2 1 
ATOM   786  C  CE3 . TRP A 1 104 ? -4.609  -5.137  6.521   1.00 41.38  ? 415 TRP A CE3 1 
ATOM   787  C  CZ2 . TRP A 1 104 ? -6.466  -7.231  6.101   1.00 39.42  ? 415 TRP A CZ2 1 
ATOM   788  C  CZ3 . TRP A 1 104 ? -4.190  -6.407  6.189   1.00 39.94  ? 415 TRP A CZ3 1 
ATOM   789  C  CH2 . TRP A 1 104 ? -5.110  -7.432  5.967   1.00 39.93  ? 415 TRP A CH2 1 
ATOM   790  N  N   . ASP A 1 105 ? -6.613  0.121   9.477   1.00 52.60  ? 416 ASP A N   1 
ATOM   791  C  CA  . ASP A 1 105 ? -5.921  1.220   10.145  1.00 54.74  ? 416 ASP A CA  1 
ATOM   792  C  C   . ASP A 1 105 ? -4.495  0.757   10.458  1.00 55.40  ? 416 ASP A C   1 
ATOM   793  O  O   . ASP A 1 105 ? -4.167  -0.428  10.275  1.00 53.53  ? 416 ASP A O   1 
ATOM   794  C  CB  . ASP A 1 105 ? -6.677  1.681   11.399  1.00 58.17  ? 416 ASP A CB  1 
ATOM   795  C  CG  . ASP A 1 105 ? -6.840  0.608   12.459  1.00 62.94  ? 416 ASP A CG  1 
ATOM   796  O  OD1 . ASP A 1 105 ? -7.642  -0.326  12.236  1.00 71.24  ? 416 ASP A OD1 1 
ATOM   797  O  OD2 . ASP A 1 105 ? -6.147  0.699   13.483  1.00 70.53  ? 416 ASP A OD2 1 
ATOM   798  N  N   . CYS A 1 106 ? -3.664  1.704   10.920  1.00 52.07  ? 417 CYS A N   1 
ATOM   799  C  CA  . CYS A 1 106 ? -2.253  1.456   11.263  1.00 49.23  ? 417 CYS A CA  1 
ATOM   800  C  C   . CYS A 1 106 ? -2.156  0.368   12.374  1.00 48.86  ? 417 CYS A C   1 
ATOM   801  O  O   . CYS A 1 106 ? -1.300  -0.511  12.323  1.00 52.00  ? 417 CYS A O   1 
ATOM   802  C  CB  . CYS A 1 106 ? -1.535  2.767   11.613  1.00 42.45  ? 417 CYS A CB  1 
ATOM   803  S  SG  . CYS A 1 106 ? -1.437  4.045   10.314  1.00 40.64  ? 417 CYS A SG  1 
ATOM   804  N  N   . HIS A 1 107 ? -3.065  0.365   13.357  1.00 53.67  ? 418 HIS A N   1 
ATOM   805  C  CA  . HIS A 1 107 ? -3.031  -0.632  14.482  1.00 55.01  ? 418 HIS A CA  1 
ATOM   806  C  C   . HIS A 1 107 ? -3.415  -2.035  13.987  1.00 50.21  ? 418 HIS A C   1 
ATOM   807  O  O   . HIS A 1 107 ? -2.876  -3.043  14.457  1.00 50.32  ? 418 HIS A O   1 
ATOM   808  C  CB  . HIS A 1 107 ? -3.950  -0.190  15.637  1.00 59.65  ? 418 HIS A CB  1 
ATOM   809  C  CG  . HIS A 1 107 ? -3.745  -0.952  16.907  1.00 68.29  ? 418 HIS A CG  1 
ATOM   810  N  ND1 . HIS A 1 107 ? -2.639  -0.756  17.723  1.00 74.56  ? 418 HIS A ND1 1 
ATOM   811  C  CD2 . HIS A 1 107 ? -4.495  -1.901  17.514  1.00 71.37  ? 418 HIS A CD2 1 
ATOM   812  C  CE1 . HIS A 1 107 ? -2.720  -1.553  18.773  1.00 72.19  ? 418 HIS A CE1 1 
ATOM   813  N  NE2 . HIS A 1 107 ? -3.849  -2.265  18.668  1.00 72.49  ? 418 HIS A NE2 1 
ATOM   814  N  N   . THR A 1 108 ? -4.388  -2.079  13.074  1.00 47.12  ? 419 THR A N   1 
ATOM   815  C  CA  . THR A 1 108 ? -4.840  -3.283  12.423  1.00 46.62  ? 419 THR A CA  1 
ATOM   816  C  C   . THR A 1 108 ? -3.678  -3.910  11.628  1.00 49.52  ? 419 THR A C   1 
ATOM   817  O  O   . THR A 1 108 ? -3.458  -5.119  11.685  1.00 49.92  ? 419 THR A O   1 
ATOM   818  C  CB  . THR A 1 108 ? -6.033  -2.967  11.515  1.00 48.54  ? 419 THR A CB  1 
ATOM   819  O  OG1 . THR A 1 108 ? -7.099  -2.424  12.304  1.00 52.36  ? 419 THR A OG1 1 
ATOM   820  C  CG2 . THR A 1 108 ? -6.514  -4.175  10.737  1.00 44.18  ? 419 THR A CG2 1 
ATOM   821  N  N   . ILE A 1 109 ? -2.948  -3.070  10.881  1.00 46.77  ? 420 ILE A N   1 
ATOM   822  C  CA  . ILE A 1 109 ? -1.899  -3.514  9.972   1.00 48.69  ? 420 ILE A CA  1 
ATOM   823  C  C   . ILE A 1 109 ? -0.789  -4.164  10.797  1.00 49.63  ? 420 ILE A C   1 
ATOM   824  O  O   . ILE A 1 109 ? -0.323  -5.214  10.451  1.00 45.00  ? 420 ILE A O   1 
ATOM   825  C  CB  . ILE A 1 109 ? -1.368  -2.354  9.095   1.00 48.42  ? 420 ILE A CB  1 
ATOM   826  C  CG1 . ILE A 1 109 ? -2.400  -1.940  8.047   1.00 48.36  ? 420 ILE A CG1 1 
ATOM   827  C  CG2 . ILE A 1 109 ? -0.032  -2.718  8.435   1.00 49.71  ? 420 ILE A CG2 1 
ATOM   828  C  CD1 . ILE A 1 109 ? -2.124  -0.612  7.391   1.00 49.96  ? 420 ILE A CD1 1 
ATOM   829  N  N   . LEU A 1 110 ? -0.393  -3.505  11.886  1.00 52.62  ? 421 LEU A N   1 
ATOM   830  C  CA  . LEU A 1 110 ? 0.664   -3.990  12.780  1.00 54.65  ? 421 LEU A CA  1 
ATOM   831  C  C   . LEU A 1 110 ? 0.230   -5.287  13.489  1.00 52.93  ? 421 LEU A C   1 
ATOM   832  O  O   . LEU A 1 110 ? 1.053   -6.197  13.670  1.00 56.27  ? 421 LEU A O   1 
ATOM   833  C  CB  . LEU A 1 110 ? 1.012   -2.872  13.768  1.00 55.02  ? 421 LEU A CB  1 
ATOM   834  C  CG  . LEU A 1 110 ? 1.737   -1.676  13.145  1.00 54.38  ? 421 LEU A CG  1 
ATOM   835  C  CD1 . LEU A 1 110 ? 1.551   -0.399  13.968  1.00 50.77  ? 421 LEU A CD1 1 
ATOM   836  C  CD2 . LEU A 1 110 ? 3.214   -1.993  12.963  1.00 51.69  ? 421 LEU A CD2 1 
ATOM   837  N  N   . SER A 1 111 ? -1.061  -5.397  13.827  1.00 47.47  ? 422 SER A N   1 
ATOM   838  C  CA  . SER A 1 111 ? -1.641  -6.588  14.518  1.00 46.28  ? 422 SER A CA  1 
ATOM   839  C  C   . SER A 1 111 ? -1.539  -7.862  13.680  1.00 41.76  ? 422 SER A C   1 
ATOM   840  O  O   . SER A 1 111 ? -1.641  -8.939  14.217  1.00 44.47  ? 422 SER A O   1 
ATOM   841  C  CB  . SER A 1 111 ? -3.080  -6.354  14.887  1.00 46.42  ? 422 SER A CB  1 
ATOM   842  O  OG  . SER A 1 111 ? -3.181  -5.252  15.779  1.00 53.28  ? 422 SER A OG  1 
ATOM   843  N  N   . LYS A 1 112 ? -1.419  -7.727  12.362  1.00 39.45  ? 423 LYS A N   1 
ATOM   844  C  CA  . LYS A 1 112 ? -1.449  -8.870  11.473  1.00 41.21  ? 423 LYS A CA  1 
ATOM   845  C  C   . LYS A 1 112 ? -0.140  -9.638  11.603  1.00 40.25  ? 423 LYS A C   1 
ATOM   846  O  O   . LYS A 1 112 ? 0.876   -9.077  11.986  1.00 42.59  ? 423 LYS A O   1 
ATOM   847  C  CB  . LYS A 1 112 ? -1.647  -8.431  10.018  1.00 43.28  ? 423 LYS A CB  1 
ATOM   848  C  CG  . LYS A 1 112 ? -2.971  -7.748  9.715   1.00 45.44  ? 423 LYS A CG  1 
ATOM   849  C  CD  . LYS A 1 112 ? -4.186  -8.636  9.851   1.00 45.86  ? 423 LYS A CD  1 
ATOM   850  C  CE  . LYS A 1 112 ? -5.461  -7.818  9.823   1.00 50.08  ? 423 LYS A CE  1 
ATOM   851  N  NZ  . LYS A 1 112 ? -6.679  -8.649  9.681   1.00 51.24  ? 423 LYS A NZ  1 
ATOM   852  N  N   . PRO A 1 113 ? -0.106  -10.938 11.255  1.00 39.50  ? 424 PRO A N   1 
ATOM   853  C  CA  . PRO A 1 113 ? 1.135   -11.703 11.370  1.00 43.70  ? 424 PRO A CA  1 
ATOM   854  C  C   . PRO A 1 113 ? 2.251   -10.940 10.662  1.00 44.37  ? 424 PRO A C   1 
ATOM   855  O  O   . PRO A 1 113 ? 2.044   -10.448 9.552   1.00 51.29  ? 424 PRO A O   1 
ATOM   856  C  CB  . PRO A 1 113 ? 0.810   -13.025 10.676  1.00 43.10  ? 424 PRO A CB  1 
ATOM   857  C  CG  . PRO A 1 113 ? -0.695  -13.156 10.883  1.00 44.70  ? 424 PRO A CG  1 
ATOM   858  C  CD  . PRO A 1 113 ? -1.237  -11.741 10.774  1.00 40.81  ? 424 PRO A CD  1 
ATOM   859  N  N   . ARG A 1 114 ? 3.398   -10.816 11.328  1.00 52.22  ? 425 ARG A N   1 
ATOM   860  C  CA  . ARG A 1 114 ? 4.583   -10.240 10.703  1.00 57.09  ? 425 ARG A CA  1 
ATOM   861  C  C   . ARG A 1 114 ? 4.739   -10.871 9.321   1.00 53.57  ? 425 ARG A C   1 
ATOM   862  O  O   . ARG A 1 114 ? 4.343   -12.021 9.120   1.00 48.84  ? 425 ARG A O   1 
ATOM   863  C  CB  . ARG A 1 114 ? 5.825   -10.440 11.581  1.00 61.95  ? 425 ARG A CB  1 
ATOM   864  C  CG  . ARG A 1 114 ? 5.933   -9.450  12.733  1.00 68.03  ? 425 ARG A CG  1 
ATOM   865  C  CD  . ARG A 1 114 ? 6.790   -9.935  13.892  1.00 72.77  ? 425 ARG A CD  1 
ATOM   866  N  NE  . ARG A 1 114 ? 7.055   -8.872  14.859  1.00 81.56  ? 425 ARG A NE  1 
ATOM   867  C  CZ  . ARG A 1 114 ? 6.171   -8.402  15.745  1.00 88.06  ? 425 ARG A CZ  1 
ATOM   868  N  NH1 . ARG A 1 114 ? 4.944   -8.897  15.790  1.00 90.94  ? 425 ARG A NH1 1 
ATOM   869  N  NH2 . ARG A 1 114 ? 6.513   -7.437  16.582  1.00 80.88  ? 425 ARG A NH2 1 
ATOM   870  N  N   . PRO A 1 115 ? 5.267   -10.116 8.327   1.00 51.56  ? 426 PRO A N   1 
ATOM   871  C  CA  . PRO A 1 115 ? 5.531   -10.644 6.990   1.00 50.78  ? 426 PRO A CA  1 
ATOM   872  C  C   . PRO A 1 115 ? 6.864   -11.401 6.936   1.00 48.72  ? 426 PRO A C   1 
ATOM   873  O  O   . PRO A 1 115 ? 7.839   -10.933 7.520   1.00 44.15  ? 426 PRO A O   1 
ATOM   874  C  CB  . PRO A 1 115 ? 5.635   -9.367  6.152   1.00 48.53  ? 426 PRO A CB  1 
ATOM   875  C  CG  . PRO A 1 115 ? 6.267   -8.380  7.096   1.00 47.15  ? 426 PRO A CG  1 
ATOM   876  C  CD  . PRO A 1 115 ? 5.687   -8.714  8.449   1.00 47.05  ? 426 PRO A CD  1 
ATOM   877  N  N   . GLY A 1 116 ? 6.869   -12.553 6.251   1.00 51.99  ? 427 GLY A N   1 
ATOM   878  C  CA  . GLY A 1 116 ? 8.096   -13.300 5.907   1.00 51.32  ? 427 GLY A CA  1 
ATOM   879  C  C   . GLY A 1 116 ? 8.463   -13.090 4.448   1.00 52.52  ? 427 GLY A C   1 
ATOM   880  O  O   . GLY A 1 116 ? 7.981   -12.138 3.829   1.00 52.62  ? 427 GLY A O   1 
ATOM   881  N  N   . ARG A 1 117 ? 9.303   -13.982 3.897   1.00 55.19  ? 428 ARG A N   1 
ATOM   882  C  CA  . ARG A 1 117 ? 9.763   -13.873 2.515   1.00 51.43  ? 428 ARG A CA  1 
ATOM   883  C  C   . ARG A 1 117 ? 8.542   -14.008 1.597   1.00 49.08  ? 428 ARG A C   1 
ATOM   884  O  O   . ARG A 1 117 ? 7.675   -14.835 1.843   1.00 49.29  ? 428 ARG A O   1 
ATOM   885  C  CB  . ARG A 1 117 ? 10.839  -14.922 2.193   1.00 52.88  ? 428 ARG A CB  1 
ATOM   886  N  N   . GLY A 1 118 ? 8.485   -13.161 0.561   1.00 49.58  ? 429 GLY A N   1 
ATOM   887  C  CA  . GLY A 1 118 ? 7.382   -13.119 -0.391  1.00 47.26  ? 429 GLY A CA  1 
ATOM   888  C  C   . GLY A 1 118 ? 6.231   -12.227 0.072   1.00 50.32  ? 429 GLY A C   1 
ATOM   889  O  O   . GLY A 1 118 ? 5.246   -12.104 -0.640  1.00 53.29  ? 429 GLY A O   1 
ATOM   890  N  N   . ASP A 1 119 ? 6.360   -11.589 1.244   1.00 48.69  ? 430 ASP A N   1 
ATOM   891  C  CA  . ASP A 1 119 ? 5.258   -10.830 1.862   1.00 53.45  ? 430 ASP A CA  1 
ATOM   892  C  C   . ASP A 1 119 ? 5.553   -9.329  1.810   1.00 50.69  ? 430 ASP A C   1 
ATOM   893  O  O   . ASP A 1 119 ? 6.677   -8.898  2.068   1.00 52.71  ? 430 ASP A O   1 
ATOM   894  C  CB  . ASP A 1 119 ? 5.026   -11.243 3.316   1.00 56.88  ? 430 ASP A CB  1 
ATOM   895  C  CG  . ASP A 1 119 ? 4.333   -12.583 3.479   1.00 57.63  ? 430 ASP A CG  1 
ATOM   896  O  OD1 . ASP A 1 119 ? 3.878   -13.145 2.455   1.00 55.52  ? 430 ASP A OD1 1 
ATOM   897  O  OD2 . ASP A 1 119 ? 4.245   -13.048 4.634   1.00 56.20  ? 430 ASP A OD2 1 
ATOM   898  N  N   . TYR A 1 120 ? 4.524   -8.547  1.470   1.00 44.92  ? 431 TYR A N   1 
ATOM   899  C  CA  . TYR A 1 120 ? 4.637   -7.102  1.315   1.00 45.83  ? 431 TYR A CA  1 
ATOM   900  C  C   . TYR A 1 120 ? 3.616   -6.363  2.203   1.00 46.93  ? 431 TYR A C   1 
ATOM   901  O  O   . TYR A 1 120 ? 3.524   -5.150  2.140   1.00 46.48  ? 431 TYR A O   1 
ATOM   902  C  CB  . TYR A 1 120 ? 4.490   -6.768  -0.175  1.00 48.59  ? 431 TYR A CB  1 
ATOM   903  C  CG  . TYR A 1 120 ? 5.620   -7.317  -1.009  1.00 45.80  ? 431 TYR A CG  1 
ATOM   904  C  CD1 . TYR A 1 120 ? 5.669   -8.657  -1.347  1.00 45.39  ? 431 TYR A CD1 1 
ATOM   905  C  CD2 . TYR A 1 120 ? 6.676   -6.514  -1.408  1.00 43.56  ? 431 TYR A CD2 1 
ATOM   906  C  CE1 . TYR A 1 120 ? 6.730   -9.188  -2.063  1.00 44.01  ? 431 TYR A CE1 1 
ATOM   907  C  CE2 . TYR A 1 120 ? 7.743   -7.028  -2.124  1.00 43.92  ? 431 TYR A CE2 1 
ATOM   908  C  CZ  . TYR A 1 120 ? 7.771   -8.370  -2.455  1.00 44.99  ? 431 TYR A CZ  1 
ATOM   909  O  OH  . TYR A 1 120 ? 8.814   -8.894  -3.172  1.00 52.95  ? 431 TYR A OH  1 
ATOM   910  N  N   . HIS A 1 121 ? 2.858   -7.079  3.037   1.00 43.85  ? 432 HIS A N   1 
ATOM   911  C  CA  . HIS A 1 121 ? 1.872   -6.430  3.962   1.00 43.18  ? 432 HIS A CA  1 
ATOM   912  C  C   . HIS A 1 121 ? 2.613   -5.973  5.216   1.00 43.68  ? 432 HIS A C   1 
ATOM   913  O  O   . HIS A 1 121 ? 3.775   -6.333  5.416   1.00 42.41  ? 432 HIS A O   1 
ATOM   914  C  CB  . HIS A 1 121 ? 0.773   -7.405  4.378   1.00 39.58  ? 432 HIS A CB  1 
ATOM   915  C  CG  . HIS A 1 121 ? 1.324   -8.534  5.179   1.00 45.76  ? 432 HIS A CG  1 
ATOM   916  N  ND1 . HIS A 1 121 ? 2.044   -9.592  4.591   1.00 42.81  ? 432 HIS A ND1 1 
ATOM   917  C  CD2 . HIS A 1 121 ? 1.356   -8.740  6.513   1.00 44.30  ? 432 HIS A CD2 1 
ATOM   918  C  CE1 . HIS A 1 121 ? 2.445   -10.408 5.542   1.00 43.70  ? 432 HIS A CE1 1 
ATOM   919  N  NE2 . HIS A 1 121 ? 2.036   -9.908  6.736   1.00 46.89  ? 432 HIS A NE2 1 
ATOM   920  N  N   . GLY A 1 122 ? 1.900   -5.263  6.099   1.00 42.55  ? 433 GLY A N   1 
ATOM   921  C  CA  . GLY A 1 122 ? 2.462   -4.815  7.378   1.00 39.80  ? 433 GLY A CA  1 
ATOM   922  C  C   . GLY A 1 122 ? 3.091   -3.446  7.237   1.00 40.07  ? 433 GLY A C   1 
ATOM   923  O  O   . GLY A 1 122 ? 2.741   -2.718  6.340   1.00 40.78  ? 433 GLY A O   1 
ATOM   924  N  N   . CYS A 1 123 ? 4.065   -3.120  8.094   1.00 43.56  ? 434 CYS A N   1 
ATOM   925  C  CA  . CYS A 1 123 ? 4.585   -1.752  8.148   1.00 48.78  ? 434 CYS A CA  1 
ATOM   926  C  C   . CYS A 1 123 ? 6.106   -1.683  7.987   1.00 43.13  ? 434 CYS A C   1 
ATOM   927  O  O   . CYS A 1 123 ? 6.838   -2.033  8.898   1.00 40.40  ? 434 CYS A O   1 
ATOM   928  C  CB  . CYS A 1 123 ? 4.181   -1.086  9.451   1.00 49.69  ? 434 CYS A CB  1 
ATOM   929  S  SG  . CYS A 1 123 ? 4.936   0.544   9.601   1.00 49.64  ? 434 CYS A SG  1 
ATOM   930  N  N   . PRO A 1 124 ? 6.620   -1.148  6.852   1.00 46.06  ? 435 PRO A N   1 
ATOM   931  C  CA  . PRO A 1 124 ? 8.063   -1.041  6.599   1.00 47.39  ? 435 PRO A CA  1 
ATOM   932  C  C   . PRO A 1 124 ? 8.943   -0.432  7.702   1.00 49.67  ? 435 PRO A C   1 
ATOM   933  O  O   . PRO A 1 124 ? 10.095  -0.887  7.893   1.00 45.16  ? 435 PRO A O   1 
ATOM   934  C  CB  . PRO A 1 124 ? 8.126   -0.104  5.384   1.00 49.24  ? 435 PRO A CB  1 
ATOM   935  C  CG  . PRO A 1 124 ? 6.848   -0.403  4.635   1.00 48.46  ? 435 PRO A CG  1 
ATOM   936  C  CD  . PRO A 1 124 ? 5.823   -0.639  5.722   1.00 47.58  ? 435 PRO A CD  1 
ATOM   937  N  N   . PHE A 1 125 ? 8.399   0.564   8.419   1.00 46.45  ? 436 PHE A N   1 
ATOM   938  C  CA  . PHE A 1 125 ? 9.078   1.228   9.531   1.00 49.82  ? 436 PHE A CA  1 
ATOM   939  C  C   . PHE A 1 125 ? 9.429   0.232   10.642  1.00 50.47  ? 436 PHE A C   1 
ATOM   940  O  O   . PHE A 1 125 ? 10.408  0.451   11.369  1.00 51.78  ? 436 PHE A O   1 
ATOM   941  C  CB  . PHE A 1 125 ? 8.211   2.362   10.093  1.00 52.36  ? 436 PHE A CB  1 
ATOM   942  C  CG  . PHE A 1 125 ? 8.061   3.514   9.138   1.00 53.72  ? 436 PHE A CG  1 
ATOM   943  C  CD1 . PHE A 1 125 ? 9.153   4.314   8.820   1.00 53.08  ? 436 PHE A CD1 1 
ATOM   944  C  CD2 . PHE A 1 125 ? 6.845   3.771   8.526   1.00 55.02  ? 436 PHE A CD2 1 
ATOM   945  C  CE1 . PHE A 1 125 ? 9.014   5.373   7.940   1.00 53.37  ? 436 PHE A CE1 1 
ATOM   946  C  CE2 . PHE A 1 125 ? 6.710   4.825   7.638   1.00 52.31  ? 436 PHE A CE2 1 
ATOM   947  C  CZ  . PHE A 1 125 ? 7.795   5.623   7.347   1.00 53.78  ? 436 PHE A CZ  1 
ATOM   948  N  N   . ARG A 1 126 ? 8.607   -0.817  10.794  1.00 50.52  ? 437 ARG A N   1 
ATOM   949  C  CA  . ARG A 1 126 ? 8.880   -1.930  11.692  1.00 50.92  ? 437 ARG A CA  1 
ATOM   950  C  C   . ARG A 1 126 ? 9.596   -3.065  10.932  1.00 52.68  ? 437 ARG A C   1 
ATOM   951  O  O   . ARG A 1 126 ? 10.474  -3.701  11.464  1.00 51.29  ? 437 ARG A O   1 
ATOM   952  C  CB  . ARG A 1 126 ? 7.564   -2.417  12.308  1.00 56.66  ? 437 ARG A CB  1 
ATOM   953  C  CG  . ARG A 1 126 ? 7.718   -3.432  13.433  1.00 57.97  ? 437 ARG A CG  1 
ATOM   954  C  CD  . ARG A 1 126 ? 7.493   -4.859  12.990  1.00 62.31  ? 437 ARG A CD  1 
ATOM   955  N  NE  . ARG A 1 126 ? 6.150   -5.050  12.460  1.00 66.79  ? 437 ARG A NE  1 
ATOM   956  C  CZ  . ARG A 1 126 ? 5.070   -5.273  13.202  1.00 74.43  ? 437 ARG A CZ  1 
ATOM   957  N  NH1 . ARG A 1 126 ? 5.174   -5.364  14.518  1.00 78.83  ? 437 ARG A NH1 1 
ATOM   958  N  NH2 . ARG A 1 126 ? 3.887   -5.401  12.626  1.00 72.09  ? 437 ARG A NH2 1 
ATOM   959  N  N   . ASP A 1 127 ? 9.203   -3.314  9.680   1.00 56.71  ? 438 ASP A N   1 
ATOM   960  C  CA  . ASP A 1 127 ? 9.487   -4.583  9.016   1.00 54.71  ? 438 ASP A CA  1 
ATOM   961  C  C   . ASP A 1 127 ? 10.815  -4.540  8.246   1.00 57.39  ? 438 ASP A C   1 
ATOM   962  O  O   . ASP A 1 127 ? 11.447  -5.574  8.098   1.00 59.30  ? 438 ASP A O   1 
ATOM   963  C  CB  . ASP A 1 127 ? 8.317   -4.985  8.116   1.00 53.59  ? 438 ASP A CB  1 
ATOM   964  C  CG  . ASP A 1 127 ? 7.066   -5.388  8.882   1.00 54.25  ? 438 ASP A CG  1 
ATOM   965  O  OD1 . ASP A 1 127 ? 7.203   -5.785  10.066  1.00 53.25  ? 438 ASP A OD1 1 
ATOM   966  O  OD2 . ASP A 1 127 ? 5.959   -5.305  8.291   1.00 51.56  ? 438 ASP A OD2 1 
ATOM   967  N  N   . TRP A 1 128 ? 11.222  -3.358  7.759   1.00 59.87  ? 439 TRP A N   1 
ATOM   968  C  CA  . TRP A 1 128 ? 12.463  -3.182  6.999   1.00 59.45  ? 439 TRP A CA  1 
ATOM   969  C  C   . TRP A 1 128 ? 13.674  -3.041  7.927   1.00 66.01  ? 439 TRP A C   1 
ATOM   970  O  O   . TRP A 1 128 ? 13.550  -2.742  9.112   1.00 70.55  ? 439 TRP A O   1 
ATOM   971  C  CB  . TRP A 1 128 ? 12.387  -1.971  6.065   1.00 56.35  ? 439 TRP A CB  1 
ATOM   972  C  CG  . TRP A 1 128 ? 11.520  -2.164  4.864   1.00 55.35  ? 439 TRP A CG  1 
ATOM   973  C  CD1 . TRP A 1 128 ? 10.886  -3.306  4.474   1.00 57.65  ? 439 TRP A CD1 1 
ATOM   974  C  CD2 . TRP A 1 128 ? 11.213  -1.177  3.867   1.00 55.01  ? 439 TRP A CD2 1 
ATOM   975  N  NE1 . TRP A 1 128 ? 10.201  -3.091  3.309   1.00 58.64  ? 439 TRP A NE1 1 
ATOM   976  C  CE2 . TRP A 1 128 ? 10.383  -1.795  2.912   1.00 55.66  ? 439 TRP A CE2 1 
ATOM   977  C  CE3 . TRP A 1 128 ? 11.551  0.170   3.694   1.00 57.77  ? 439 TRP A CE3 1 
ATOM   978  C  CZ2 . TRP A 1 128 ? 9.890   -1.115  1.800   1.00 56.65  ? 439 TRP A CZ2 1 
ATOM   979  C  CZ3 . TRP A 1 128 ? 11.067  0.841   2.595   1.00 56.76  ? 439 TRP A CZ3 1 
ATOM   980  C  CH2 . TRP A 1 128 ? 10.242  0.207   1.665   1.00 57.04  ? 439 TRP A CH2 1 
ATOM   981  N  N   . SER A 1 129 ? 14.855  -3.268  7.338   1.00 68.96  ? 440 SER A N   1 
ATOM   982  C  CA  . SER A 1 129 ? 16.147  -2.983  7.945   1.00 68.79  ? 440 SER A CA  1 
ATOM   983  C  C   . SER A 1 129 ? 16.402  -1.481  7.862   1.00 68.10  ? 440 SER A C   1 
ATOM   984  O  O   . SER A 1 129 ? 15.738  -0.782  7.097   1.00 64.72  ? 440 SER A O   1 
ATOM   985  C  CB  . SER A 1 129 ? 17.254  -3.722  7.243   1.00 69.61  ? 440 SER A CB  1 
ATOM   986  O  OG  . SER A 1 129 ? 17.708  -2.967  6.126   1.00 65.38  ? 440 SER A OG  1 
ATOM   987  N  N   . HIS A 1 130 ? 17.402  -1.007  8.607   1.00 71.87  ? 441 HIS A N   1 
ATOM   988  C  CA  . HIS A 1 130 ? 17.736  0.411   8.599   1.00 74.86  ? 441 HIS A CA  1 
ATOM   989  C  C   . HIS A 1 130 ? 18.421  0.762   7.271   1.00 73.72  ? 441 HIS A C   1 
ATOM   990  O  O   . HIS A 1 130 ? 18.266  1.887   6.774   1.00 66.93  ? 441 HIS A O   1 
ATOM   991  C  CB  . HIS A 1 130 ? 18.526  0.783   9.861   1.00 77.88  ? 441 HIS A CB  1 
ATOM   992  C  CG  . HIS A 1 130 ? 17.661  0.851   11.076  1.00 84.63  ? 441 HIS A CG  1 
ATOM   993  N  ND1 . HIS A 1 130 ? 17.352  2.045   11.700  1.00 93.84  ? 441 HIS A ND1 1 
ATOM   994  C  CD2 . HIS A 1 130 ? 17.006  -0.112  11.760  1.00 91.84  ? 441 HIS A CD2 1 
ATOM   995  C  CE1 . HIS A 1 130 ? 16.561  1.813   12.731  1.00 93.49  ? 441 HIS A CE1 1 
ATOM   996  N  NE2 . HIS A 1 130 ? 16.332  0.497   12.786  1.00 96.36  ? 441 HIS A NE2 1 
ATOM   997  N  N   . GLU A 1 131 ? 19.126  -0.223  6.690   1.00 71.94  ? 442 GLU A N   1 
ATOM   998  C  CA  . GLU A 1 131 ? 19.770  -0.089  5.376   1.00 74.45  ? 442 GLU A CA  1 
ATOM   999  C  C   . GLU A 1 131 ? 18.721  0.284   4.317   1.00 79.00  ? 442 GLU A C   1 
ATOM   1000 O  O   . GLU A 1 131 ? 18.858  1.302   3.635   1.00 84.31  ? 442 GLU A O   1 
ATOM   1001 C  CB  . GLU A 1 131 ? 20.495  -1.383  4.994   1.00 65.40  ? 442 GLU A CB  1 
ATOM   1002 N  N   . ARG A 1 132 ? 17.671  -0.543  4.208   1.00 80.82  ? 443 ARG A N   1 
ATOM   1003 C  CA  . ARG A 1 132 ? 16.666  -0.463  3.139   1.00 76.48  ? 443 ARG A CA  1 
ATOM   1004 C  C   . ARG A 1 132 ? 15.835  0.818   3.291   1.00 73.40  ? 443 ARG A C   1 
ATOM   1005 O  O   . ARG A 1 132 ? 15.521  1.479   2.295   1.00 76.90  ? 443 ARG A O   1 
ATOM   1006 C  CB  . ARG A 1 132 ? 15.771  -1.707  3.148   1.00 79.49  ? 443 ARG A CB  1 
ATOM   1007 C  CG  . ARG A 1 132 ? 14.572  -1.628  2.212   1.00 85.16  ? 443 ARG A CG  1 
ATOM   1008 C  CD  . ARG A 1 132 ? 13.975  -2.985  1.900   1.00 87.63  ? 443 ARG A CD  1 
ATOM   1009 N  NE  . ARG A 1 132 ? 14.768  -3.695  0.905   1.00 94.50  ? 443 ARG A NE  1 
ATOM   1010 C  CZ  . ARG A 1 132 ? 15.726  -4.586  1.170   1.00 98.19  ? 443 ARG A CZ  1 
ATOM   1011 N  NH1 . ARG A 1 132 ? 16.000  -4.932  2.420   1.00 98.73  ? 443 ARG A NH1 1 
ATOM   1012 N  NH2 . ARG A 1 132 ? 16.409  -5.132  0.178   1.00 92.66  ? 443 ARG A NH2 1 
ATOM   1013 N  N   . LEU A 1 133 ? 15.465  1.138   4.534   1.00 71.63  ? 444 LEU A N   1 
ATOM   1014 C  CA  . LEU A 1 133 ? 14.737  2.369   4.858   1.00 71.04  ? 444 LEU A CA  1 
ATOM   1015 C  C   . LEU A 1 133 ? 15.542  3.581   4.381   1.00 70.44  ? 444 LEU A C   1 
ATOM   1016 O  O   . LEU A 1 133 ? 15.006  4.439   3.682   1.00 67.34  ? 444 LEU A O   1 
ATOM   1017 C  CB  . LEU A 1 133 ? 14.504  2.444   6.371   1.00 73.93  ? 444 LEU A CB  1 
ATOM   1018 C  CG  . LEU A 1 133 ? 13.188  1.858   6.871   1.00 69.51  ? 444 LEU A CG  1 
ATOM   1019 C  CD1 . LEU A 1 133 ? 13.305  1.472   8.336   1.00 71.26  ? 444 LEU A CD1 1 
ATOM   1020 C  CD2 . LEU A 1 133 ? 12.048  2.841   6.654   1.00 69.38  ? 444 LEU A CD2 1 
ATOM   1021 N  N   . SER A 1 134 ? 16.827  3.629   4.763   1.00 73.66  ? 445 SER A N   1 
ATOM   1022 C  CA  . SER A 1 134 ? 17.732  4.722   4.384   1.00 73.15  ? 445 SER A CA  1 
ATOM   1023 C  C   . SER A 1 134 ? 17.563  5.036   2.893   1.00 68.46  ? 445 SER A C   1 
ATOM   1024 O  O   . SER A 1 134 ? 17.116  6.124   2.520   1.00 60.64  ? 445 SER A O   1 
ATOM   1025 C  CB  . SER A 1 134 ? 19.171  4.397   4.723   1.00 75.21  ? 445 SER A CB  1 
ATOM   1026 O  OG  . SER A 1 134 ? 19.386  4.424   6.126   1.00 81.84  ? 445 SER A OG  1 
ATOM   1027 N  N   . ALA A 1 135 ? 17.890  4.043   2.060   1.00 72.83  ? 446 ALA A N   1 
ATOM   1028 C  CA  . ALA A 1 135 ? 17.782  4.134   0.607   1.00 75.55  ? 446 ALA A CA  1 
ATOM   1029 C  C   . ALA A 1 135 ? 16.443  4.777   0.204   1.00 77.54  ? 446 ALA A C   1 
ATOM   1030 O  O   . ALA A 1 135 ? 16.410  5.798   -0.490  1.00 75.02  ? 446 ALA A O   1 
ATOM   1031 C  CB  . ALA A 1 135 ? 17.930  2.756   0.013   1.00 72.00  ? 446 ALA A CB  1 
ATOM   1032 N  N   . GLU A 1 136 ? 15.345  4.175   0.663   1.00 72.85  ? 447 GLU A N   1 
ATOM   1033 C  CA  . GLU A 1 136 ? 14.010  4.555   0.243   1.00 74.76  ? 447 GLU A CA  1 
ATOM   1034 C  C   . GLU A 1 136 ? 13.721  6.006   0.651   1.00 70.52  ? 447 GLU A C   1 
ATOM   1035 O  O   . GLU A 1 136 ? 13.020  6.726   -0.071  1.00 63.63  ? 447 GLU A O   1 
ATOM   1036 C  CB  . GLU A 1 136 ? 12.991  3.565   0.812   1.00 82.44  ? 447 GLU A CB  1 
ATOM   1037 C  CG  . GLU A 1 136 ? 12.844  2.318   -0.043  1.00 87.83  ? 447 GLU A CG  1 
ATOM   1038 C  CD  . GLU A 1 136 ? 12.222  2.592   -1.401  1.00 89.36  ? 447 GLU A CD  1 
ATOM   1039 O  OE1 . GLU A 1 136 ? 12.718  2.031   -2.400  1.00 93.44  ? 447 GLU A OE1 1 
ATOM   1040 O  OE2 . GLU A 1 136 ? 11.252  3.382   -1.456  1.00 84.35  ? 447 GLU A OE2 1 
ATOM   1041 N  N   . LEU A 1 137 ? 14.274  6.420   1.798   1.00 69.08  ? 448 LEU A N   1 
ATOM   1042 C  CA  . LEU A 1 137 ? 14.140  7.790   2.305   1.00 70.55  ? 448 LEU A CA  1 
ATOM   1043 C  C   . LEU A 1 137 ? 15.037  8.745   1.496   1.00 69.25  ? 448 LEU A C   1 
ATOM   1044 O  O   . LEU A 1 137 ? 14.636  9.881   1.210   1.00 61.99  ? 448 LEU A O   1 
ATOM   1045 C  CB  . LEU A 1 137 ? 14.483  7.808   3.799   1.00 70.71  ? 448 LEU A CB  1 
ATOM   1046 C  CG  . LEU A 1 137 ? 13.521  7.036   4.707   1.00 69.88  ? 448 LEU A CG  1 
ATOM   1047 C  CD1 . LEU A 1 137 ? 14.119  6.838   6.093   1.00 70.97  ? 448 LEU A CD1 1 
ATOM   1048 C  CD2 . LEU A 1 137 ? 12.170  7.731   4.812   1.00 71.36  ? 448 LEU A CD2 1 
ATOM   1049 N  N   . ARG A 1 138 ? 16.237  8.282   1.115   1.00 71.60  ? 449 ARG A N   1 
ATOM   1050 C  CA  . ARG A 1 138 ? 17.116  9.034   0.207   1.00 74.60  ? 449 ARG A CA  1 
ATOM   1051 C  C   . ARG A 1 138 ? 16.394  9.251   -1.130  1.00 75.02  ? 449 ARG A C   1 
ATOM   1052 O  O   . ARG A 1 138 ? 16.404  10.356  -1.669  1.00 71.43  ? 449 ARG A O   1 
ATOM   1053 C  CB  . ARG A 1 138 ? 18.453  8.316   -0.005  1.00 75.37  ? 449 ARG A CB  1 
ATOM   1054 C  CG  . ARG A 1 138 ? 19.400  8.394   1.184   1.00 80.05  ? 449 ARG A CG  1 
ATOM   1055 C  CD  . ARG A 1 138 ? 20.664  7.580   0.952   1.00 82.18  ? 449 ARG A CD  1 
ATOM   1056 N  NE  . ARG A 1 138 ? 20.978  6.696   2.066   1.00 81.70  ? 449 ARG A NE  1 
ATOM   1057 C  CZ  . ARG A 1 138 ? 21.730  5.604   1.973   1.00 85.74  ? 449 ARG A CZ  1 
ATOM   1058 N  NH1 . ARG A 1 138 ? 22.357  5.324   0.842   1.00 89.02  ? 449 ARG A NH1 1 
ATOM   1059 N  NH2 . ARG A 1 138 ? 21.850  4.793   3.010   1.00 87.24  ? 449 ARG A NH2 1 
ATOM   1060 N  N   . SER A 1 139 ? 15.734  8.197   -1.626  1.00 77.31  ? 450 SER A N   1 
ATOM   1061 C  CA  . SER A 1 139 ? 14.987  8.222   -2.892  1.00 75.39  ? 450 SER A CA  1 
ATOM   1062 C  C   . SER A 1 139 ? 13.808  9.207   -2.838  1.00 77.01  ? 450 SER A C   1 
ATOM   1063 O  O   . SER A 1 139 ? 13.323  9.648   -3.882  1.00 75.63  ? 450 SER A O   1 
ATOM   1064 C  CB  . SER A 1 139 ? 14.517  6.846   -3.260  1.00 75.45  ? 450 SER A CB  1 
ATOM   1065 O  OG  . SER A 1 139 ? 13.811  6.872   -4.491  1.00 81.04  ? 450 SER A OG  1 
ATOM   1066 N  N   . MET A 1 140 ? 13.344  9.546   -1.628  1.00 78.73  ? 451 MET A N   1 
ATOM   1067 C  CA  . MET A 1 140 ? 12.258  10.516  -1.427  1.00 74.46  ? 451 MET A CA  1 
ATOM   1068 C  C   . MET A 1 140 ? 12.838  11.883  -1.032  1.00 77.75  ? 451 MET A C   1 
ATOM   1069 O  O   . MET A 1 140 ? 12.087  12.771  -0.632  1.00 78.44  ? 451 MET A O   1 
ATOM   1070 C  CB  . MET A 1 140 ? 11.287  10.026  -0.347  1.00 74.31  ? 451 MET A CB  1 
ATOM   1071 C  CG  . MET A 1 140 ? 10.564  8.732   -0.715  1.00 72.29  ? 451 MET A CG  1 
ATOM   1072 S  SD  . MET A 1 140 ? 9.678   7.973   0.672   1.00 69.57  ? 451 MET A SD  1 
ATOM   1073 C  CE  . MET A 1 140 ? 8.384   9.188   0.927   1.00 70.53  ? 451 MET A CE  1 
ATOM   1074 N  N   . LYS A 1 141 ? 14.167  12.040  -1.163  1.00 79.40  ? 452 LYS A N   1 
ATOM   1075 C  CA  . LYS A 1 141 ? 14.891  13.330  -1.063  1.00 82.16  ? 452 LYS A CA  1 
ATOM   1076 C  C   . LYS A 1 141 ? 14.886  13.817  0.389   1.00 81.00  ? 452 LYS A C   1 
ATOM   1077 O  O   . LYS A 1 141 ? 14.610  14.981  0.675   1.00 77.33  ? 452 LYS A O   1 
ATOM   1078 C  CB  . LYS A 1 141 ? 14.318  14.383  -2.022  1.00 86.63  ? 452 LYS A CB  1 
ATOM   1079 C  CG  . LYS A 1 141 ? 15.039  14.522  -3.361  1.00 90.28  ? 452 LYS A CG  1 
ATOM   1080 C  CD  . LYS A 1 141 ? 16.295  15.387  -3.314  1.00 92.99  ? 452 LYS A CD  1 
ATOM   1081 C  CE  . LYS A 1 141 ? 16.481  16.243  -4.554  1.00 92.81  ? 452 LYS A CE  1 
ATOM   1082 N  NZ  . LYS A 1 141 ? 17.441  17.353  -4.327  1.00 93.51  ? 452 LYS A NZ  1 
ATOM   1083 N  N   . LEU A 1 142 ? 15.214  12.900  1.301   1.00 83.74  ? 453 LEU A N   1 
ATOM   1084 C  CA  . LEU A 1 142 ? 15.464  13.240  2.679   1.00 80.33  ? 453 LEU A CA  1 
ATOM   1085 C  C   . LEU A 1 142 ? 16.976  13.265  2.898   1.00 73.33  ? 453 LEU A C   1 
ATOM   1086 O  O   . LEU A 1 142 ? 17.720  12.560  2.211   1.00 67.32  ? 453 LEU A O   1 
ATOM   1087 C  CB  . LEU A 1 142 ? 14.788  12.213  3.593   1.00 82.40  ? 453 LEU A CB  1 
ATOM   1088 C  CG  . LEU A 1 142 ? 13.260  12.221  3.582   1.00 82.03  ? 453 LEU A CG  1 
ATOM   1089 C  CD1 . LEU A 1 142 ? 12.721  11.187  4.559   1.00 83.51  ? 453 LEU A CD1 1 
ATOM   1090 C  CD2 . LEU A 1 142 ? 12.704  13.607  3.893   1.00 81.84  ? 453 LEU A CD2 1 
ATOM   1091 N  N   . THR A 1 143 ? 17.395  14.093  3.859   1.00 72.19  ? 454 THR A N   1 
ATOM   1092 C  CA  . THR A 1 143 ? 18.787  14.226  4.273   1.00 77.29  ? 454 THR A CA  1 
ATOM   1093 C  C   . THR A 1 143 ? 19.079  13.226  5.406   1.00 76.68  ? 454 THR A C   1 
ATOM   1094 O  O   . THR A 1 143 ? 18.153  12.690  6.025   1.00 79.40  ? 454 THR A O   1 
ATOM   1095 C  CB  . THR A 1 143 ? 19.068  15.683  4.660   1.00 79.35  ? 454 THR A CB  1 
ATOM   1096 O  OG1 . THR A 1 143 ? 18.163  16.058  5.698   1.00 82.53  ? 454 THR A OG1 1 
ATOM   1097 C  CG2 . THR A 1 143 ? 18.906  16.637  3.498   1.00 81.95  ? 454 THR A CG2 1 
ATOM   1098 N  N   . GLN A 1 144 ? 20.370  12.981  5.664   1.00 71.29  ? 455 GLN A N   1 
ATOM   1099 C  CA  . GLN A 1 144 ? 20.825  12.074  6.732   1.00 69.91  ? 455 GLN A CA  1 
ATOM   1100 C  C   . GLN A 1 144 ? 20.322  12.565  8.100   1.00 66.65  ? 455 GLN A C   1 
ATOM   1101 O  O   . GLN A 1 144 ? 20.040  11.756  8.980   1.00 66.08  ? 455 GLN A O   1 
ATOM   1102 C  CB  . GLN A 1 144 ? 22.351  11.954  6.740   1.00 66.35  ? 455 GLN A CB  1 
ATOM   1103 N  N   . ALA A 1 145 ? 20.220  13.886  8.281   1.00 58.09  ? 456 ALA A N   1 
ATOM   1104 C  CA  . ALA A 1 145 ? 19.624  14.458  9.497   1.00 60.76  ? 456 ALA A CA  1 
ATOM   1105 C  C   . ALA A 1 145 ? 18.188  13.949  9.667   1.00 56.31  ? 456 ALA A C   1 
ATOM   1106 O  O   . ALA A 1 145 ? 17.784  13.549  10.745  1.00 49.62  ? 456 ALA A O   1 
ATOM   1107 C  CB  . ALA A 1 145 ? 19.648  15.967  9.439   1.00 62.63  ? 456 ALA A CB  1 
ATOM   1108 N  N   . GLN A 1 146 ? 17.428  13.991  8.568   1.00 60.17  ? 457 GLN A N   1 
ATOM   1109 C  CA  . GLN A 1 146 ? 16.017  13.610  8.541   1.00 57.17  ? 457 GLN A CA  1 
ATOM   1110 C  C   . GLN A 1 146 ? 15.909  12.097  8.798   1.00 55.60  ? 457 GLN A C   1 
ATOM   1111 O  O   . GLN A 1 146 ? 15.166  11.664  9.689   1.00 50.70  ? 457 GLN A O   1 
ATOM   1112 C  CB  . GLN A 1 146 ? 15.402  14.116  7.227   1.00 57.71  ? 457 GLN A CB  1 
ATOM   1113 C  CG  . GLN A 1 146 ? 15.064  15.613  7.236   1.00 55.17  ? 457 GLN A CG  1 
ATOM   1114 C  CD  . GLN A 1 146 ? 14.594  16.163  5.904   1.00 56.60  ? 457 GLN A CD  1 
ATOM   1115 O  OE1 . GLN A 1 146 ? 15.094  15.796  4.841   1.00 51.27  ? 457 GLN A OE1 1 
ATOM   1116 N  NE2 . GLN A 1 146 ? 13.635  17.083  5.944   1.00 51.61  ? 457 GLN A NE2 1 
ATOM   1117 N  N   . ILE A 1 147 ? 16.707  11.308  8.059   1.00 60.88  ? 458 ILE A N   1 
ATOM   1118 C  CA  . ILE A 1 147 ? 16.724  9.828   8.122   1.00 57.81  ? 458 ILE A CA  1 
ATOM   1119 C  C   . ILE A 1 147 ? 17.009  9.349   9.550   1.00 58.81  ? 458 ILE A C   1 
ATOM   1120 O  O   . ILE A 1 147 ? 16.313  8.466   10.065  1.00 61.82  ? 458 ILE A O   1 
ATOM   1121 C  CB  . ILE A 1 147 ? 17.746  9.248   7.125   1.00 60.71  ? 458 ILE A CB  1 
ATOM   1122 C  CG1 . ILE A 1 147 ? 17.265  9.416   5.681   1.00 66.46  ? 458 ILE A CG1 1 
ATOM   1123 C  CG2 . ILE A 1 147 ? 18.059  7.796   7.459   1.00 59.29  ? 458 ILE A CG2 1 
ATOM   1124 C  CD1 . ILE A 1 147 ? 18.301  9.083   4.631   1.00 69.12  ? 458 ILE A CD1 1 
ATOM   1125 N  N   . ILE A 1 148 ? 18.047  9.919   10.172  1.00 60.36  ? 459 ILE A N   1 
ATOM   1126 C  CA  . ILE A 1 148 ? 18.425  9.610   11.558  1.00 59.26  ? 459 ILE A CA  1 
ATOM   1127 C  C   . ILE A 1 148 ? 17.203  9.787   12.474  1.00 53.42  ? 459 ILE A C   1 
ATOM   1128 O  O   . ILE A 1 148 ? 16.910  8.895   13.263  1.00 52.44  ? 459 ILE A O   1 
ATOM   1129 C  CB  . ILE A 1 148 ? 19.622  10.475  12.021  1.00 64.06  ? 459 ILE A CB  1 
ATOM   1130 C  CG1 . ILE A 1 148 ? 20.932  10.053  11.352  1.00 66.23  ? 459 ILE A CG1 1 
ATOM   1131 C  CG2 . ILE A 1 148 ? 19.760  10.459  13.536  1.00 64.11  ? 459 ILE A CG2 1 
ATOM   1132 C  CD1 . ILE A 1 148 ? 21.495  8.744   11.858  1.00 70.45  ? 459 ILE A CD1 1 
ATOM   1133 N  N   . SER A 1 149 ? 16.510  10.932  12.370  1.00 45.39  ? 460 SER A N   1 
ATOM   1134 C  CA  . SER A 1 149 ? 15.366  11.217  13.238  1.00 47.62  ? 460 SER A CA  1 
ATOM   1135 C  C   . SER A 1 149 ? 14.247  10.195  13.025  1.00 51.54  ? 460 SER A C   1 
ATOM   1136 O  O   . SER A 1 149 ? 13.532  9.838   13.966  1.00 52.50  ? 460 SER A O   1 
ATOM   1137 C  CB  . SER A 1 149 ? 14.828  12.600  13.027  1.00 48.71  ? 460 SER A CB  1 
ATOM   1138 O  OG  . SER A 1 149 ? 13.674  12.796  13.837  1.00 53.99  ? 460 SER A OG  1 
ATOM   1139 N  N   . VAL A 1 150 ? 14.065  9.764   11.773  1.00 56.23  ? 461 VAL A N   1 
ATOM   1140 C  CA  . VAL A 1 150 ? 13.063  8.768   11.463  1.00 54.75  ? 461 VAL A CA  1 
ATOM   1141 C  C   . VAL A 1 150 ? 13.505  7.424   12.055  1.00 51.08  ? 461 VAL A C   1 
ATOM   1142 O  O   . VAL A 1 150 ? 12.743  6.796   12.779  1.00 56.74  ? 461 VAL A O   1 
ATOM   1143 C  CB  . VAL A 1 150 ? 12.763  8.697   9.950   1.00 56.28  ? 461 VAL A CB  1 
ATOM   1144 C  CG1 . VAL A 1 150 ? 12.054  7.407   9.566   1.00 57.33  ? 461 VAL A CG1 1 
ATOM   1145 C  CG2 . VAL A 1 150 ? 11.937  9.896   9.495   1.00 56.07  ? 461 VAL A CG2 1 
ATOM   1146 N  N   . LEU A 1 151 ? 14.733  6.991   11.780  1.00 49.23  ? 462 LEU A N   1 
ATOM   1147 C  CA  . LEU A 1 151 ? 15.195  5.689   12.295  1.00 51.75  ? 462 LEU A CA  1 
ATOM   1148 C  C   . LEU A 1 151 ? 15.130  5.658   13.824  1.00 52.80  ? 462 LEU A C   1 
ATOM   1149 O  O   . LEU A 1 151 ? 14.934  4.606   14.422  1.00 50.18  ? 462 LEU A O   1 
ATOM   1150 C  CB  . LEU A 1 151 ? 16.629  5.423   11.833  1.00 53.22  ? 462 LEU A CB  1 
ATOM   1151 C  CG  . LEU A 1 151 ? 16.804  5.221   10.335  1.00 54.22  ? 462 LEU A CG  1 
ATOM   1152 C  CD1 . LEU A 1 151 ? 18.235  4.801   10.031  1.00 56.73  ? 462 LEU A CD1 1 
ATOM   1153 C  CD2 . LEU A 1 151 ? 15.800  4.207   9.807   1.00 54.08  ? 462 LEU A CD2 1 
ATOM   1154 N  N   . ASP A 1 152 ? 15.327  6.819   14.453  1.00 58.21  ? 463 ASP A N   1 
ATOM   1155 C  CA  . ASP A 1 152 ? 15.308  6.925   15.902  1.00 60.47  ? 463 ASP A CA  1 
ATOM   1156 C  C   . ASP A 1 152 ? 13.922  6.513   16.414  1.00 53.40  ? 463 ASP A C   1 
ATOM   1157 O  O   . ASP A 1 152 ? 13.829  5.862   17.441  1.00 55.46  ? 463 ASP A O   1 
ATOM   1158 C  CB  . ASP A 1 152 ? 15.729  8.327   16.356  1.00 66.53  ? 463 ASP A CB  1 
ATOM   1159 C  CG  . ASP A 1 152 ? 15.974  8.446   17.850  1.00 70.60  ? 463 ASP A CG  1 
ATOM   1160 O  OD1 . ASP A 1 152 ? 16.608  7.528   18.414  1.00 72.55  ? 463 ASP A OD1 1 
ATOM   1161 O  OD2 . ASP A 1 152 ? 15.513  9.449   18.437  1.00 73.16  ? 463 ASP A OD2 1 
ATOM   1162 N  N   . SER A 1 153 ? 12.865  6.871   15.677  1.00 52.04  ? 464 SER A N   1 
ATOM   1163 C  CA  . SER A 1 153 ? 11.480  6.523   16.048  1.00 55.76  ? 464 SER A CA  1 
ATOM   1164 C  C   . SER A 1 153 ? 11.265  5.016   15.863  1.00 56.42  ? 464 SER A C   1 
ATOM   1165 O  O   . SER A 1 153 ? 10.609  4.358   16.662  1.00 56.28  ? 464 SER A O   1 
ATOM   1166 C  CB  . SER A 1 153 ? 10.477  7.307   15.243  1.00 56.66  ? 464 SER A CB  1 
ATOM   1167 O  OG  . SER A 1 153 ? 10.823  8.680   15.163  1.00 56.80  ? 464 SER A OG  1 
ATOM   1168 N  N   . CYS A 1 154 ? 11.837  4.487   14.779  1.00 56.27  ? 465 CYS A N   1 
ATOM   1169 C  CA  . CYS A 1 154 ? 11.801  3.068   14.474  1.00 55.24  ? 465 CYS A CA  1 
ATOM   1170 C  C   . CYS A 1 154 ? 12.430  2.264   15.610  1.00 52.64  ? 465 CYS A C   1 
ATOM   1171 O  O   . CYS A 1 154 ? 11.828  1.299   16.068  1.00 60.98  ? 465 CYS A O   1 
ATOM   1172 C  CB  . CYS A 1 154 ? 12.499  2.782   13.150  1.00 53.65  ? 465 CYS A CB  1 
ATOM   1173 S  SG  . CYS A 1 154 ? 11.658  3.570   11.752  1.00 56.80  ? 465 CYS A SG  1 
ATOM   1174 N  N   . GLN A 1 155 ? 13.627  2.677   16.048  1.00 54.53  ? 466 GLN A N   1 
ATOM   1175 C  CA  . GLN A 1 155 ? 14.331  2.088   17.212  1.00 50.03  ? 466 GLN A CA  1 
ATOM   1176 C  C   . GLN A 1 155 ? 13.403  2.057   18.431  1.00 52.11  ? 466 GLN A C   1 
ATOM   1177 O  O   . GLN A 1 155 ? 13.351  1.056   19.135  1.00 50.84  ? 466 GLN A O   1 
ATOM   1178 C  CB  . GLN A 1 155 ? 15.594  2.880   17.554  1.00 49.67  ? 466 GLN A CB  1 
ATOM   1179 N  N   . LYS A 1 156 ? 12.667  3.158   18.651  1.00 52.59  ? 467 LYS A N   1 
ATOM   1180 C  CA  . LYS A 1 156 ? 11.773  3.329   19.800  1.00 52.63  ? 467 LYS A CA  1 
ATOM   1181 C  C   . LYS A 1 156 ? 10.463  2.541   19.613  1.00 60.55  ? 467 LYS A C   1 
ATOM   1182 O  O   . LYS A 1 156 ? 9.620   2.506   20.526  1.00 59.76  ? 467 LYS A O   1 
ATOM   1183 C  CB  . LYS A 1 156 ? 11.480  4.821   20.006  1.00 49.26  ? 467 LYS A CB  1 
ATOM   1184 N  N   . GLY A 1 157 ? 10.283  1.916   18.439  1.00 63.04  ? 468 GLY A N   1 
ATOM   1185 C  CA  . GLY A 1 157 ? 9.094   1.150   18.115  1.00 58.06  ? 468 GLY A CA  1 
ATOM   1186 C  C   . GLY A 1 157 ? 7.880   2.045   17.920  1.00 59.60  ? 468 GLY A C   1 
ATOM   1187 O  O   . GLY A 1 157 ? 6.761   1.620   18.143  1.00 64.05  ? 468 GLY A O   1 
ATOM   1188 N  N   . GLU A 1 158 ? 8.107   3.286   17.484  1.00 61.07  ? 469 GLU A N   1 
ATOM   1189 C  CA  . GLU A 1 158 ? 7.032   4.281   17.317  1.00 64.47  ? 469 GLU A CA  1 
ATOM   1190 C  C   . GLU A 1 158 ? 6.789   4.538   15.821  1.00 58.51  ? 469 GLU A C   1 
ATOM   1191 O  O   . GLU A 1 158 ? 6.993   5.655   15.311  1.00 58.76  ? 469 GLU A O   1 
ATOM   1192 C  CB  . GLU A 1 158 ? 7.401   5.542   18.095  1.00 66.35  ? 469 GLU A CB  1 
ATOM   1193 C  CG  . GLU A 1 158 ? 7.441   5.294   19.587  1.00 69.92  ? 469 GLU A CG  1 
ATOM   1194 C  CD  . GLU A 1 158 ? 8.030   6.430   20.394  1.00 75.85  ? 469 GLU A CD  1 
ATOM   1195 O  OE1 . GLU A 1 158 ? 7.242   7.177   21.013  1.00 81.05  ? 469 GLU A OE1 1 
ATOM   1196 O  OE2 . GLU A 1 158 ? 9.272   6.556   20.407  1.00 80.77  ? 469 GLU A OE2 1 
ATOM   1197 N  N   . TYR A 1 159 ? 6.295   3.496   15.148  1.00 48.68  ? 470 TYR A N   1 
ATOM   1198 C  CA  . TYR A 1 159 ? 6.211   3.431   13.706  1.00 47.29  ? 470 TYR A CA  1 
ATOM   1199 C  C   . TYR A 1 159 ? 5.266   4.504   13.179  1.00 46.50  ? 470 TYR A C   1 
ATOM   1200 O  O   . TYR A 1 159 ? 5.580   5.160   12.190  1.00 49.78  ? 470 TYR A O   1 
ATOM   1201 C  CB  . TYR A 1 159 ? 5.802   2.023   13.277  1.00 51.28  ? 470 TYR A CB  1 
ATOM   1202 C  CG  . TYR A 1 159 ? 6.611   0.968   13.981  1.00 53.04  ? 470 TYR A CG  1 
ATOM   1203 C  CD1 . TYR A 1 159 ? 7.992   1.019   13.949  1.00 52.04  ? 470 TYR A CD1 1 
ATOM   1204 C  CD2 . TYR A 1 159 ? 6.010   -0.010  14.761  1.00 54.80  ? 470 TYR A CD2 1 
ATOM   1205 C  CE1 . TYR A 1 159 ? 8.760   0.085   14.624  1.00 54.44  ? 470 TYR A CE1 1 
ATOM   1206 C  CE2 . TYR A 1 159 ? 6.762   -0.942  15.455  1.00 50.86  ? 470 TYR A CE2 1 
ATOM   1207 C  CZ  . TYR A 1 159 ? 8.143   -0.899  15.374  1.00 52.17  ? 470 TYR A CZ  1 
ATOM   1208 O  OH  . TYR A 1 159 ? 8.912   -1.813  16.026  1.00 50.45  ? 470 TYR A OH  1 
ATOM   1209 N  N   . THR A 1 160 ? 4.131   4.702   13.854  1.00 48.02  ? 471 THR A N   1 
ATOM   1210 C  CA  . THR A 1 160 ? 3.205   5.754   13.449  1.00 48.48  ? 471 THR A CA  1 
ATOM   1211 C  C   . THR A 1 160 ? 3.896   7.126   13.494  1.00 46.30  ? 471 THR A C   1 
ATOM   1212 O  O   . THR A 1 160 ? 3.576   7.982   12.692  1.00 46.77  ? 471 THR A O   1 
ATOM   1213 C  CB  . THR A 1 160 ? 1.920   5.729   14.287  1.00 54.19  ? 471 THR A CB  1 
ATOM   1214 O  OG1 . THR A 1 160 ? 2.281   5.964   15.646  1.00 57.27  ? 471 THR A OG1 1 
ATOM   1215 C  CG2 . THR A 1 160 ? 1.164   4.424   14.155  1.00 55.24  ? 471 THR A CG2 1 
ATOM   1216 N  N   . ILE A 1 161 ? 4.836   7.329   14.429  1.00 50.19  ? 472 ILE A N   1 
ATOM   1217 C  CA  . ILE A 1 161 ? 5.590   8.605   14.549  1.00 51.90  ? 472 ILE A CA  1 
ATOM   1218 C  C   . ILE A 1 161 ? 6.600   8.688   13.394  1.00 47.45  ? 472 ILE A C   1 
ATOM   1219 O  O   . ILE A 1 161 ? 6.715   9.713   12.717  1.00 44.37  ? 472 ILE A O   1 
ATOM   1220 C  CB  . ILE A 1 161 ? 6.296   8.743   15.920  1.00 52.70  ? 472 ILE A CB  1 
ATOM   1221 C  CG1 . ILE A 1 161 ? 5.350   8.559   17.110  1.00 53.54  ? 472 ILE A CG1 1 
ATOM   1222 C  CG2 . ILE A 1 161 ? 7.048   10.066  16.004  1.00 50.08  ? 472 ILE A CG2 1 
ATOM   1223 C  CD1 . ILE A 1 161 ? 4.343   9.679   17.302  1.00 50.92  ? 472 ILE A CD1 1 
ATOM   1224 N  N   . ALA A 1 162 ? 7.343   7.592   13.197  1.00 46.52  ? 473 ALA A N   1 
ATOM   1225 C  CA  . ALA A 1 162 ? 8.282   7.457   12.094  1.00 42.62  ? 473 ALA A CA  1 
ATOM   1226 C  C   . ALA A 1 162 ? 7.587   7.839   10.777  1.00 45.80  ? 473 ALA A C   1 
ATOM   1227 O  O   . ALA A 1 162 ? 8.048   8.702   10.031  1.00 53.34  ? 473 ALA A O   1 
ATOM   1228 C  CB  . ALA A 1 162 ? 8.817   6.043   12.065  1.00 43.44  ? 473 ALA A CB  1 
ATOM   1229 N  N   . CYS A 1 163 ? 6.434   7.222   10.526  1.00 52.18  ? 474 CYS A N   1 
ATOM   1230 C  CA  . CYS A 1 163 ? 5.645   7.486   9.336   1.00 50.09  ? 474 CYS A CA  1 
ATOM   1231 C  C   . CYS A 1 163 ? 5.204   8.958   9.273   1.00 54.00  ? 474 CYS A C   1 
ATOM   1232 O  O   . CYS A 1 163 ? 5.386   9.599   8.243   1.00 56.82  ? 474 CYS A O   1 
ATOM   1233 C  CB  . CYS A 1 163 ? 4.457   6.541   9.289   1.00 48.20  ? 474 CYS A CB  1 
ATOM   1234 S  SG  . CYS A 1 163 ? 3.577   6.616   7.714   1.00 50.98  ? 474 CYS A SG  1 
ATOM   1235 N  N   . THR A 1 164 ? 4.648   9.503   10.365  1.00 54.53  ? 475 THR A N   1 
ATOM   1236 C  CA  . THR A 1 164 ? 4.201   10.920  10.384  1.00 51.62  ? 475 THR A CA  1 
ATOM   1237 C  C   . THR A 1 164 ? 5.382   11.846  10.083  1.00 49.68  ? 475 THR A C   1 
ATOM   1238 O  O   . THR A 1 164 ? 5.225   12.890  9.460   1.00 51.46  ? 475 THR A O   1 
ATOM   1239 C  CB  . THR A 1 164 ? 3.609   11.356  11.732  1.00 53.27  ? 475 THR A CB  1 
ATOM   1240 O  OG1 . THR A 1 164 ? 2.602   10.425  12.133  1.00 54.77  ? 475 THR A OG1 1 
ATOM   1241 C  CG2 . THR A 1 164 ? 3.028   12.757  11.681  1.00 51.18  ? 475 THR A CG2 1 
ATOM   1242 N  N   . LYS A 1 165 ? 6.574   11.468  10.548  1.00 50.38  ? 476 LYS A N   1 
ATOM   1243 C  CA  . LYS A 1 165 ? 7.764   12.268  10.253  1.00 54.97  ? 476 LYS A CA  1 
ATOM   1244 C  C   . LYS A 1 165 ? 7.977   12.334  8.738   1.00 54.31  ? 476 LYS A C   1 
ATOM   1245 O  O   . LYS A 1 165 ? 8.146   13.414  8.181   1.00 56.88  ? 476 LYS A O   1 
ATOM   1246 C  CB  . LYS A 1 165 ? 9.002   11.714  10.960  1.00 52.59  ? 476 LYS A CB  1 
ATOM   1247 C  CG  . LYS A 1 165 ? 9.087   12.061  12.436  1.00 52.50  ? 476 LYS A CG  1 
ATOM   1248 C  CD  . LYS A 1 165 ? 10.390  11.652  13.062  1.00 53.09  ? 476 LYS A CD  1 
ATOM   1249 C  CE  . LYS A 1 165 ? 10.390  11.922  14.549  1.00 54.49  ? 476 LYS A CE  1 
ATOM   1250 N  NZ  . LYS A 1 165 ? 11.599  11.375  15.203  1.00 57.44  ? 476 LYS A NZ  1 
ATOM   1251 N  N   . VAL A 1 166 ? 7.941   11.173  8.078   1.00 51.47  ? 477 VAL A N   1 
ATOM   1252 C  CA  . VAL A 1 166 ? 8.150   11.114  6.639   1.00 50.12  ? 477 VAL A CA  1 
ATOM   1253 C  C   . VAL A 1 166 ? 7.062   11.932  5.928   1.00 48.10  ? 477 VAL A C   1 
ATOM   1254 O  O   . VAL A 1 166 ? 7.337   12.646  4.993   1.00 49.84  ? 477 VAL A O   1 
ATOM   1255 C  CB  . VAL A 1 166 ? 8.197   9.662   6.137   1.00 49.99  ? 477 VAL A CB  1 
ATOM   1256 C  CG1 . VAL A 1 166 ? 8.108   9.596   4.625   1.00 48.92  ? 477 VAL A CG1 1 
ATOM   1257 C  CG2 . VAL A 1 166 ? 9.436   8.936   6.645   1.00 50.32  ? 477 VAL A CG2 1 
ATOM   1258 N  N   . PHE A 1 167 ? 5.812   11.830  6.376   1.00 53.39  ? 478 PHE A N   1 
ATOM   1259 C  CA  . PHE A 1 167 ? 4.751   12.701  5.847   1.00 52.78  ? 478 PHE A CA  1 
ATOM   1260 C  C   . PHE A 1 167 ? 5.180   14.161  5.973   1.00 50.94  ? 478 PHE A C   1 
ATOM   1261 O  O   . PHE A 1 167 ? 4.907   14.951  5.093   1.00 58.57  ? 478 PHE A O   1 
ATOM   1262 C  CB  . PHE A 1 167 ? 3.425   12.501  6.584   1.00 52.66  ? 478 PHE A CB  1 
ATOM   1263 C  CG  . PHE A 1 167 ? 2.276   13.298  6.025   1.00 53.91  ? 478 PHE A CG  1 
ATOM   1264 C  CD1 . PHE A 1 167 ? 1.992   14.567  6.507   1.00 53.66  ? 478 PHE A CD1 1 
ATOM   1265 C  CD2 . PHE A 1 167 ? 1.489   12.782  5.004   1.00 52.14  ? 478 PHE A CD2 1 
ATOM   1266 C  CE1 . PHE A 1 167 ? 0.932   15.298  5.996   1.00 54.52  ? 478 PHE A CE1 1 
ATOM   1267 C  CE2 . PHE A 1 167 ? 0.435   13.519  4.489   1.00 51.54  ? 478 PHE A CE2 1 
ATOM   1268 C  CZ  . PHE A 1 167 ? 0.157   14.772  4.987   1.00 54.42  ? 478 PHE A CZ  1 
ATOM   1269 N  N   . GLU A 1 168 ? 5.809   14.487  7.103   1.00 57.51  ? 479 GLU A N   1 
ATOM   1270 C  CA  . GLU A 1 168 ? 6.147   15.858  7.499   1.00 64.33  ? 479 GLU A CA  1 
ATOM   1271 C  C   . GLU A 1 168 ? 7.325   16.388  6.675   1.00 62.73  ? 479 GLU A C   1 
ATOM   1272 O  O   . GLU A 1 168 ? 7.360   17.558  6.343   1.00 67.48  ? 479 GLU A O   1 
ATOM   1273 C  CB  . GLU A 1 168 ? 6.487   15.907  8.991   1.00 65.86  ? 479 GLU A CB  1 
ATOM   1274 N  N   . MET A 1 169 ? 8.279   15.510  6.355   1.00 63.99  ? 480 MET A N   1 
ATOM   1275 C  CA  . MET A 1 169 ? 9.522   15.883  5.697   1.00 62.83  ? 480 MET A CA  1 
ATOM   1276 C  C   . MET A 1 169 ? 9.418   15.688  4.171   1.00 67.63  ? 480 MET A C   1 
ATOM   1277 O  O   . MET A 1 169 ? 10.403  15.906  3.460   1.00 70.53  ? 480 MET A O   1 
ATOM   1278 C  CB  . MET A 1 169 ? 10.680  15.044  6.255   1.00 62.47  ? 480 MET A CB  1 
ATOM   1279 C  CG  . MET A 1 169 ? 10.796  15.108  7.779   1.00 60.65  ? 480 MET A CG  1 
ATOM   1280 S  SD  . MET A 1 169 ? 11.986  13.955  8.550   1.00 67.78  ? 480 MET A SD  1 
ATOM   1281 C  CE  . MET A 1 169 ? 12.111  12.642  7.341   1.00 68.90  ? 480 MET A CE  1 
ATOM   1282 N  N   . THR A 1 170 ? 8.246   15.267  3.666   1.00 64.76  ? 481 THR A N   1 
ATOM   1283 C  CA  . THR A 1 170 ? 7.972   15.193  2.217   1.00 58.62  ? 481 THR A CA  1 
ATOM   1284 C  C   . THR A 1 170 ? 6.744   16.036  1.851   1.00 61.84  ? 481 THR A C   1 
ATOM   1285 O  O   . THR A 1 170 ? 6.275   15.958  0.719   1.00 71.63  ? 481 THR A O   1 
ATOM   1286 C  CB  . THR A 1 170 ? 7.811   13.748  1.724   1.00 59.16  ? 481 THR A CB  1 
ATOM   1287 O  OG1 . THR A 1 170 ? 6.669   13.138  2.330   1.00 57.10  ? 481 THR A OG1 1 
ATOM   1288 C  CG2 . THR A 1 170 ? 9.040   12.909  1.995   1.00 57.50  ? 481 THR A CG2 1 
ATOM   1289 N  N   . HIS A 1 171 ? 6.250   16.851  2.791   1.00 61.26  ? 482 HIS A N   1 
ATOM   1290 C  CA  . HIS A 1 171 ? 5.161   17.790  2.542   1.00 65.27  ? 482 HIS A CA  1 
ATOM   1291 C  C   . HIS A 1 171 ? 5.459   19.111  3.257   1.00 70.67  ? 482 HIS A C   1 
ATOM   1292 O  O   . HIS A 1 171 ? 4.634   20.022  3.267   1.00 72.95  ? 482 HIS A O   1 
ATOM   1293 C  CB  . HIS A 1 171 ? 3.815   17.177  2.958   1.00 65.55  ? 482 HIS A CB  1 
ATOM   1294 C  CG  . HIS A 1 171 ? 3.410   16.017  2.112   1.00 64.53  ? 482 HIS A CG  1 
ATOM   1295 N  ND1 . HIS A 1 171 ? 3.723   14.710  2.447   1.00 62.15  ? 482 HIS A ND1 1 
ATOM   1296 C  CD2 . HIS A 1 171 ? 2.748   15.962  0.934   1.00 64.81  ? 482 HIS A CD2 1 
ATOM   1297 C  CE1 . HIS A 1 171 ? 3.263   13.899  1.516   1.00 64.16  ? 482 HIS A CE1 1 
ATOM   1298 N  NE2 . HIS A 1 171 ? 2.669   14.643  0.571   1.00 66.07  ? 482 HIS A NE2 1 
ATOM   1299 N  N   . ILE A 1 186 ? -6.840  8.391   14.345  1.00 72.48  ? 497 ILE A N   1 
ATOM   1300 C  CA  . ILE A 1 186 ? -5.630  9.183   14.394  1.00 69.43  ? 497 ILE A CA  1 
ATOM   1301 C  C   . ILE A 1 186 ? -4.560  8.559   13.471  1.00 61.76  ? 497 ILE A C   1 
ATOM   1302 O  O   . ILE A 1 186 ? -3.898  9.308   12.754  1.00 69.27  ? 497 ILE A O   1 
ATOM   1303 C  CB  . ILE A 1 186 ? -5.166  9.388   15.858  1.00 76.62  ? 497 ILE A CB  1 
ATOM   1304 C  CG1 . ILE A 1 186 ? -4.288  10.633  16.030  1.00 81.33  ? 497 ILE A CG1 1 
ATOM   1305 C  CG2 . ILE A 1 186 ? -4.473  8.155   16.422  1.00 81.33  ? 497 ILE A CG2 1 
ATOM   1306 C  CD1 . ILE A 1 186 ? -4.092  11.049  17.475  1.00 76.26  ? 497 ILE A CD1 1 
ATOM   1307 N  N   . ALA A 1 187 ? -4.410  7.220   13.447  1.00 53.27  ? 498 ALA A N   1 
ATOM   1308 C  CA  . ALA A 1 187 ? -3.272  6.536   12.697  1.00 50.33  ? 498 ALA A CA  1 
ATOM   1309 C  C   . ALA A 1 187 ? -3.799  5.585   11.608  1.00 43.61  ? 498 ALA A C   1 
ATOM   1310 O  O   . ALA A 1 187 ? -4.154  4.443   11.899  1.00 48.11  ? 498 ALA A O   1 
ATOM   1311 C  CB  . ALA A 1 187 ? -2.394  5.798   13.670  1.00 50.82  ? 498 ALA A CB  1 
ATOM   1312 N  N   . HIS A 1 188 ? -3.845  6.064   10.357  1.00 41.80  ? 499 HIS A N   1 
ATOM   1313 C  CA  . HIS A 1 188 ? -4.592  5.416   9.260   1.00 42.53  ? 499 HIS A CA  1 
ATOM   1314 C  C   . HIS A 1 188 ? -3.958  5.715   7.897   1.00 44.12  ? 499 HIS A C   1 
ATOM   1315 O  O   . HIS A 1 188 ? -3.864  6.872   7.478   1.00 37.55  ? 499 HIS A O   1 
ATOM   1316 C  CB  . HIS A 1 188 ? -6.068  5.827   9.301   1.00 46.49  ? 499 HIS A CB  1 
ATOM   1317 C  CG  . HIS A 1 188 ? -6.967  4.818   8.672   1.00 47.37  ? 499 HIS A CG  1 
ATOM   1318 N  ND1 . HIS A 1 188 ? -6.968  4.582   7.309   1.00 45.72  ? 499 HIS A ND1 1 
ATOM   1319 C  CD2 . HIS A 1 188 ? -7.854  3.953   9.212   1.00 47.71  ? 499 HIS A CD2 1 
ATOM   1320 C  CE1 . HIS A 1 188 ? -7.827  3.618   7.035   1.00 45.14  ? 499 HIS A CE1 1 
ATOM   1321 N  NE2 . HIS A 1 188 ? -8.375  3.205   8.188   1.00 47.41  ? 499 HIS A NE2 1 
ATOM   1322 N  N   . PRO A 1 189 ? -3.538  4.681   7.120   1.00 45.03  ? 500 PRO A N   1 
ATOM   1323 C  CA  . PRO A 1 189 ? -2.909  4.912   5.820   1.00 45.00  ? 500 PRO A CA  1 
ATOM   1324 C  C   . PRO A 1 189 ? -3.783  5.745   4.865   1.00 45.09  ? 500 PRO A C   1 
ATOM   1325 O  O   . PRO A 1 189 ? -3.272  6.546   4.107   1.00 48.40  ? 500 PRO A O   1 
ATOM   1326 C  CB  . PRO A 1 189 ? -2.681  3.504   5.236   1.00 48.20  ? 500 PRO A CB  1 
ATOM   1327 C  CG  . PRO A 1 189 ? -2.769  2.570   6.421   1.00 46.20  ? 500 PRO A CG  1 
ATOM   1328 C  CD  . PRO A 1 189 ? -3.719  3.247   7.389   1.00 47.51  ? 500 PRO A CD  1 
ATOM   1329 N  N   . ASN A 1 190 ? -5.102  5.543   4.913   1.00 47.21  ? 501 ASN A N   1 
ATOM   1330 C  CA  . ASN A 1 190 ? -6.039  6.310   4.115   1.00 46.07  ? 501 ASN A CA  1 
ATOM   1331 C  C   . ASN A 1 190 ? -6.060  7.770   4.585   1.00 44.45  ? 501 ASN A C   1 
ATOM   1332 O  O   . ASN A 1 190 ? -6.304  8.671   3.798   1.00 49.29  ? 501 ASN A O   1 
ATOM   1333 C  CB  . ASN A 1 190 ? -7.426  5.670   4.137   1.00 48.61  ? 501 ASN A CB  1 
ATOM   1334 C  CG  . ASN A 1 190 ? -7.475  4.405   3.310   1.00 46.48  ? 501 ASN A CG  1 
ATOM   1335 O  OD1 . ASN A 1 190 ? -7.308  3.303   3.829   1.00 49.78  ? 501 ASN A OD1 1 
ATOM   1336 N  ND2 . ASN A 1 190 ? -7.676  4.564   2.017   1.00 49.12  ? 501 ASN A ND2 1 
ATOM   1337 N  N   . LEU A 1 191 ? -5.770  7.997   5.866   1.00 48.49  ? 502 LEU A N   1 
ATOM   1338 C  CA  . LEU A 1 191 ? -5.613  9.352   6.403   1.00 47.98  ? 502 LEU A CA  1 
ATOM   1339 C  C   . LEU A 1 191 ? -4.295  9.960   5.900   1.00 48.66  ? 502 LEU A C   1 
ATOM   1340 O  O   . LEU A 1 191 ? -4.263  11.132  5.562   1.00 44.12  ? 502 LEU A O   1 
ATOM   1341 C  CB  . LEU A 1 191 ? -5.673  9.302   7.930   1.00 45.26  ? 502 LEU A CB  1 
ATOM   1342 C  CG  . LEU A 1 191 ? -5.696  10.665  8.620   1.00 49.95  ? 502 LEU A CG  1 
ATOM   1343 C  CD1 . LEU A 1 191 ? -6.886  11.492  8.151   1.00 49.04  ? 502 LEU A CD1 1 
ATOM   1344 C  CD2 . LEU A 1 191 ? -5.714  10.493  10.134  1.00 51.22  ? 502 LEU A CD2 1 
ATOM   1345 N  N   . TYR A 1 192 ? -3.235  9.140   5.815   1.00 49.54  ? 503 TYR A N   1 
ATOM   1346 C  CA  . TYR A 1 192 ? -1.967  9.529   5.172   1.00 46.09  ? 503 TYR A CA  1 
ATOM   1347 C  C   . TYR A 1 192 ? -2.262  10.024  3.759   1.00 44.36  ? 503 TYR A C   1 
ATOM   1348 O  O   . TYR A 1 192 ? -1.719  11.044  3.322   1.00 48.97  ? 503 TYR A O   1 
ATOM   1349 C  CB  . TYR A 1 192 ? -0.965  8.367   5.113   1.00 52.28  ? 503 TYR A CB  1 
ATOM   1350 C  CG  . TYR A 1 192 ? 0.464   8.750   4.796   1.00 51.94  ? 503 TYR A CG  1 
ATOM   1351 C  CD1 . TYR A 1 192 ? 0.837   9.154   3.520   1.00 52.93  ? 503 TYR A CD1 1 
ATOM   1352 C  CD2 . TYR A 1 192 ? 1.454   8.692   5.766   1.00 48.40  ? 503 TYR A CD2 1 
ATOM   1353 C  CE1 . TYR A 1 192 ? 2.147   9.507   3.225   1.00 52.33  ? 503 TYR A CE1 1 
ATOM   1354 C  CE2 . TYR A 1 192 ? 2.767   9.027   5.483   1.00 48.47  ? 503 TYR A CE2 1 
ATOM   1355 C  CZ  . TYR A 1 192 ? 3.114   9.442   4.212   1.00 52.40  ? 503 TYR A CZ  1 
ATOM   1356 O  OH  . TYR A 1 192 ? 4.413   9.772   3.939   1.00 58.99  ? 503 TYR A OH  1 
ATOM   1357 N  N   . PHE A 1 193 ? -3.119  9.285   3.045   1.00 44.66  ? 504 PHE A N   1 
ATOM   1358 C  CA  . PHE A 1 193 ? -3.419  9.583   1.639   1.00 45.55  ? 504 PHE A CA  1 
ATOM   1359 C  C   . PHE A 1 193 ? -4.270  10.849  1.503   1.00 47.24  ? 504 PHE A C   1 
ATOM   1360 O  O   . PHE A 1 193 ? -3.941  11.746  0.721   1.00 46.78  ? 504 PHE A O   1 
ATOM   1361 C  CB  . PHE A 1 193 ? -4.166  8.426   0.987   1.00 43.20  ? 504 PHE A CB  1 
ATOM   1362 C  CG  . PHE A 1 193 ? -4.512  8.658   -0.457  1.00 44.28  ? 504 PHE A CG  1 
ATOM   1363 C  CD1 . PHE A 1 193 ? -5.695  9.297   -0.810  1.00 43.36  ? 504 PHE A CD1 1 
ATOM   1364 C  CD2 . PHE A 1 193 ? -3.677  8.201   -1.467  1.00 45.41  ? 504 PHE A CD2 1 
ATOM   1365 C  CE1 . PHE A 1 193 ? -6.032  9.485   -2.139  1.00 40.36  ? 504 PHE A CE1 1 
ATOM   1366 C  CE2 . PHE A 1 193 ? -4.017  8.385   -2.797  1.00 42.57  ? 504 PHE A CE2 1 
ATOM   1367 C  CZ  . PHE A 1 193 ? -5.185  9.039   -3.131  1.00 43.78  ? 504 PHE A CZ  1 
ATOM   1368 N  N   . GLU A 1 194 ? -5.396  10.866  2.225   1.00 49.77  ? 505 GLU A N   1 
ATOM   1369 C  CA  . GLU A 1 194 ? -6.329  11.993  2.263   1.00 47.73  ? 505 GLU A CA  1 
ATOM   1370 C  C   . GLU A 1 194 ? -5.559  13.299  2.494   1.00 46.90  ? 505 GLU A C   1 
ATOM   1371 O  O   . GLU A 1 194 ? -5.722  14.257  1.754   1.00 49.11  ? 505 GLU A O   1 
ATOM   1372 C  CB  . GLU A 1 194 ? -7.370  11.741  3.352   1.00 48.46  ? 505 GLU A CB  1 
ATOM   1373 N  N   . ARG A 1 195 ? -4.688  13.310  3.507   1.00 51.26  ? 506 ARG A N   1 
ATOM   1374 C  CA  . ARG A 1 195 ? -3.942  14.510  3.915   1.00 51.98  ? 506 ARG A CA  1 
ATOM   1375 C  C   . ARG A 1 195 ? -2.913  14.910  2.852   1.00 52.08  ? 506 ARG A C   1 
ATOM   1376 O  O   . ARG A 1 195 ? -2.754  16.102  2.578   1.00 46.31  ? 506 ARG A O   1 
ATOM   1377 C  CB  . ARG A 1 195 ? -3.265  14.284  5.269   1.00 54.68  ? 506 ARG A CB  1 
ATOM   1378 C  CG  . ARG A 1 195 ? -4.249  14.170  6.426   1.00 56.47  ? 506 ARG A CG  1 
ATOM   1379 C  CD  . ARG A 1 195 ? -3.717  14.735  7.722   1.00 61.51  ? 506 ARG A CD  1 
ATOM   1380 N  NE  . ARG A 1 195 ? -3.061  13.738  8.553   1.00 65.49  ? 506 ARG A NE  1 
ATOM   1381 C  CZ  . ARG A 1 195 ? -3.393  13.475  9.814   1.00 65.51  ? 506 ARG A CZ  1 
ATOM   1382 N  NH1 . ARG A 1 195 ? -4.389  14.133  10.391  1.00 56.36  ? 506 ARG A NH1 1 
ATOM   1383 N  NH2 . ARG A 1 195 ? -2.715  12.567  10.493  1.00 61.38  ? 506 ARG A NH2 1 
ATOM   1384 N  N   . SER A 1 196 ? -2.221  13.913  2.276   1.00 50.85  ? 507 SER A N   1 
ATOM   1385 C  CA  . SER A 1 196 ? -1.198  14.138  1.271   1.00 47.12  ? 507 SER A CA  1 
ATOM   1386 C  C   . SER A 1 196 ? -1.830  14.711  0.001   1.00 52.64  ? 507 SER A C   1 
ATOM   1387 O  O   . SER A 1 196 ? -1.300  15.667  -0.571  1.00 60.13  ? 507 SER A O   1 
ATOM   1388 C  CB  . SER A 1 196 ? -0.405  12.869  0.989   1.00 49.42  ? 507 SER A CB  1 
ATOM   1389 O  OG  . SER A 1 196 ? 0.573   13.078  -0.018  1.00 43.30  ? 507 SER A OG  1 
ATOM   1390 N  N   . ARG A 1 197 ? -2.953  14.133  -0.445  1.00 57.70  ? 508 ARG A N   1 
ATOM   1391 C  CA  . ARG A 1 197 ? -3.609  14.598  -1.676  1.00 64.97  ? 508 ARG A CA  1 
ATOM   1392 C  C   . ARG A 1 197 ? -4.423  15.876  -1.404  1.00 65.19  ? 508 ARG A C   1 
ATOM   1393 O  O   . ARG A 1 197 ? -4.865  16.522  -2.351  1.00 65.91  ? 508 ARG A O   1 
ATOM   1394 C  CB  . ARG A 1 197 ? -4.483  13.513  -2.318  1.00 68.63  ? 508 ARG A CB  1 
ATOM   1395 C  CG  . ARG A 1 197 ? -4.737  13.758  -3.802  1.00 74.07  ? 508 ARG A CG  1 
ATOM   1396 C  CD  . ARG A 1 197 ? -5.374  12.599  -4.539  1.00 77.75  ? 508 ARG A CD  1 
ATOM   1397 N  NE  . ARG A 1 197 ? -6.754  12.855  -4.925  1.00 81.68  ? 508 ARG A NE  1 
ATOM   1398 C  CZ  . ARG A 1 197 ? -7.120  13.411  -6.075  1.00 89.55  ? 508 ARG A CZ  1 
ATOM   1399 N  NH1 . ARG A 1 197 ? -6.201  13.948  -6.864  1.00 82.11  ? 508 ARG A NH1 1 
ATOM   1400 N  NH2 . ARG A 1 197 ? -8.395  13.414  -6.437  1.00 88.60  ? 508 ARG A NH2 1 
ATOM   1401 N  N   . GLN A 1 198 ? -4.620  16.240  -0.129  1.00 63.31  ? 509 GLN A N   1 
ATOM   1402 C  CA  . GLN A 1 198 ? -5.182  17.556  0.234   1.00 73.88  ? 509 GLN A CA  1 
ATOM   1403 C  C   . GLN A 1 198 ? -4.197  18.666  -0.166  1.00 74.83  ? 509 GLN A C   1 
ATOM   1404 O  O   . GLN A 1 198 ? -4.599  19.735  -0.651  1.00 74.90  ? 509 GLN A O   1 
ATOM   1405 C  CB  . GLN A 1 198 ? -5.498  17.628  1.731   1.00 75.49  ? 509 GLN A CB  1 
ATOM   1406 N  N   . LEU A 1 199 ? -2.904  18.388  0.028   1.00 72.95  ? 510 LEU A N   1 
ATOM   1407 C  CA  . LEU A 1 199 ? -1.834  19.365  -0.155  1.00 75.87  ? 510 LEU A CA  1 
ATOM   1408 C  C   . LEU A 1 199 ? -1.508  19.544  -1.649  1.00 79.18  ? 510 LEU A C   1 
ATOM   1409 O  O   . LEU A 1 199 ? -1.231  20.669  -2.077  1.00 74.82  ? 510 LEU A O   1 
ATOM   1410 C  CB  . LEU A 1 199 ? -0.622  18.909  0.664   1.00 73.75  ? 510 LEU A CB  1 
ATOM   1411 C  CG  . LEU A 1 199 ? -0.870  18.818  2.172   1.00 76.01  ? 510 LEU A CG  1 
ATOM   1412 C  CD1 . LEU A 1 199 ? 0.224   18.023  2.872   1.00 75.55  ? 510 LEU A CD1 1 
ATOM   1413 C  CD2 . LEU A 1 199 ? -1.001  20.203  2.789   1.00 73.95  ? 510 LEU A CD2 1 
ATOM   1414 N  N   . GLN A 1 200 ? -1.556  18.452  -2.430  1.00 78.32  ? 511 GLN A N   1 
ATOM   1415 C  CA  . GLN A 1 200 ? -1.380  18.487  -3.898  1.00 77.17  ? 511 GLN A CA  1 
ATOM   1416 C  C   . GLN A 1 200 ? -2.369  19.478  -4.531  1.00 84.40  ? 511 GLN A C   1 
ATOM   1417 O  O   . GLN A 1 200 ? -1.970  20.434  -5.185  1.00 97.55  ? 511 GLN A O   1 
ATOM   1418 C  CB  . GLN A 1 200 ? -1.594  17.106  -4.526  1.00 73.65  ? 511 GLN A CB  1 
ATOM   1419 C  CG  . GLN A 1 200 ? -0.341  16.243  -4.603  1.00 70.11  ? 511 GLN A CG  1 
ATOM   1420 C  CD  . GLN A 1 200 ? -0.548  14.949  -5.358  1.00 67.22  ? 511 GLN A CD  1 
ATOM   1421 O  OE1 . GLN A 1 200 ? -1.660  14.444  -5.515  1.00 64.75  ? 511 GLN A OE1 1 
ATOM   1422 N  NE2 . GLN A 1 200 ? 0.545   14.375  -5.821  1.00 66.59  ? 511 GLN A NE2 1 
ATOM   1423 N  N   . LYS A 1 201 ? -3.669  19.229  -4.344  1.00 89.43  ? 512 LYS A N   1 
ATOM   1424 C  CA  . LYS A 1 201 ? -4.724  20.011  -4.998  1.00 95.96  ? 512 LYS A CA  1 
ATOM   1425 C  C   . LYS A 1 201 ? -4.733  21.434  -4.422  1.00 93.00  ? 512 LYS A C   1 
ATOM   1426 O  O   . LYS A 1 201 ? -5.783  22.073  -4.297  1.00 87.57  ? 512 LYS A O   1 
ATOM   1427 C  CB  . LYS A 1 201 ? -6.086  19.318  -4.836  1.00 103.44 ? 512 LYS A CB  1 
ATOM   1428 C  CG  . LYS A 1 201 ? -6.186  17.920  -5.440  1.00 103.80 ? 512 LYS A CG  1 
ATOM   1429 C  CD  . LYS A 1 201 ? -7.604  17.475  -5.738  1.00 107.10 ? 512 LYS A CD  1 
ATOM   1430 C  CE  . LYS A 1 201 ? -8.445  17.280  -4.495  1.00 114.81 ? 512 LYS A CE  1 
ATOM   1431 N  NZ  . LYS A 1 201 ? -9.796  16.767  -4.828  1.00 120.25 ? 512 LYS A NZ  1 
HETATM 1432 C  C1  . GOL B 2 .   ? -7.293  12.333  17.980  1.00 83.89  ? 601 GOL A C1  1 
HETATM 1433 O  O1  . GOL B 2 .   ? -7.596  10.938  18.210  1.00 73.84  ? 601 GOL A O1  1 
HETATM 1434 C  C2  . GOL B 2 .   ? -6.987  12.634  16.498  1.00 86.11  ? 601 GOL A C2  1 
HETATM 1435 O  O2  . GOL B 2 .   ? -8.182  13.037  15.823  1.00 87.58  ? 601 GOL A O2  1 
HETATM 1436 C  C3  . GOL B 2 .   ? -5.942  13.749  16.321  1.00 83.78  ? 601 GOL A C3  1 
HETATM 1437 O  O3  . GOL B 2 .   ? -6.050  14.354  15.025  1.00 78.99  ? 601 GOL A O3  1 
HETATM 1438 FE FE1 . SF4 C 3 .   ? 2.407   4.707   7.864   0.80 36.59  ? 602 SF4 A FE1 1 
HETATM 1439 FE FE2 . SF4 C 3 .   ? 3.316   2.008   8.940   0.80 37.40  ? 602 SF4 A FE2 1 
HETATM 1440 FE FE3 . SF4 C 3 .   ? 1.682   2.193   6.598   0.80 39.19  ? 602 SF4 A FE3 1 
HETATM 1441 FE FE4 . SF4 C 3 .   ? 0.385   2.987   9.258   0.80 32.33  ? 602 SF4 A FE4 1 
HETATM 1442 S  S1  . SF4 C 3 .   ? 1.542   1.217   8.413   1.00 34.89  ? 602 SF4 A S1  1 
HETATM 1443 S  S2  . SF4 C 3 .   ? 0.555   3.914   7.368   1.00 38.90  ? 602 SF4 A S2  1 
HETATM 1444 S  S3  . SF4 C 3 .   ? 2.205   3.765   9.726   1.00 37.17  ? 602 SF4 A S3  1 
HETATM 1445 S  S4  . SF4 C 3 .   ? 3.560   2.992   7.075   1.00 36.31  ? 602 SF4 A S4  1 
HETATM 1446 C  C1  . MPD D 4 .   ? 0.247   7.843   11.269  1.00 63.58  ? 603 MPD A C1  1 
HETATM 1447 C  C2  . MPD D 4 .   ? -0.347  8.265   9.921   1.00 61.13  ? 603 MPD A C2  1 
HETATM 1448 O  O2  . MPD D 4 .   ? -1.754  8.497   10.103  1.00 57.88  ? 603 MPD A O2  1 
HETATM 1449 C  CM  . MPD D 4 .   ? -0.109  7.152   8.882   1.00 60.10  ? 603 MPD A CM  1 
HETATM 1450 C  C3  . MPD D 4 .   ? 0.327   9.587   9.549   1.00 56.96  ? 603 MPD A C3  1 
HETATM 1451 C  C4  . MPD D 4 .   ? -0.413  10.465  8.554   1.00 56.05  ? 603 MPD A C4  1 
HETATM 1452 O  O4  . MPD D 4 .   ? -1.775  10.688  8.898   1.00 54.19  ? 603 MPD A O4  1 
HETATM 1453 C  C5  . MPD D 4 .   ? 0.255   11.835  8.504   1.00 58.64  ? 603 MPD A C5  1 
HETATM 1454 C  C1  . MPD E 4 .   ? -11.036 5.461   5.337   1.00 85.57  ? 604 MPD A C1  1 
HETATM 1455 C  C2  . MPD E 4 .   ? -11.532 6.640   6.181   1.00 88.75  ? 604 MPD A C2  1 
HETATM 1456 O  O2  . MPD E 4 .   ? -10.923 7.843   5.696   1.00 89.03  ? 604 MPD A O2  1 
HETATM 1457 C  CM  . MPD E 4 .   ? -13.051 6.792   6.048   1.00 89.03  ? 604 MPD A CM  1 
HETATM 1458 C  C3  . MPD E 4 .   ? -11.115 6.406   7.639   1.00 85.44  ? 604 MPD A C3  1 
HETATM 1459 C  C4  . MPD E 4 .   ? -10.746 7.674   8.406   1.00 86.62  ? 604 MPD A C4  1 
HETATM 1460 O  O4  . MPD E 4 .   ? -9.639  8.320   7.762   1.00 86.25  ? 604 MPD A O4  1 
HETATM 1461 C  C5  . MPD E 4 .   ? -11.933 8.632   8.542   1.00 86.31  ? 604 MPD A C5  1 
HETATM 1462 O  O   . HOH F 5 .   ? 1.321   -6.760  10.163  1.00 40.35  ? 701 HOH A O   1 
HETATM 1463 O  O   . HOH F 5 .   ? -4.529  -15.977 7.700   1.00 48.05  ? 702 HOH A O   1 
HETATM 1464 O  O   . HOH F 5 .   ? 2.130   -6.462  -12.420 1.00 39.20  ? 703 HOH A O   1 
HETATM 1465 O  O   . HOH F 5 .   ? -7.437  -12.051 -1.055  1.00 30.33  ? 704 HOH A O   1 
HETATM 1466 O  O   . HOH F 5 .   ? -6.368  -1.478  4.180   1.00 43.69  ? 705 HOH A O   1 
HETATM 1467 O  O   . HOH F 5 .   ? 17.826  19.142  -6.487  1.00 62.34  ? 706 HOH A O   1 
HETATM 1468 O  O   . HOH F 5 .   ? 7.761   8.646   23.401  1.00 76.95  ? 707 HOH A O   1 
HETATM 1469 O  O   . HOH F 5 .   ? -1.687  -16.077 -0.469  1.00 38.40  ? 708 HOH A O   1 
HETATM 1470 O  O   . HOH F 5 .   ? -18.774 -9.878  1.396   1.00 52.16  ? 709 HOH A O   1 
HETATM 1471 O  O   . HOH F 5 .   ? 4.870   6.757   4.829   1.00 42.32  ? 710 HOH A O   1 
HETATM 1472 O  O   . HOH F 5 .   ? -9.375  -2.701  -4.822  1.00 47.06  ? 711 HOH A O   1 
HETATM 1473 O  O   . HOH F 5 .   ? 4.832   3.127   -9.040  1.00 67.17  ? 712 HOH A O   1 
HETATM 1474 O  O   . HOH F 5 .   ? 20.974  -7.451  -0.061  1.00 57.78  ? 713 HOH A O   1 
# 
loop_
_pdbx_poly_seq_scheme.asym_id 
_pdbx_poly_seq_scheme.entity_id 
_pdbx_poly_seq_scheme.seq_id 
_pdbx_poly_seq_scheme.mon_id 
_pdbx_poly_seq_scheme.ndb_seq_num 
_pdbx_poly_seq_scheme.pdb_seq_num 
_pdbx_poly_seq_scheme.auth_seq_num 
_pdbx_poly_seq_scheme.pdb_mon_id 
_pdbx_poly_seq_scheme.auth_mon_id 
_pdbx_poly_seq_scheme.pdb_strand_id 
_pdbx_poly_seq_scheme.pdb_ins_code 
_pdbx_poly_seq_scheme.hetero 
A 1 1   GLY 1   312 ?   ?   ?   A . n 
A 1 2   PRO 2   313 ?   ?   ?   A . n 
A 1 3   GLY 3   314 ?   ?   ?   A . n 
A 1 4   SER 4   315 ?   ?   ?   A . n 
A 1 5   ASP 5   316 ?   ?   ?   A . n 
A 1 6   ASP 6   317 317 ASP ASP A . n 
A 1 7   GLU 7   318 318 GLU GLU A . n 
A 1 8   ILE 8   319 319 ILE ILE A . n 
A 1 9   ASN 9   320 320 ASN ASN A . n 
A 1 10  ALA 10  321 321 ALA ALA A . n 
A 1 11  GLN 11  322 322 GLN GLN A . n 
A 1 12  SER 12  323 323 SER SER A . n 
A 1 13  VAL 13  324 324 VAL VAL A . n 
A 1 14  TRP 14  325 325 TRP TRP A . n 
A 1 15  SER 15  326 326 SER SER A . n 
A 1 16  GLU 16  327 327 GLU GLU A . n 
A 1 17  GLU 17  328 328 GLU GLU A . n 
A 1 18  ILE 18  329 329 ILE ILE A . n 
A 1 19  SER 19  330 330 SER SER A . n 
A 1 20  SER 20  331 331 SER SER A . n 
A 1 21  ASN 21  332 332 ASN ASN A . n 
A 1 22  TYR 22  333 333 TYR TYR A . n 
A 1 23  PRO 23  334 334 PRO PRO A . n 
A 1 24  LEU 24  335 335 LEU LEU A . n 
A 1 25  CYS 25  336 336 CYS CYS A . n 
A 1 26  ILE 26  337 337 ILE ILE A . n 
A 1 27  LYS 27  338 338 LYS LYS A . n 
A 1 28  ASN 28  339 339 ASN ASN A . n 
A 1 29  LEU 29  340 340 LEU LEU A . n 
A 1 30  MET 30  341 341 MET MET A . n 
A 1 31  GLU 31  342 342 GLU GLU A . n 
A 1 32  GLY 32  343 343 GLY GLY A . n 
A 1 33  LEU 33  344 344 LEU LEU A . n 
A 1 34  LYS 34  345 345 LYS LYS A . n 
A 1 35  LYS 35  346 346 LYS LYS A . n 
A 1 36  ASN 36  347 347 ASN ASN A . n 
A 1 37  HIS 37  348 348 HIS HIS A . n 
A 1 38  HIS 38  349 349 HIS HIS A . n 
A 1 39  LEU 39  350 350 LEU LEU A . n 
A 1 40  ARG 40  351 351 ARG ARG A . n 
A 1 41  TYR 41  352 352 TYR TYR A . n 
A 1 42  TYR 42  353 353 TYR TYR A . n 
A 1 43  GLY 43  354 354 GLY GLY A . n 
A 1 44  ARG 44  355 355 ARG ARG A . n 
A 1 45  GLN 45  356 356 GLN GLN A . n 
A 1 46  GLN 46  357 357 GLN GLN A . n 
A 1 47  LEU 47  358 358 LEU LEU A . n 
A 1 48  SER 48  359 359 SER SER A . n 
A 1 49  LEU 49  360 360 LEU LEU A . n 
A 1 50  PHE 50  361 361 PHE PHE A . n 
A 1 51  LEU 51  362 362 LEU LEU A . n 
A 1 52  LYS 52  363 363 LYS LYS A . n 
A 1 53  GLY 53  364 364 GLY GLY A . n 
A 1 54  ILE 54  365 365 ILE ILE A . n 
A 1 55  GLY 55  366 366 GLY GLY A . n 
A 1 56  LEU 56  367 367 LEU LEU A . n 
A 1 57  SER 57  368 368 SER SER A . n 
A 1 58  ALA 58  369 369 ALA ALA A . n 
A 1 59  ASP 59  370 370 ASP ASP A . n 
A 1 60  GLU 60  371 371 GLU GLU A . n 
A 1 61  ALA 61  372 372 ALA ALA A . n 
A 1 62  LEU 62  373 373 LEU LEU A . n 
A 1 63  LYS 63  374 374 LYS LYS A . n 
A 1 64  PHE 64  375 375 PHE PHE A . n 
A 1 65  TRP 65  376 376 TRP TRP A . n 
A 1 66  SER 66  377 377 SER SER A . n 
A 1 67  GLU 67  378 378 GLU GLU A . n 
A 1 68  ALA 68  379 379 ALA ALA A . n 
A 1 69  PHE 69  380 380 PHE PHE A . n 
A 1 70  THR 70  381 381 THR THR A . n 
A 1 71  ARG 71  382 382 ARG ARG A . n 
A 1 72  ASN 72  383 383 ASN ASN A . n 
A 1 73  GLY 73  384 384 GLY GLY A . n 
A 1 74  ASN 74  385 385 ASN ASN A . n 
A 1 75  MET 75  386 386 MET MET A . n 
A 1 76  THR 76  387 387 THR THR A . n 
A 1 77  MET 77  388 388 MET MET A . n 
A 1 78  GLU 78  389 389 GLU GLU A . n 
A 1 79  LYS 79  390 390 LYS LYS A . n 
A 1 80  PHE 80  391 391 PHE PHE A . n 
A 1 81  ASN 81  392 392 ASN ASN A . n 
A 1 82  LYS 82  393 393 LYS LYS A . n 
A 1 83  GLU 83  394 394 GLU GLU A . n 
A 1 84  LEU 84  395 395 LEU LEU A . n 
A 1 85  ARG 85  396 396 ARG ARG A . n 
A 1 86  TYR 86  397 397 TYR TYR A . n 
A 1 87  SER 87  398 398 SER SER A . n 
A 1 88  PHE 88  399 399 PHE PHE A . n 
A 1 89  ARG 89  400 400 ARG ARG A . n 
A 1 90  HIS 90  401 401 HIS HIS A . n 
A 1 91  ASN 91  402 402 ASN ASN A . n 
A 1 92  TYR 92  403 403 TYR TYR A . n 
A 1 93  GLY 93  404 404 GLY GLY A . n 
A 1 94  LEU 94  405 405 LEU LEU A . n 
A 1 95  GLU 95  406 406 GLU GLU A . n 
A 1 96  GLY 96  407 ?   ?   ?   A . n 
A 1 97  ASN 97  408 ?   ?   ?   A . n 
A 1 98  ARG 98  409 409 ARG ARG A . n 
A 1 99  ILE 99  410 410 ILE ILE A . n 
A 1 100 ASN 100 411 411 ASN ASN A . n 
A 1 101 TYR 101 412 412 TYR TYR A . n 
A 1 102 LYS 102 413 413 LYS LYS A . n 
A 1 103 PRO 103 414 414 PRO PRO A . n 
A 1 104 TRP 104 415 415 TRP TRP A . n 
A 1 105 ASP 105 416 416 ASP ASP A . n 
A 1 106 CYS 106 417 417 CYS CYS A . n 
A 1 107 HIS 107 418 418 HIS HIS A . n 
A 1 108 THR 108 419 419 THR THR A . n 
A 1 109 ILE 109 420 420 ILE ILE A . n 
A 1 110 LEU 110 421 421 LEU LEU A . n 
A 1 111 SER 111 422 422 SER SER A . n 
A 1 112 LYS 112 423 423 LYS LYS A . n 
A 1 113 PRO 113 424 424 PRO PRO A . n 
A 1 114 ARG 114 425 425 ARG ARG A . n 
A 1 115 PRO 115 426 426 PRO PRO A . n 
A 1 116 GLY 116 427 427 GLY GLY A . n 
A 1 117 ARG 117 428 428 ARG ARG A . n 
A 1 118 GLY 118 429 429 GLY GLY A . n 
A 1 119 ASP 119 430 430 ASP ASP A . n 
A 1 120 TYR 120 431 431 TYR TYR A . n 
A 1 121 HIS 121 432 432 HIS HIS A . n 
A 1 122 GLY 122 433 433 GLY GLY A . n 
A 1 123 CYS 123 434 434 CYS CYS A . n 
A 1 124 PRO 124 435 435 PRO PRO A . n 
A 1 125 PHE 125 436 436 PHE PHE A . n 
A 1 126 ARG 126 437 437 ARG ARG A . n 
A 1 127 ASP 127 438 438 ASP ASP A . n 
A 1 128 TRP 128 439 439 TRP TRP A . n 
A 1 129 SER 129 440 440 SER SER A . n 
A 1 130 HIS 130 441 441 HIS HIS A . n 
A 1 131 GLU 131 442 442 GLU GLU A . n 
A 1 132 ARG 132 443 443 ARG ARG A . n 
A 1 133 LEU 133 444 444 LEU LEU A . n 
A 1 134 SER 134 445 445 SER SER A . n 
A 1 135 ALA 135 446 446 ALA ALA A . n 
A 1 136 GLU 136 447 447 GLU GLU A . n 
A 1 137 LEU 137 448 448 LEU LEU A . n 
A 1 138 ARG 138 449 449 ARG ARG A . n 
A 1 139 SER 139 450 450 SER SER A . n 
A 1 140 MET 140 451 451 MET MET A . n 
A 1 141 LYS 141 452 452 LYS LYS A . n 
A 1 142 LEU 142 453 453 LEU LEU A . n 
A 1 143 THR 143 454 454 THR THR A . n 
A 1 144 GLN 144 455 455 GLN GLN A . n 
A 1 145 ALA 145 456 456 ALA ALA A . n 
A 1 146 GLN 146 457 457 GLN GLN A . n 
A 1 147 ILE 147 458 458 ILE ILE A . n 
A 1 148 ILE 148 459 459 ILE ILE A . n 
A 1 149 SER 149 460 460 SER SER A . n 
A 1 150 VAL 150 461 461 VAL VAL A . n 
A 1 151 LEU 151 462 462 LEU LEU A . n 
A 1 152 ASP 152 463 463 ASP ASP A . n 
A 1 153 SER 153 464 464 SER SER A . n 
A 1 154 CYS 154 465 465 CYS CYS A . n 
A 1 155 GLN 155 466 466 GLN GLN A . n 
A 1 156 LYS 156 467 467 LYS LYS A . n 
A 1 157 GLY 157 468 468 GLY GLY A . n 
A 1 158 GLU 158 469 469 GLU GLU A . n 
A 1 159 TYR 159 470 470 TYR TYR A . n 
A 1 160 THR 160 471 471 THR THR A . n 
A 1 161 ILE 161 472 472 ILE ILE A . n 
A 1 162 ALA 162 473 473 ALA ALA A . n 
A 1 163 CYS 163 474 474 CYS CYS A . n 
A 1 164 THR 164 475 475 THR THR A . n 
A 1 165 LYS 165 476 476 LYS LYS A . n 
A 1 166 VAL 166 477 477 VAL VAL A . n 
A 1 167 PHE 167 478 478 PHE PHE A . n 
A 1 168 GLU 168 479 479 GLU GLU A . n 
A 1 169 MET 169 480 480 MET MET A . n 
A 1 170 THR 170 481 481 THR THR A . n 
A 1 171 HIS 171 482 482 HIS HIS A . n 
A 1 172 ASN 172 483 ?   ?   ?   A . n 
A 1 173 SER 173 484 ?   ?   ?   A . n 
A 1 174 ALA 174 485 ?   ?   ?   A . n 
A 1 175 SER 175 486 ?   ?   ?   A . n 
A 1 176 ALA 176 487 ?   ?   ?   A . n 
A 1 177 ASP 177 488 ?   ?   ?   A . n 
A 1 178 LEU 178 489 ?   ?   ?   A . n 
A 1 179 GLU 179 490 ?   ?   ?   A . n 
A 1 180 ILE 180 491 ?   ?   ?   A . n 
A 1 181 GLY 181 492 ?   ?   ?   A . n 
A 1 182 GLU 182 493 ?   ?   ?   A . n 
A 1 183 GLN 183 494 ?   ?   ?   A . n 
A 1 184 THR 184 495 ?   ?   ?   A . n 
A 1 185 HIS 185 496 ?   ?   ?   A . n 
A 1 186 ILE 186 497 497 ILE ILE A . n 
A 1 187 ALA 187 498 498 ALA ALA A . n 
A 1 188 HIS 188 499 499 HIS HIS A . n 
A 1 189 PRO 189 500 500 PRO PRO A . n 
A 1 190 ASN 190 501 501 ASN ASN A . n 
A 1 191 LEU 191 502 502 LEU LEU A . n 
A 1 192 TYR 192 503 503 TYR TYR A . n 
A 1 193 PHE 193 504 504 PHE PHE A . n 
A 1 194 GLU 194 505 505 GLU GLU A . n 
A 1 195 ARG 195 506 506 ARG ARG A . n 
A 1 196 SER 196 507 507 SER SER A . n 
A 1 197 ARG 197 508 508 ARG ARG A . n 
A 1 198 GLN 198 509 509 GLN GLN A . n 
A 1 199 LEU 199 510 510 LEU LEU A . n 
A 1 200 GLN 200 511 511 GLN GLN A . n 
A 1 201 LYS 201 512 512 LYS LYS A . n 
# 
loop_
_pdbx_nonpoly_scheme.asym_id 
_pdbx_nonpoly_scheme.entity_id 
_pdbx_nonpoly_scheme.mon_id 
_pdbx_nonpoly_scheme.ndb_seq_num 
_pdbx_nonpoly_scheme.pdb_seq_num 
_pdbx_nonpoly_scheme.auth_seq_num 
_pdbx_nonpoly_scheme.pdb_mon_id 
_pdbx_nonpoly_scheme.auth_mon_id 
_pdbx_nonpoly_scheme.pdb_strand_id 
_pdbx_nonpoly_scheme.pdb_ins_code 
B 2 GOL 1  601 601 GOL GOL A . 
C 3 SF4 1  602 1   SF4 SF4 A . 
D 4 MPD 1  603 1   MPD MPD A . 
E 4 MPD 1  604 2   MPD MPD A . 
F 5 HOH 1  701 14  HOH HOH A . 
F 5 HOH 2  702 8   HOH HOH A . 
F 5 HOH 3  703 7   HOH HOH A . 
F 5 HOH 4  704 4   HOH HOH A . 
F 5 HOH 5  705 17  HOH HOH A . 
F 5 HOH 6  706 16  HOH HOH A . 
F 5 HOH 7  707 2   HOH HOH A . 
F 5 HOH 8  708 1   HOH HOH A . 
F 5 HOH 9  709 13  HOH HOH A . 
F 5 HOH 10 710 5   HOH HOH A . 
F 5 HOH 11 711 3   HOH HOH A . 
F 5 HOH 12 712 12  HOH HOH A . 
F 5 HOH 13 713 15  HOH HOH A . 
# 
_pdbx_struct_assembly.id                   1 
_pdbx_struct_assembly.details              author_and_software_defined_assembly 
_pdbx_struct_assembly.method_details       PISA 
_pdbx_struct_assembly.oligomeric_details   monomeric 
_pdbx_struct_assembly.oligomeric_count     1 
# 
_pdbx_struct_assembly_gen.assembly_id       1 
_pdbx_struct_assembly_gen.oper_expression   1 
_pdbx_struct_assembly_gen.asym_id_list      A,B,C,D,E,F 
# 
_pdbx_struct_oper_list.id                   1 
_pdbx_struct_oper_list.type                 'identity operation' 
_pdbx_struct_oper_list.name                 1_555 
_pdbx_struct_oper_list.symmetry_operation   x,y,z 
_pdbx_struct_oper_list.matrix[1][1]         1.0000000000 
_pdbx_struct_oper_list.matrix[1][2]         0.0000000000 
_pdbx_struct_oper_list.matrix[1][3]         0.0000000000 
_pdbx_struct_oper_list.vector[1]            0.0000000000 
_pdbx_struct_oper_list.matrix[2][1]         0.0000000000 
_pdbx_struct_oper_list.matrix[2][2]         1.0000000000 
_pdbx_struct_oper_list.matrix[2][3]         0.0000000000 
_pdbx_struct_oper_list.vector[2]            0.0000000000 
_pdbx_struct_oper_list.matrix[3][1]         0.0000000000 
_pdbx_struct_oper_list.matrix[3][2]         0.0000000000 
_pdbx_struct_oper_list.matrix[3][3]         1.0000000000 
_pdbx_struct_oper_list.vector[3]            0.0000000000 
# 
loop_
_pdbx_struct_conn_angle.id 
_pdbx_struct_conn_angle.ptnr1_label_atom_id 
_pdbx_struct_conn_angle.ptnr1_label_alt_id 
_pdbx_struct_conn_angle.ptnr1_label_asym_id 
_pdbx_struct_conn_angle.ptnr1_label_comp_id 
_pdbx_struct_conn_angle.ptnr1_label_seq_id 
_pdbx_struct_conn_angle.ptnr1_auth_atom_id 
_pdbx_struct_conn_angle.ptnr1_auth_asym_id 
_pdbx_struct_conn_angle.ptnr1_auth_comp_id 
_pdbx_struct_conn_angle.ptnr1_auth_seq_id 
_pdbx_struct_conn_angle.ptnr1_PDB_ins_code 
_pdbx_struct_conn_angle.ptnr1_symmetry 
_pdbx_struct_conn_angle.ptnr2_label_atom_id 
_pdbx_struct_conn_angle.ptnr2_label_alt_id 
_pdbx_struct_conn_angle.ptnr2_label_asym_id 
_pdbx_struct_conn_angle.ptnr2_label_comp_id 
_pdbx_struct_conn_angle.ptnr2_label_seq_id 
_pdbx_struct_conn_angle.ptnr2_auth_atom_id 
_pdbx_struct_conn_angle.ptnr2_auth_asym_id 
_pdbx_struct_conn_angle.ptnr2_auth_comp_id 
_pdbx_struct_conn_angle.ptnr2_auth_seq_id 
_pdbx_struct_conn_angle.ptnr2_PDB_ins_code 
_pdbx_struct_conn_angle.ptnr2_symmetry 
_pdbx_struct_conn_angle.ptnr3_label_atom_id 
_pdbx_struct_conn_angle.ptnr3_label_alt_id 
_pdbx_struct_conn_angle.ptnr3_label_asym_id 
_pdbx_struct_conn_angle.ptnr3_label_comp_id 
_pdbx_struct_conn_angle.ptnr3_label_seq_id 
_pdbx_struct_conn_angle.ptnr3_auth_atom_id 
_pdbx_struct_conn_angle.ptnr3_auth_asym_id 
_pdbx_struct_conn_angle.ptnr3_auth_comp_id 
_pdbx_struct_conn_angle.ptnr3_auth_seq_id 
_pdbx_struct_conn_angle.ptnr3_PDB_ins_code 
_pdbx_struct_conn_angle.ptnr3_symmetry 
_pdbx_struct_conn_angle.value 
_pdbx_struct_conn_angle.value_esd 
1  SG ? A CYS 25  ? A CYS 336 ? 1_555 FE3 ? C SF4 . ? A SF4 602 ? 1_555 S1 ? C SF4 . ? A SF4 602 ? 1_555 124.6 ? 
2  SG ? A CYS 25  ? A CYS 336 ? 1_555 FE3 ? C SF4 . ? A SF4 602 ? 1_555 S2 ? C SF4 . ? A SF4 602 ? 1_555 117.0 ? 
3  S1 ? C SF4 .   ? A SF4 602 ? 1_555 FE3 ? C SF4 . ? A SF4 602 ? 1_555 S2 ? C SF4 . ? A SF4 602 ? 1_555 91.6  ? 
4  SG ? A CYS 25  ? A CYS 336 ? 1_555 FE3 ? C SF4 . ? A SF4 602 ? 1_555 S4 ? C SF4 . ? A SF4 602 ? 1_555 127.6 ? 
5  S1 ? C SF4 .   ? A SF4 602 ? 1_555 FE3 ? C SF4 . ? A SF4 602 ? 1_555 S4 ? C SF4 . ? A SF4 602 ? 1_555 92.4  ? 
6  S2 ? C SF4 .   ? A SF4 602 ? 1_555 FE3 ? C SF4 . ? A SF4 602 ? 1_555 S4 ? C SF4 . ? A SF4 602 ? 1_555 94.7  ? 
7  SG ? A CYS 106 ? A CYS 417 ? 1_555 FE4 ? C SF4 . ? A SF4 602 ? 1_555 S1 ? C SF4 . ? A SF4 602 ? 1_555 155.2 ? 
8  SG ? A CYS 106 ? A CYS 417 ? 1_555 FE4 ? C SF4 . ? A SF4 602 ? 1_555 S2 ? C SF4 . ? A SF4 602 ? 1_555 105.5 ? 
9  S1 ? C SF4 .   ? A SF4 602 ? 1_555 FE4 ? C SF4 . ? A SF4 602 ? 1_555 S2 ? C SF4 . ? A SF4 602 ? 1_555 88.2  ? 
10 SG ? A CYS 106 ? A CYS 417 ? 1_555 FE4 ? C SF4 . ? A SF4 602 ? 1_555 S3 ? C SF4 . ? A SF4 602 ? 1_555 114.7 ? 
11 S1 ? C SF4 .   ? A SF4 602 ? 1_555 FE4 ? C SF4 . ? A SF4 602 ? 1_555 S3 ? C SF4 . ? A SF4 602 ? 1_555 85.9  ? 
12 S2 ? C SF4 .   ? A SF4 602 ? 1_555 FE4 ? C SF4 . ? A SF4 602 ? 1_555 S3 ? C SF4 . ? A SF4 602 ? 1_555 88.1  ? 
13 SG ? A CYS 123 ? A CYS 434 ? 1_555 FE2 ? C SF4 . ? A SF4 602 ? 1_555 S1 ? C SF4 . ? A SF4 602 ? 1_555 116.7 ? 
14 SG ? A CYS 123 ? A CYS 434 ? 1_555 FE2 ? C SF4 . ? A SF4 602 ? 1_555 S3 ? C SF4 . ? A SF4 602 ? 1_555 139.5 ? 
15 S1 ? C SF4 .   ? A SF4 602 ? 1_555 FE2 ? C SF4 . ? A SF4 602 ? 1_555 S3 ? C SF4 . ? A SF4 602 ? 1_555 87.9  ? 
16 SG ? A CYS 123 ? A CYS 434 ? 1_555 FE2 ? C SF4 . ? A SF4 602 ? 1_555 S4 ? C SF4 . ? A SF4 602 ? 1_555 118.0 ? 
17 S1 ? C SF4 .   ? A SF4 602 ? 1_555 FE2 ? C SF4 . ? A SF4 602 ? 1_555 S4 ? C SF4 . ? A SF4 602 ? 1_555 93.1  ? 
18 S3 ? C SF4 .   ? A SF4 602 ? 1_555 FE2 ? C SF4 . ? A SF4 602 ? 1_555 S4 ? C SF4 . ? A SF4 602 ? 1_555 90.1  ? 
19 SG ? A CYS 163 ? A CYS 474 ? 1_555 FE1 ? C SF4 . ? A SF4 602 ? 1_555 S2 ? C SF4 . ? A SF4 602 ? 1_555 140.7 ? 
20 SG ? A CYS 163 ? A CYS 474 ? 1_555 FE1 ? C SF4 . ? A SF4 602 ? 1_555 S3 ? C SF4 . ? A SF4 602 ? 1_555 119.5 ? 
21 S2 ? C SF4 .   ? A SF4 602 ? 1_555 FE1 ? C SF4 . ? A SF4 602 ? 1_555 S3 ? C SF4 . ? A SF4 602 ? 1_555 87.4  ? 
22 SG ? A CYS 163 ? A CYS 474 ? 1_555 FE1 ? C SF4 . ? A SF4 602 ? 1_555 S4 ? C SF4 . ? A SF4 602 ? 1_555 111.3 ? 
23 S2 ? C SF4 .   ? A SF4 602 ? 1_555 FE1 ? C SF4 . ? A SF4 602 ? 1_555 S4 ? C SF4 . ? A SF4 602 ? 1_555 94.8  ? 
24 S3 ? C SF4 .   ? A SF4 602 ? 1_555 FE1 ? C SF4 . ? A SF4 602 ? 1_555 S4 ? C SF4 . ? A SF4 602 ? 1_555 91.1  ? 
# 
loop_
_pdbx_audit_revision_history.ordinal 
_pdbx_audit_revision_history.data_content_type 
_pdbx_audit_revision_history.major_revision 
_pdbx_audit_revision_history.minor_revision 
_pdbx_audit_revision_history.revision_date 
1 'Structure model' 1 0 2018-12-12 
2 'Structure model' 1 1 2018-12-26 
3 'Structure model' 1 2 2019-01-09 
4 'Structure model' 1 3 2020-01-01 
5 'Structure model' 1 4 2023-10-11 
# 
_pdbx_audit_revision_details.ordinal             1 
_pdbx_audit_revision_details.revision_ordinal    1 
_pdbx_audit_revision_details.data_content_type   'Structure model' 
_pdbx_audit_revision_details.provider            repository 
_pdbx_audit_revision_details.type                'Initial release' 
_pdbx_audit_revision_details.description         ? 
_pdbx_audit_revision_details.details             ? 
# 
loop_
_pdbx_audit_revision_group.ordinal 
_pdbx_audit_revision_group.revision_ordinal 
_pdbx_audit_revision_group.data_content_type 
_pdbx_audit_revision_group.group 
1 2 'Structure model' 'Data collection'            
2 2 'Structure model' 'Database references'        
3 3 'Structure model' 'Data collection'            
4 3 'Structure model' 'Database references'        
5 4 'Structure model' 'Author supporting evidence' 
6 5 'Structure model' 'Data collection'            
7 5 'Structure model' 'Database references'        
8 5 'Structure model' 'Refinement description'     
# 
loop_
_pdbx_audit_revision_category.ordinal 
_pdbx_audit_revision_category.revision_ordinal 
_pdbx_audit_revision_category.data_content_type 
_pdbx_audit_revision_category.category 
1 2 'Structure model' citation                      
2 3 'Structure model' citation                      
3 4 'Structure model' pdbx_audit_support            
4 5 'Structure model' chem_comp_atom                
5 5 'Structure model' chem_comp_bond                
6 5 'Structure model' database_2                    
7 5 'Structure model' pdbx_initial_refinement_model 
# 
loop_
_pdbx_audit_revision_item.ordinal 
_pdbx_audit_revision_item.revision_ordinal 
_pdbx_audit_revision_item.data_content_type 
_pdbx_audit_revision_item.item 
1 2 'Structure model' '_citation.journal_abbrev'                 
2 2 'Structure model' '_citation.pdbx_database_id_PubMed'        
3 2 'Structure model' '_citation.title'                          
4 3 'Structure model' '_citation.journal_volume'                 
5 3 'Structure model' '_citation.page_first'                     
6 3 'Structure model' '_citation.page_last'                      
7 4 'Structure model' '_pdbx_audit_support.funding_organization' 
8 5 'Structure model' '_database_2.pdbx_DOI'                     
9 5 'Structure model' '_database_2.pdbx_database_accession'      
# 
_pdbx_phasing_MR.entry_id                     6DU0 
_pdbx_phasing_MR.method_rotation              ? 
_pdbx_phasing_MR.method_translation           ? 
_pdbx_phasing_MR.model_details                'Phaser MODE: MR_AUTO' 
_pdbx_phasing_MR.R_factor                     ? 
_pdbx_phasing_MR.R_rigid_body                 ? 
_pdbx_phasing_MR.correlation_coeff_Fo_to_Fc   ? 
_pdbx_phasing_MR.correlation_coeff_Io_to_Ic   ? 
_pdbx_phasing_MR.d_res_high_rotation          4.900 
_pdbx_phasing_MR.d_res_low_rotation           29.260 
_pdbx_phasing_MR.d_res_high_translation       4.900 
_pdbx_phasing_MR.d_res_low_translation        29.260 
_pdbx_phasing_MR.packing                      ? 
_pdbx_phasing_MR.reflns_percent_rotation      ? 
_pdbx_phasing_MR.reflns_percent_translation   ? 
_pdbx_phasing_MR.sigma_F_rotation             ? 
_pdbx_phasing_MR.sigma_F_translation          ? 
_pdbx_phasing_MR.sigma_I_rotation             ? 
_pdbx_phasing_MR.sigma_I_translation          ? 
# 
_phasing.method   MR 
# 
loop_
_software.citation_id 
_software.classification 
_software.compiler_name 
_software.compiler_version 
_software.contact_author 
_software.contact_author_email 
_software.date 
_software.description 
_software.dependencies 
_software.hardware 
_software.language 
_software.location 
_software.mods 
_software.name 
_software.os 
_software.os_version 
_software.type 
_software.version 
_software.pdbx_ordinal 
? refinement        ? ? ?                    ?                           ?                                         ? ? ? ?   ? ? 
REFMAC      ? ? ?       5.8.0222 1 
? 'data reduction'  ? ? 'Zbyszek Otwinowski' hkl@hkl-xray.com            ?                                         ? ? ? ?   
http://www.hkl-xray.com/                    ? DENZO       ? ? program .        2 
? 'data scaling'    ? ? 'Zbyszek Otwinowski' hkl@hkl-xray.com            ?                                         ? ? ? ?   
http://www.hkl-xray.com/                    ? SCALEPACK   ? ? program .        3 
? phasing           ? ? 'Randy J. Read'      cimr-phaser@lists.cam.ac.uk 'Tue Jun 20 23:45:36 2017 (svn exported)' ? ? ? ?   
http://www-structmed.cimr.cam.ac.uk/phaser/ ? PHASER      ? ? program 2.7.17   4 
? 'data extraction' ? ? PDB                  deposit@deposit.rcsb.org    'Sep. 1, 2017'                            ? ? ? C++ 
http://sw-tools.pdb.org/apps/PDB_EXTRACT/   ? PDB_EXTRACT ? ? package 3.24     5 
# 
_pdbx_validate_close_contact.id               1 
_pdbx_validate_close_contact.PDB_model_num    1 
_pdbx_validate_close_contact.auth_atom_id_1   OD1 
_pdbx_validate_close_contact.auth_asym_id_1   A 
_pdbx_validate_close_contact.auth_comp_id_1   ASP 
_pdbx_validate_close_contact.auth_seq_id_1    416 
_pdbx_validate_close_contact.PDB_ins_code_1   ? 
_pdbx_validate_close_contact.label_alt_id_1   ? 
_pdbx_validate_close_contact.auth_atom_id_2   OG1 
_pdbx_validate_close_contact.auth_asym_id_2   A 
_pdbx_validate_close_contact.auth_comp_id_2   THR 
_pdbx_validate_close_contact.auth_seq_id_2    419 
_pdbx_validate_close_contact.PDB_ins_code_2   ? 
_pdbx_validate_close_contact.label_alt_id_2   ? 
_pdbx_validate_close_contact.dist             2.17 
# 
loop_
_pdbx_validate_torsion.id 
_pdbx_validate_torsion.PDB_model_num 
_pdbx_validate_torsion.auth_comp_id 
_pdbx_validate_torsion.auth_asym_id 
_pdbx_validate_torsion.auth_seq_id 
_pdbx_validate_torsion.PDB_ins_code 
_pdbx_validate_torsion.label_alt_id 
_pdbx_validate_torsion.phi 
_pdbx_validate_torsion.psi 
1 1 ARG A 382 ? ? -47.17  153.93 
2 1 LYS A 452 ? ? 70.63   47.26  
3 1 GLU A 469 ? ? -109.41 66.46  
# 
_pdbx_validate_planes.id              1 
_pdbx_validate_planes.PDB_model_num   1 
_pdbx_validate_planes.auth_comp_id    ARG 
_pdbx_validate_planes.auth_asym_id    A 
_pdbx_validate_planes.auth_seq_id     396 
_pdbx_validate_planes.PDB_ins_code    ? 
_pdbx_validate_planes.label_alt_id    ? 
_pdbx_validate_planes.rmsd            0.081 
_pdbx_validate_planes.type            'SIDE CHAIN' 
# 
loop_
_pdbx_unobs_or_zero_occ_atoms.id 
_pdbx_unobs_or_zero_occ_atoms.PDB_model_num 
_pdbx_unobs_or_zero_occ_atoms.polymer_flag 
_pdbx_unobs_or_zero_occ_atoms.occupancy_flag 
_pdbx_unobs_or_zero_occ_atoms.auth_asym_id 
_pdbx_unobs_or_zero_occ_atoms.auth_comp_id 
_pdbx_unobs_or_zero_occ_atoms.auth_seq_id 
_pdbx_unobs_or_zero_occ_atoms.PDB_ins_code 
_pdbx_unobs_or_zero_occ_atoms.auth_atom_id 
_pdbx_unobs_or_zero_occ_atoms.label_alt_id 
_pdbx_unobs_or_zero_occ_atoms.label_asym_id 
_pdbx_unobs_or_zero_occ_atoms.label_comp_id 
_pdbx_unobs_or_zero_occ_atoms.label_seq_id 
_pdbx_unobs_or_zero_occ_atoms.label_atom_id 
1  1 Y 1 A ASP 317 ? CG  ? A ASP 6   CG  
2  1 Y 1 A ASP 317 ? OD1 ? A ASP 6   OD1 
3  1 Y 1 A ASP 317 ? OD2 ? A ASP 6   OD2 
4  1 Y 1 A GLU 318 ? CG  ? A GLU 7   CG  
5  1 Y 1 A GLU 318 ? CD  ? A GLU 7   CD  
6  1 Y 1 A GLU 318 ? OE1 ? A GLU 7   OE1 
7  1 Y 1 A GLU 318 ? OE2 ? A GLU 7   OE2 
8  1 Y 1 A GLU 342 ? CG  ? A GLU 31  CG  
9  1 Y 1 A GLU 342 ? CD  ? A GLU 31  CD  
10 1 Y 1 A GLU 342 ? OE1 ? A GLU 31  OE1 
11 1 Y 1 A GLU 342 ? OE2 ? A GLU 31  OE2 
12 1 Y 1 A GLU 389 ? CG  ? A GLU 78  CG  
13 1 Y 1 A GLU 389 ? CD  ? A GLU 78  CD  
14 1 Y 1 A GLU 389 ? OE1 ? A GLU 78  OE1 
15 1 Y 1 A GLU 389 ? OE2 ? A GLU 78  OE2 
16 1 Y 1 A LYS 393 ? CG  ? A LYS 82  CG  
17 1 Y 1 A LYS 393 ? CD  ? A LYS 82  CD  
18 1 Y 1 A LYS 393 ? CE  ? A LYS 82  CE  
19 1 Y 1 A LYS 393 ? NZ  ? A LYS 82  NZ  
20 1 Y 1 A ARG 409 ? CG  ? A ARG 98  CG  
21 1 Y 1 A ARG 409 ? CD  ? A ARG 98  CD  
22 1 Y 1 A ARG 409 ? NE  ? A ARG 98  NE  
23 1 Y 1 A ARG 409 ? CZ  ? A ARG 98  CZ  
24 1 Y 1 A ARG 409 ? NH1 ? A ARG 98  NH1 
25 1 Y 1 A ARG 409 ? NH2 ? A ARG 98  NH2 
26 1 Y 1 A LYS 413 ? CG  ? A LYS 102 CG  
27 1 Y 1 A LYS 413 ? CD  ? A LYS 102 CD  
28 1 Y 1 A LYS 413 ? CE  ? A LYS 102 CE  
29 1 Y 1 A LYS 413 ? NZ  ? A LYS 102 NZ  
30 1 Y 1 A ARG 428 ? CG  ? A ARG 117 CG  
31 1 Y 1 A ARG 428 ? CD  ? A ARG 117 CD  
32 1 Y 1 A ARG 428 ? NE  ? A ARG 117 NE  
33 1 Y 1 A ARG 428 ? CZ  ? A ARG 117 CZ  
34 1 Y 1 A ARG 428 ? NH1 ? A ARG 117 NH1 
35 1 Y 1 A ARG 428 ? NH2 ? A ARG 117 NH2 
36 1 Y 1 A GLU 442 ? CG  ? A GLU 131 CG  
37 1 Y 1 A GLU 442 ? CD  ? A GLU 131 CD  
38 1 Y 1 A GLU 442 ? OE1 ? A GLU 131 OE1 
39 1 Y 1 A GLU 442 ? OE2 ? A GLU 131 OE2 
40 1 Y 1 A GLN 455 ? CG  ? A GLN 144 CG  
41 1 Y 1 A GLN 455 ? CD  ? A GLN 144 CD  
42 1 Y 1 A GLN 455 ? OE1 ? A GLN 144 OE1 
43 1 Y 1 A GLN 455 ? NE2 ? A GLN 144 NE2 
44 1 Y 1 A GLN 466 ? CG  ? A GLN 155 CG  
45 1 Y 1 A GLN 466 ? CD  ? A GLN 155 CD  
46 1 Y 1 A GLN 466 ? OE1 ? A GLN 155 OE1 
47 1 Y 1 A GLN 466 ? NE2 ? A GLN 155 NE2 
48 1 Y 1 A LYS 467 ? CG  ? A LYS 156 CG  
49 1 Y 1 A LYS 467 ? CD  ? A LYS 156 CD  
50 1 Y 1 A LYS 467 ? CE  ? A LYS 156 CE  
51 1 Y 1 A LYS 467 ? NZ  ? A LYS 156 NZ  
52 1 Y 1 A GLU 479 ? CG  ? A GLU 168 CG  
53 1 Y 1 A GLU 479 ? CD  ? A GLU 168 CD  
54 1 Y 1 A GLU 479 ? OE1 ? A GLU 168 OE1 
55 1 Y 1 A GLU 479 ? OE2 ? A GLU 168 OE2 
56 1 Y 1 A GLU 505 ? CG  ? A GLU 194 CG  
57 1 Y 1 A GLU 505 ? CD  ? A GLU 194 CD  
58 1 Y 1 A GLU 505 ? OE1 ? A GLU 194 OE1 
59 1 Y 1 A GLU 505 ? OE2 ? A GLU 194 OE2 
60 1 Y 1 A GLN 509 ? CG  ? A GLN 198 CG  
61 1 Y 1 A GLN 509 ? CD  ? A GLN 198 CD  
62 1 Y 1 A GLN 509 ? OE1 ? A GLN 198 OE1 
63 1 Y 1 A GLN 509 ? NE2 ? A GLN 198 NE2 
# 
loop_
_pdbx_unobs_or_zero_occ_residues.id 
_pdbx_unobs_or_zero_occ_residues.PDB_model_num 
_pdbx_unobs_or_zero_occ_residues.polymer_flag 
_pdbx_unobs_or_zero_occ_residues.occupancy_flag 
_pdbx_unobs_or_zero_occ_residues.auth_asym_id 
_pdbx_unobs_or_zero_occ_residues.auth_comp_id 
_pdbx_unobs_or_zero_occ_residues.auth_seq_id 
_pdbx_unobs_or_zero_occ_residues.PDB_ins_code 
_pdbx_unobs_or_zero_occ_residues.label_asym_id 
_pdbx_unobs_or_zero_occ_residues.label_comp_id 
_pdbx_unobs_or_zero_occ_residues.label_seq_id 
1  1 Y 1 A GLY 312 ? A GLY 1   
2  1 Y 1 A PRO 313 ? A PRO 2   
3  1 Y 1 A GLY 314 ? A GLY 3   
4  1 Y 1 A SER 315 ? A SER 4   
5  1 Y 1 A ASP 316 ? A ASP 5   
6  1 Y 1 A GLY 407 ? A GLY 96  
7  1 Y 1 A ASN 408 ? A ASN 97  
8  1 Y 1 A ASN 483 ? A ASN 172 
9  1 Y 1 A SER 484 ? A SER 173 
10 1 Y 1 A ALA 485 ? A ALA 174 
11 1 Y 1 A SER 486 ? A SER 175 
12 1 Y 1 A ALA 487 ? A ALA 176 
13 1 Y 1 A ASP 488 ? A ASP 177 
14 1 Y 1 A LEU 489 ? A LEU 178 
15 1 Y 1 A GLU 490 ? A GLU 179 
16 1 Y 1 A ILE 491 ? A ILE 180 
17 1 Y 1 A GLY 492 ? A GLY 181 
18 1 Y 1 A GLU 493 ? A GLU 182 
19 1 Y 1 A GLN 494 ? A GLN 183 
20 1 Y 1 A THR 495 ? A THR 184 
21 1 Y 1 A HIS 496 ? A HIS 185 
# 
loop_
_chem_comp_atom.comp_id 
_chem_comp_atom.atom_id 
_chem_comp_atom.type_symbol 
_chem_comp_atom.pdbx_aromatic_flag 
_chem_comp_atom.pdbx_stereo_config 
_chem_comp_atom.pdbx_ordinal 
ALA N    N  N N 1   
ALA CA   C  N S 2   
ALA C    C  N N 3   
ALA O    O  N N 4   
ALA CB   C  N N 5   
ALA OXT  O  N N 6   
ALA H    H  N N 7   
ALA H2   H  N N 8   
ALA HA   H  N N 9   
ALA HB1  H  N N 10  
ALA HB2  H  N N 11  
ALA HB3  H  N N 12  
ALA HXT  H  N N 13  
ARG N    N  N N 14  
ARG CA   C  N S 15  
ARG C    C  N N 16  
ARG O    O  N N 17  
ARG CB   C  N N 18  
ARG CG   C  N N 19  
ARG CD   C  N N 20  
ARG NE   N  N N 21  
ARG CZ   C  N N 22  
ARG NH1  N  N N 23  
ARG NH2  N  N N 24  
ARG OXT  O  N N 25  
ARG H    H  N N 26  
ARG H2   H  N N 27  
ARG HA   H  N N 28  
ARG HB2  H  N N 29  
ARG HB3  H  N N 30  
ARG HG2  H  N N 31  
ARG HG3  H  N N 32  
ARG HD2  H  N N 33  
ARG HD3  H  N N 34  
ARG HE   H  N N 35  
ARG HH11 H  N N 36  
ARG HH12 H  N N 37  
ARG HH21 H  N N 38  
ARG HH22 H  N N 39  
ARG HXT  H  N N 40  
ASN N    N  N N 41  
ASN CA   C  N S 42  
ASN C    C  N N 43  
ASN O    O  N N 44  
ASN CB   C  N N 45  
ASN CG   C  N N 46  
ASN OD1  O  N N 47  
ASN ND2  N  N N 48  
ASN OXT  O  N N 49  
ASN H    H  N N 50  
ASN H2   H  N N 51  
ASN HA   H  N N 52  
ASN HB2  H  N N 53  
ASN HB3  H  N N 54  
ASN HD21 H  N N 55  
ASN HD22 H  N N 56  
ASN HXT  H  N N 57  
ASP N    N  N N 58  
ASP CA   C  N S 59  
ASP C    C  N N 60  
ASP O    O  N N 61  
ASP CB   C  N N 62  
ASP CG   C  N N 63  
ASP OD1  O  N N 64  
ASP OD2  O  N N 65  
ASP OXT  O  N N 66  
ASP H    H  N N 67  
ASP H2   H  N N 68  
ASP HA   H  N N 69  
ASP HB2  H  N N 70  
ASP HB3  H  N N 71  
ASP HD2  H  N N 72  
ASP HXT  H  N N 73  
CYS N    N  N N 74  
CYS CA   C  N R 75  
CYS C    C  N N 76  
CYS O    O  N N 77  
CYS CB   C  N N 78  
CYS SG   S  N N 79  
CYS OXT  O  N N 80  
CYS H    H  N N 81  
CYS H2   H  N N 82  
CYS HA   H  N N 83  
CYS HB2  H  N N 84  
CYS HB3  H  N N 85  
CYS HG   H  N N 86  
CYS HXT  H  N N 87  
GLN N    N  N N 88  
GLN CA   C  N S 89  
GLN C    C  N N 90  
GLN O    O  N N 91  
GLN CB   C  N N 92  
GLN CG   C  N N 93  
GLN CD   C  N N 94  
GLN OE1  O  N N 95  
GLN NE2  N  N N 96  
GLN OXT  O  N N 97  
GLN H    H  N N 98  
GLN H2   H  N N 99  
GLN HA   H  N N 100 
GLN HB2  H  N N 101 
GLN HB3  H  N N 102 
GLN HG2  H  N N 103 
GLN HG3  H  N N 104 
GLN HE21 H  N N 105 
GLN HE22 H  N N 106 
GLN HXT  H  N N 107 
GLU N    N  N N 108 
GLU CA   C  N S 109 
GLU C    C  N N 110 
GLU O    O  N N 111 
GLU CB   C  N N 112 
GLU CG   C  N N 113 
GLU CD   C  N N 114 
GLU OE1  O  N N 115 
GLU OE2  O  N N 116 
GLU OXT  O  N N 117 
GLU H    H  N N 118 
GLU H2   H  N N 119 
GLU HA   H  N N 120 
GLU HB2  H  N N 121 
GLU HB3  H  N N 122 
GLU HG2  H  N N 123 
GLU HG3  H  N N 124 
GLU HE2  H  N N 125 
GLU HXT  H  N N 126 
GLY N    N  N N 127 
GLY CA   C  N N 128 
GLY C    C  N N 129 
GLY O    O  N N 130 
GLY OXT  O  N N 131 
GLY H    H  N N 132 
GLY H2   H  N N 133 
GLY HA2  H  N N 134 
GLY HA3  H  N N 135 
GLY HXT  H  N N 136 
GOL C1   C  N N 137 
GOL O1   O  N N 138 
GOL C2   C  N N 139 
GOL O2   O  N N 140 
GOL C3   C  N N 141 
GOL O3   O  N N 142 
GOL H11  H  N N 143 
GOL H12  H  N N 144 
GOL HO1  H  N N 145 
GOL H2   H  N N 146 
GOL HO2  H  N N 147 
GOL H31  H  N N 148 
GOL H32  H  N N 149 
GOL HO3  H  N N 150 
HIS N    N  N N 151 
HIS CA   C  N S 152 
HIS C    C  N N 153 
HIS O    O  N N 154 
HIS CB   C  N N 155 
HIS CG   C  Y N 156 
HIS ND1  N  Y N 157 
HIS CD2  C  Y N 158 
HIS CE1  C  Y N 159 
HIS NE2  N  Y N 160 
HIS OXT  O  N N 161 
HIS H    H  N N 162 
HIS H2   H  N N 163 
HIS HA   H  N N 164 
HIS HB2  H  N N 165 
HIS HB3  H  N N 166 
HIS HD1  H  N N 167 
HIS HD2  H  N N 168 
HIS HE1  H  N N 169 
HIS HE2  H  N N 170 
HIS HXT  H  N N 171 
HOH O    O  N N 172 
HOH H1   H  N N 173 
HOH H2   H  N N 174 
ILE N    N  N N 175 
ILE CA   C  N S 176 
ILE C    C  N N 177 
ILE O    O  N N 178 
ILE CB   C  N S 179 
ILE CG1  C  N N 180 
ILE CG2  C  N N 181 
ILE CD1  C  N N 182 
ILE OXT  O  N N 183 
ILE H    H  N N 184 
ILE H2   H  N N 185 
ILE HA   H  N N 186 
ILE HB   H  N N 187 
ILE HG12 H  N N 188 
ILE HG13 H  N N 189 
ILE HG21 H  N N 190 
ILE HG22 H  N N 191 
ILE HG23 H  N N 192 
ILE HD11 H  N N 193 
ILE HD12 H  N N 194 
ILE HD13 H  N N 195 
ILE HXT  H  N N 196 
LEU N    N  N N 197 
LEU CA   C  N S 198 
LEU C    C  N N 199 
LEU O    O  N N 200 
LEU CB   C  N N 201 
LEU CG   C  N N 202 
LEU CD1  C  N N 203 
LEU CD2  C  N N 204 
LEU OXT  O  N N 205 
LEU H    H  N N 206 
LEU H2   H  N N 207 
LEU HA   H  N N 208 
LEU HB2  H  N N 209 
LEU HB3  H  N N 210 
LEU HG   H  N N 211 
LEU HD11 H  N N 212 
LEU HD12 H  N N 213 
LEU HD13 H  N N 214 
LEU HD21 H  N N 215 
LEU HD22 H  N N 216 
LEU HD23 H  N N 217 
LEU HXT  H  N N 218 
LYS N    N  N N 219 
LYS CA   C  N S 220 
LYS C    C  N N 221 
LYS O    O  N N 222 
LYS CB   C  N N 223 
LYS CG   C  N N 224 
LYS CD   C  N N 225 
LYS CE   C  N N 226 
LYS NZ   N  N N 227 
LYS OXT  O  N N 228 
LYS H    H  N N 229 
LYS H2   H  N N 230 
LYS HA   H  N N 231 
LYS HB2  H  N N 232 
LYS HB3  H  N N 233 
LYS HG2  H  N N 234 
LYS HG3  H  N N 235 
LYS HD2  H  N N 236 
LYS HD3  H  N N 237 
LYS HE2  H  N N 238 
LYS HE3  H  N N 239 
LYS HZ1  H  N N 240 
LYS HZ2  H  N N 241 
LYS HZ3  H  N N 242 
LYS HXT  H  N N 243 
MET N    N  N N 244 
MET CA   C  N S 245 
MET C    C  N N 246 
MET O    O  N N 247 
MET CB   C  N N 248 
MET CG   C  N N 249 
MET SD   S  N N 250 
MET CE   C  N N 251 
MET OXT  O  N N 252 
MET H    H  N N 253 
MET H2   H  N N 254 
MET HA   H  N N 255 
MET HB2  H  N N 256 
MET HB3  H  N N 257 
MET HG2  H  N N 258 
MET HG3  H  N N 259 
MET HE1  H  N N 260 
MET HE2  H  N N 261 
MET HE3  H  N N 262 
MET HXT  H  N N 263 
MPD C1   C  N N 264 
MPD C2   C  N N 265 
MPD O2   O  N N 266 
MPD CM   C  N N 267 
MPD C3   C  N N 268 
MPD C4   C  N S 269 
MPD O4   O  N N 270 
MPD C5   C  N N 271 
MPD H11  H  N N 272 
MPD H12  H  N N 273 
MPD H13  H  N N 274 
MPD HO2  H  N N 275 
MPD HM1  H  N N 276 
MPD HM2  H  N N 277 
MPD HM3  H  N N 278 
MPD H31  H  N N 279 
MPD H32  H  N N 280 
MPD H4   H  N N 281 
MPD HO4  H  N N 282 
MPD H51  H  N N 283 
MPD H52  H  N N 284 
MPD H53  H  N N 285 
PHE N    N  N N 286 
PHE CA   C  N S 287 
PHE C    C  N N 288 
PHE O    O  N N 289 
PHE CB   C  N N 290 
PHE CG   C  Y N 291 
PHE CD1  C  Y N 292 
PHE CD2  C  Y N 293 
PHE CE1  C  Y N 294 
PHE CE2  C  Y N 295 
PHE CZ   C  Y N 296 
PHE OXT  O  N N 297 
PHE H    H  N N 298 
PHE H2   H  N N 299 
PHE HA   H  N N 300 
PHE HB2  H  N N 301 
PHE HB3  H  N N 302 
PHE HD1  H  N N 303 
PHE HD2  H  N N 304 
PHE HE1  H  N N 305 
PHE HE2  H  N N 306 
PHE HZ   H  N N 307 
PHE HXT  H  N N 308 
PRO N    N  N N 309 
PRO CA   C  N S 310 
PRO C    C  N N 311 
PRO O    O  N N 312 
PRO CB   C  N N 313 
PRO CG   C  N N 314 
PRO CD   C  N N 315 
PRO OXT  O  N N 316 
PRO H    H  N N 317 
PRO HA   H  N N 318 
PRO HB2  H  N N 319 
PRO HB3  H  N N 320 
PRO HG2  H  N N 321 
PRO HG3  H  N N 322 
PRO HD2  H  N N 323 
PRO HD3  H  N N 324 
PRO HXT  H  N N 325 
SER N    N  N N 326 
SER CA   C  N S 327 
SER C    C  N N 328 
SER O    O  N N 329 
SER CB   C  N N 330 
SER OG   O  N N 331 
SER OXT  O  N N 332 
SER H    H  N N 333 
SER H2   H  N N 334 
SER HA   H  N N 335 
SER HB2  H  N N 336 
SER HB3  H  N N 337 
SER HG   H  N N 338 
SER HXT  H  N N 339 
SF4 FE1  FE N N 340 
SF4 FE2  FE N N 341 
SF4 FE3  FE N N 342 
SF4 FE4  FE N N 343 
SF4 S1   S  N N 344 
SF4 S2   S  N N 345 
SF4 S3   S  N N 346 
SF4 S4   S  N N 347 
THR N    N  N N 348 
THR CA   C  N S 349 
THR C    C  N N 350 
THR O    O  N N 351 
THR CB   C  N R 352 
THR OG1  O  N N 353 
THR CG2  C  N N 354 
THR OXT  O  N N 355 
THR H    H  N N 356 
THR H2   H  N N 357 
THR HA   H  N N 358 
THR HB   H  N N 359 
THR HG1  H  N N 360 
THR HG21 H  N N 361 
THR HG22 H  N N 362 
THR HG23 H  N N 363 
THR HXT  H  N N 364 
TRP N    N  N N 365 
TRP CA   C  N S 366 
TRP C    C  N N 367 
TRP O    O  N N 368 
TRP CB   C  N N 369 
TRP CG   C  Y N 370 
TRP CD1  C  Y N 371 
TRP CD2  C  Y N 372 
TRP NE1  N  Y N 373 
TRP CE2  C  Y N 374 
TRP CE3  C  Y N 375 
TRP CZ2  C  Y N 376 
TRP CZ3  C  Y N 377 
TRP CH2  C  Y N 378 
TRP OXT  O  N N 379 
TRP H    H  N N 380 
TRP H2   H  N N 381 
TRP HA   H  N N 382 
TRP HB2  H  N N 383 
TRP HB3  H  N N 384 
TRP HD1  H  N N 385 
TRP HE1  H  N N 386 
TRP HE3  H  N N 387 
TRP HZ2  H  N N 388 
TRP HZ3  H  N N 389 
TRP HH2  H  N N 390 
TRP HXT  H  N N 391 
TYR N    N  N N 392 
TYR CA   C  N S 393 
TYR C    C  N N 394 
TYR O    O  N N 395 
TYR CB   C  N N 396 
TYR CG   C  Y N 397 
TYR CD1  C  Y N 398 
TYR CD2  C  Y N 399 
TYR CE1  C  Y N 400 
TYR CE2  C  Y N 401 
TYR CZ   C  Y N 402 
TYR OH   O  N N 403 
TYR OXT  O  N N 404 
TYR H    H  N N 405 
TYR H2   H  N N 406 
TYR HA   H  N N 407 
TYR HB2  H  N N 408 
TYR HB3  H  N N 409 
TYR HD1  H  N N 410 
TYR HD2  H  N N 411 
TYR HE1  H  N N 412 
TYR HE2  H  N N 413 
TYR HH   H  N N 414 
TYR HXT  H  N N 415 
VAL N    N  N N 416 
VAL CA   C  N S 417 
VAL C    C  N N 418 
VAL O    O  N N 419 
VAL CB   C  N N 420 
VAL CG1  C  N N 421 
VAL CG2  C  N N 422 
VAL OXT  O  N N 423 
VAL H    H  N N 424 
VAL H2   H  N N 425 
VAL HA   H  N N 426 
VAL HB   H  N N 427 
VAL HG11 H  N N 428 
VAL HG12 H  N N 429 
VAL HG13 H  N N 430 
VAL HG21 H  N N 431 
VAL HG22 H  N N 432 
VAL HG23 H  N N 433 
VAL HXT  H  N N 434 
# 
loop_
_chem_comp_bond.comp_id 
_chem_comp_bond.atom_id_1 
_chem_comp_bond.atom_id_2 
_chem_comp_bond.value_order 
_chem_comp_bond.pdbx_aromatic_flag 
_chem_comp_bond.pdbx_stereo_config 
_chem_comp_bond.pdbx_ordinal 
ALA N   CA   sing N N 1   
ALA N   H    sing N N 2   
ALA N   H2   sing N N 3   
ALA CA  C    sing N N 4   
ALA CA  CB   sing N N 5   
ALA CA  HA   sing N N 6   
ALA C   O    doub N N 7   
ALA C   OXT  sing N N 8   
ALA CB  HB1  sing N N 9   
ALA CB  HB2  sing N N 10  
ALA CB  HB3  sing N N 11  
ALA OXT HXT  sing N N 12  
ARG N   CA   sing N N 13  
ARG N   H    sing N N 14  
ARG N   H2   sing N N 15  
ARG CA  C    sing N N 16  
ARG CA  CB   sing N N 17  
ARG CA  HA   sing N N 18  
ARG C   O    doub N N 19  
ARG C   OXT  sing N N 20  
ARG CB  CG   sing N N 21  
ARG CB  HB2  sing N N 22  
ARG CB  HB3  sing N N 23  
ARG CG  CD   sing N N 24  
ARG CG  HG2  sing N N 25  
ARG CG  HG3  sing N N 26  
ARG CD  NE   sing N N 27  
ARG CD  HD2  sing N N 28  
ARG CD  HD3  sing N N 29  
ARG NE  CZ   sing N N 30  
ARG NE  HE   sing N N 31  
ARG CZ  NH1  sing N N 32  
ARG CZ  NH2  doub N N 33  
ARG NH1 HH11 sing N N 34  
ARG NH1 HH12 sing N N 35  
ARG NH2 HH21 sing N N 36  
ARG NH2 HH22 sing N N 37  
ARG OXT HXT  sing N N 38  
ASN N   CA   sing N N 39  
ASN N   H    sing N N 40  
ASN N   H2   sing N N 41  
ASN CA  C    sing N N 42  
ASN CA  CB   sing N N 43  
ASN CA  HA   sing N N 44  
ASN C   O    doub N N 45  
ASN C   OXT  sing N N 46  
ASN CB  CG   sing N N 47  
ASN CB  HB2  sing N N 48  
ASN CB  HB3  sing N N 49  
ASN CG  OD1  doub N N 50  
ASN CG  ND2  sing N N 51  
ASN ND2 HD21 sing N N 52  
ASN ND2 HD22 sing N N 53  
ASN OXT HXT  sing N N 54  
ASP N   CA   sing N N 55  
ASP N   H    sing N N 56  
ASP N   H2   sing N N 57  
ASP CA  C    sing N N 58  
ASP CA  CB   sing N N 59  
ASP CA  HA   sing N N 60  
ASP C   O    doub N N 61  
ASP C   OXT  sing N N 62  
ASP CB  CG   sing N N 63  
ASP CB  HB2  sing N N 64  
ASP CB  HB3  sing N N 65  
ASP CG  OD1  doub N N 66  
ASP CG  OD2  sing N N 67  
ASP OD2 HD2  sing N N 68  
ASP OXT HXT  sing N N 69  
CYS N   CA   sing N N 70  
CYS N   H    sing N N 71  
CYS N   H2   sing N N 72  
CYS CA  C    sing N N 73  
CYS CA  CB   sing N N 74  
CYS CA  HA   sing N N 75  
CYS C   O    doub N N 76  
CYS C   OXT  sing N N 77  
CYS CB  SG   sing N N 78  
CYS CB  HB2  sing N N 79  
CYS CB  HB3  sing N N 80  
CYS SG  HG   sing N N 81  
CYS OXT HXT  sing N N 82  
GLN N   CA   sing N N 83  
GLN N   H    sing N N 84  
GLN N   H2   sing N N 85  
GLN CA  C    sing N N 86  
GLN CA  CB   sing N N 87  
GLN CA  HA   sing N N 88  
GLN C   O    doub N N 89  
GLN C   OXT  sing N N 90  
GLN CB  CG   sing N N 91  
GLN CB  HB2  sing N N 92  
GLN CB  HB3  sing N N 93  
GLN CG  CD   sing N N 94  
GLN CG  HG2  sing N N 95  
GLN CG  HG3  sing N N 96  
GLN CD  OE1  doub N N 97  
GLN CD  NE2  sing N N 98  
GLN NE2 HE21 sing N N 99  
GLN NE2 HE22 sing N N 100 
GLN OXT HXT  sing N N 101 
GLU N   CA   sing N N 102 
GLU N   H    sing N N 103 
GLU N   H2   sing N N 104 
GLU CA  C    sing N N 105 
GLU CA  CB   sing N N 106 
GLU CA  HA   sing N N 107 
GLU C   O    doub N N 108 
GLU C   OXT  sing N N 109 
GLU CB  CG   sing N N 110 
GLU CB  HB2  sing N N 111 
GLU CB  HB3  sing N N 112 
GLU CG  CD   sing N N 113 
GLU CG  HG2  sing N N 114 
GLU CG  HG3  sing N N 115 
GLU CD  OE1  doub N N 116 
GLU CD  OE2  sing N N 117 
GLU OE2 HE2  sing N N 118 
GLU OXT HXT  sing N N 119 
GLY N   CA   sing N N 120 
GLY N   H    sing N N 121 
GLY N   H2   sing N N 122 
GLY CA  C    sing N N 123 
GLY CA  HA2  sing N N 124 
GLY CA  HA3  sing N N 125 
GLY C   O    doub N N 126 
GLY C   OXT  sing N N 127 
GLY OXT HXT  sing N N 128 
GOL C1  O1   sing N N 129 
GOL C1  C2   sing N N 130 
GOL C1  H11  sing N N 131 
GOL C1  H12  sing N N 132 
GOL O1  HO1  sing N N 133 
GOL C2  O2   sing N N 134 
GOL C2  C3   sing N N 135 
GOL C2  H2   sing N N 136 
GOL O2  HO2  sing N N 137 
GOL C3  O3   sing N N 138 
GOL C3  H31  sing N N 139 
GOL C3  H32  sing N N 140 
GOL O3  HO3  sing N N 141 
HIS N   CA   sing N N 142 
HIS N   H    sing N N 143 
HIS N   H2   sing N N 144 
HIS CA  C    sing N N 145 
HIS CA  CB   sing N N 146 
HIS CA  HA   sing N N 147 
HIS C   O    doub N N 148 
HIS C   OXT  sing N N 149 
HIS CB  CG   sing N N 150 
HIS CB  HB2  sing N N 151 
HIS CB  HB3  sing N N 152 
HIS CG  ND1  sing Y N 153 
HIS CG  CD2  doub Y N 154 
HIS ND1 CE1  doub Y N 155 
HIS ND1 HD1  sing N N 156 
HIS CD2 NE2  sing Y N 157 
HIS CD2 HD2  sing N N 158 
HIS CE1 NE2  sing Y N 159 
HIS CE1 HE1  sing N N 160 
HIS NE2 HE2  sing N N 161 
HIS OXT HXT  sing N N 162 
HOH O   H1   sing N N 163 
HOH O   H2   sing N N 164 
ILE N   CA   sing N N 165 
ILE N   H    sing N N 166 
ILE N   H2   sing N N 167 
ILE CA  C    sing N N 168 
ILE CA  CB   sing N N 169 
ILE CA  HA   sing N N 170 
ILE C   O    doub N N 171 
ILE C   OXT  sing N N 172 
ILE CB  CG1  sing N N 173 
ILE CB  CG2  sing N N 174 
ILE CB  HB   sing N N 175 
ILE CG1 CD1  sing N N 176 
ILE CG1 HG12 sing N N 177 
ILE CG1 HG13 sing N N 178 
ILE CG2 HG21 sing N N 179 
ILE CG2 HG22 sing N N 180 
ILE CG2 HG23 sing N N 181 
ILE CD1 HD11 sing N N 182 
ILE CD1 HD12 sing N N 183 
ILE CD1 HD13 sing N N 184 
ILE OXT HXT  sing N N 185 
LEU N   CA   sing N N 186 
LEU N   H    sing N N 187 
LEU N   H2   sing N N 188 
LEU CA  C    sing N N 189 
LEU CA  CB   sing N N 190 
LEU CA  HA   sing N N 191 
LEU C   O    doub N N 192 
LEU C   OXT  sing N N 193 
LEU CB  CG   sing N N 194 
LEU CB  HB2  sing N N 195 
LEU CB  HB3  sing N N 196 
LEU CG  CD1  sing N N 197 
LEU CG  CD2  sing N N 198 
LEU CG  HG   sing N N 199 
LEU CD1 HD11 sing N N 200 
LEU CD1 HD12 sing N N 201 
LEU CD1 HD13 sing N N 202 
LEU CD2 HD21 sing N N 203 
LEU CD2 HD22 sing N N 204 
LEU CD2 HD23 sing N N 205 
LEU OXT HXT  sing N N 206 
LYS N   CA   sing N N 207 
LYS N   H    sing N N 208 
LYS N   H2   sing N N 209 
LYS CA  C    sing N N 210 
LYS CA  CB   sing N N 211 
LYS CA  HA   sing N N 212 
LYS C   O    doub N N 213 
LYS C   OXT  sing N N 214 
LYS CB  CG   sing N N 215 
LYS CB  HB2  sing N N 216 
LYS CB  HB3  sing N N 217 
LYS CG  CD   sing N N 218 
LYS CG  HG2  sing N N 219 
LYS CG  HG3  sing N N 220 
LYS CD  CE   sing N N 221 
LYS CD  HD2  sing N N 222 
LYS CD  HD3  sing N N 223 
LYS CE  NZ   sing N N 224 
LYS CE  HE2  sing N N 225 
LYS CE  HE3  sing N N 226 
LYS NZ  HZ1  sing N N 227 
LYS NZ  HZ2  sing N N 228 
LYS NZ  HZ3  sing N N 229 
LYS OXT HXT  sing N N 230 
MET N   CA   sing N N 231 
MET N   H    sing N N 232 
MET N   H2   sing N N 233 
MET CA  C    sing N N 234 
MET CA  CB   sing N N 235 
MET CA  HA   sing N N 236 
MET C   O    doub N N 237 
MET C   OXT  sing N N 238 
MET CB  CG   sing N N 239 
MET CB  HB2  sing N N 240 
MET CB  HB3  sing N N 241 
MET CG  SD   sing N N 242 
MET CG  HG2  sing N N 243 
MET CG  HG3  sing N N 244 
MET SD  CE   sing N N 245 
MET CE  HE1  sing N N 246 
MET CE  HE2  sing N N 247 
MET CE  HE3  sing N N 248 
MET OXT HXT  sing N N 249 
MPD C1  C2   sing N N 250 
MPD C1  H11  sing N N 251 
MPD C1  H12  sing N N 252 
MPD C1  H13  sing N N 253 
MPD C2  O2   sing N N 254 
MPD C2  CM   sing N N 255 
MPD C2  C3   sing N N 256 
MPD O2  HO2  sing N N 257 
MPD CM  HM1  sing N N 258 
MPD CM  HM2  sing N N 259 
MPD CM  HM3  sing N N 260 
MPD C3  C4   sing N N 261 
MPD C3  H31  sing N N 262 
MPD C3  H32  sing N N 263 
MPD C4  O4   sing N N 264 
MPD C4  C5   sing N N 265 
MPD C4  H4   sing N N 266 
MPD O4  HO4  sing N N 267 
MPD C5  H51  sing N N 268 
MPD C5  H52  sing N N 269 
MPD C5  H53  sing N N 270 
PHE N   CA   sing N N 271 
PHE N   H    sing N N 272 
PHE N   H2   sing N N 273 
PHE CA  C    sing N N 274 
PHE CA  CB   sing N N 275 
PHE CA  HA   sing N N 276 
PHE C   O    doub N N 277 
PHE C   OXT  sing N N 278 
PHE CB  CG   sing N N 279 
PHE CB  HB2  sing N N 280 
PHE CB  HB3  sing N N 281 
PHE CG  CD1  doub Y N 282 
PHE CG  CD2  sing Y N 283 
PHE CD1 CE1  sing Y N 284 
PHE CD1 HD1  sing N N 285 
PHE CD2 CE2  doub Y N 286 
PHE CD2 HD2  sing N N 287 
PHE CE1 CZ   doub Y N 288 
PHE CE1 HE1  sing N N 289 
PHE CE2 CZ   sing Y N 290 
PHE CE2 HE2  sing N N 291 
PHE CZ  HZ   sing N N 292 
PHE OXT HXT  sing N N 293 
PRO N   CA   sing N N 294 
PRO N   CD   sing N N 295 
PRO N   H    sing N N 296 
PRO CA  C    sing N N 297 
PRO CA  CB   sing N N 298 
PRO CA  HA   sing N N 299 
PRO C   O    doub N N 300 
PRO C   OXT  sing N N 301 
PRO CB  CG   sing N N 302 
PRO CB  HB2  sing N N 303 
PRO CB  HB3  sing N N 304 
PRO CG  CD   sing N N 305 
PRO CG  HG2  sing N N 306 
PRO CG  HG3  sing N N 307 
PRO CD  HD2  sing N N 308 
PRO CD  HD3  sing N N 309 
PRO OXT HXT  sing N N 310 
SER N   CA   sing N N 311 
SER N   H    sing N N 312 
SER N   H2   sing N N 313 
SER CA  C    sing N N 314 
SER CA  CB   sing N N 315 
SER CA  HA   sing N N 316 
SER C   O    doub N N 317 
SER C   OXT  sing N N 318 
SER CB  OG   sing N N 319 
SER CB  HB2  sing N N 320 
SER CB  HB3  sing N N 321 
SER OG  HG   sing N N 322 
SER OXT HXT  sing N N 323 
SF4 FE1 S2   sing N N 324 
SF4 FE1 S3   sing N N 325 
SF4 FE1 S4   sing N N 326 
SF4 FE2 S1   sing N N 327 
SF4 FE2 S3   sing N N 328 
SF4 FE2 S4   sing N N 329 
SF4 FE3 S1   sing N N 330 
SF4 FE3 S2   sing N N 331 
SF4 FE3 S4   sing N N 332 
SF4 FE4 S1   sing N N 333 
SF4 FE4 S2   sing N N 334 
SF4 FE4 S3   sing N N 335 
THR N   CA   sing N N 336 
THR N   H    sing N N 337 
THR N   H2   sing N N 338 
THR CA  C    sing N N 339 
THR CA  CB   sing N N 340 
THR CA  HA   sing N N 341 
THR C   O    doub N N 342 
THR C   OXT  sing N N 343 
THR CB  OG1  sing N N 344 
THR CB  CG2  sing N N 345 
THR CB  HB   sing N N 346 
THR OG1 HG1  sing N N 347 
THR CG2 HG21 sing N N 348 
THR CG2 HG22 sing N N 349 
THR CG2 HG23 sing N N 350 
THR OXT HXT  sing N N 351 
TRP N   CA   sing N N 352 
TRP N   H    sing N N 353 
TRP N   H2   sing N N 354 
TRP CA  C    sing N N 355 
TRP CA  CB   sing N N 356 
TRP CA  HA   sing N N 357 
TRP C   O    doub N N 358 
TRP C   OXT  sing N N 359 
TRP CB  CG   sing N N 360 
TRP CB  HB2  sing N N 361 
TRP CB  HB3  sing N N 362 
TRP CG  CD1  doub Y N 363 
TRP CG  CD2  sing Y N 364 
TRP CD1 NE1  sing Y N 365 
TRP CD1 HD1  sing N N 366 
TRP CD2 CE2  doub Y N 367 
TRP CD2 CE3  sing Y N 368 
TRP NE1 CE2  sing Y N 369 
TRP NE1 HE1  sing N N 370 
TRP CE2 CZ2  sing Y N 371 
TRP CE3 CZ3  doub Y N 372 
TRP CE3 HE3  sing N N 373 
TRP CZ2 CH2  doub Y N 374 
TRP CZ2 HZ2  sing N N 375 
TRP CZ3 CH2  sing Y N 376 
TRP CZ3 HZ3  sing N N 377 
TRP CH2 HH2  sing N N 378 
TRP OXT HXT  sing N N 379 
TYR N   CA   sing N N 380 
TYR N   H    sing N N 381 
TYR N   H2   sing N N 382 
TYR CA  C    sing N N 383 
TYR CA  CB   sing N N 384 
TYR CA  HA   sing N N 385 
TYR C   O    doub N N 386 
TYR C   OXT  sing N N 387 
TYR CB  CG   sing N N 388 
TYR CB  HB2  sing N N 389 
TYR CB  HB3  sing N N 390 
TYR CG  CD1  doub Y N 391 
TYR CG  CD2  sing Y N 392 
TYR CD1 CE1  sing Y N 393 
TYR CD1 HD1  sing N N 394 
TYR CD2 CE2  doub Y N 395 
TYR CD2 HD2  sing N N 396 
TYR CE1 CZ   doub Y N 397 
TYR CE1 HE1  sing N N 398 
TYR CE2 CZ   sing Y N 399 
TYR CE2 HE2  sing N N 400 
TYR CZ  OH   sing N N 401 
TYR OH  HH   sing N N 402 
TYR OXT HXT  sing N N 403 
VAL N   CA   sing N N 404 
VAL N   H    sing N N 405 
VAL N   H2   sing N N 406 
VAL CA  C    sing N N 407 
VAL CA  CB   sing N N 408 
VAL CA  HA   sing N N 409 
VAL C   O    doub N N 410 
VAL C   OXT  sing N N 411 
VAL CB  CG1  sing N N 412 
VAL CB  CG2  sing N N 413 
VAL CB  HB   sing N N 414 
VAL CG1 HG11 sing N N 415 
VAL CG1 HG12 sing N N 416 
VAL CG1 HG13 sing N N 417 
VAL CG2 HG21 sing N N 418 
VAL CG2 HG22 sing N N 419 
VAL CG2 HG23 sing N N 420 
VAL OXT HXT  sing N N 421 
# 
_pdbx_audit_support.funding_organization   
'National Institutes of Health/National Institute of General Medical Sciences (NIH/NIGMS)' 
_pdbx_audit_support.country                'United States' 
_pdbx_audit_support.grant_number           'R35 GM118089' 
_pdbx_audit_support.ordinal                1 
# 
loop_
_pdbx_entity_nonpoly.entity_id 
_pdbx_entity_nonpoly.name 
_pdbx_entity_nonpoly.comp_id 
2 GLYCEROL                        GOL 
3 'IRON/SULFUR CLUSTER'           SF4 
4 '(4S)-2-METHYL-2,4-PENTANEDIOL' MPD 
5 water                           HOH 
# 
_pdbx_initial_refinement_model.id               1 
_pdbx_initial_refinement_model.entity_id_list   ? 
_pdbx_initial_refinement_model.type             'experimental model' 
_pdbx_initial_refinement_model.source_name      PDB 
_pdbx_initial_refinement_model.accession_code   6DTZ 
_pdbx_initial_refinement_model.details          ? 
# 
_pdbx_struct_assembly_auth_evidence.id                     1 
_pdbx_struct_assembly_auth_evidence.assembly_id            1 
_pdbx_struct_assembly_auth_evidence.experimental_support   none 
_pdbx_struct_assembly_auth_evidence.details                ? 
# 
